data_4I3H
#
_entry.id   4I3H
#
_cell.length_a   160.600
_cell.length_b   160.600
_cell.length_c   280.560
_cell.angle_alpha   90.00
_cell.angle_beta   90.00
_cell.angle_gamma   90.00
#
_symmetry.space_group_name_H-M   'P 42 21 2'
#
loop_
_entity.id
_entity.type
_entity.pdbx_description
1 polymer "DNA (5'-D(*CP*AP*AP*AP*GP*GP*CP*GP*GP*TP*AP*AP*TP*AP*CP*GP*GP*TP*TP*AP*TP*CP*CP*AP*CP*AP*GP*AP*AP*TP*CP*AP*GP*G)-3')"
2 polymer "DNA (5'-D(*CP*CP*TP*GP*AP*TP*TP*CP*TP*GP*TP*GP*GP*AP*TP*AP*AP*CP*CP*GP*TP*AP*TP*TP*AP*CP*CP*GP*CP*CP*TP*TP*TP*G)-3')"
3 polymer 'Topoisomerase IV subunit B, DNA topoisomerase 4 subunit A chimera'
4 non-polymer 'MAGNESIUM ION'
5 water water
#
loop_
_entity_poly.entity_id
_entity_poly.type
_entity_poly.pdbx_seq_one_letter_code
_entity_poly.pdbx_strand_id
1 'polydeoxyribonucleotide'
;(DC)(DA)(DA)(DA)(DG)(DG)(DC)(DG)(DG)(DT)(DA)(DA)(DT)(DA)(DC)(DG)(DG)(DT)(DT)(DA)
(DT)(DC)(DC)(DA)(DC)(DA)(DG)(DA)(DA)(DT)(DC)(DA)(DG)(DG)
;
E,G
2 'polydeoxyribonucleotide'
;(DC)(DC)(DT)(DG)(DA)(DT)(DT)(DC)(DT)(DG)(DT)(DG)(DG)(DA)(DT)(DA)(DA)(DC)(DC)(DG)
(DT)(DA)(DT)(DT)(DA)(DC)(DC)(DG)(DC)(DC)(DT)(DT)(DT)(DG)
;
F,H
3 'polypeptide(L)'
;MSKKEININNYNDDAIQVLEGLDAVRKRPGMYIGSTDGAGLHHLVWEIVDNAVDEALSGFGDRIDVTINKDGSLTVQDHG
RGMPTGMHAMGIPTVEVIFTILHAGGKFGQGGYKTSGGLHGVGSSVVNALSSWLEVEITRDGAVYKQRFENGGKPVTTLK
KIGTAPKSKTGTKVTFMPDATIFSTTDFKYNTISERLNESAFLLKNVTLSLTDKRTDEAIEFHYENGVQDFVSYLNEDKE
ILTPVLYFEGEDNGFQVEVALQYNDGFSDNILSFVNNVRTKDGGTHETGLKSAITKVMNDYARKTGLLKEKDKNLEGSDY
REGLAAVLSILVPEEHLQFEGQTKDKLGSPLARPVVDGIVADKLTFFLMENGELASNLIRKAIKARDAREAARKARDESR
NGKKNKKDKGLLSGKLTPAQSKNPAKNELYLVEGDSAGGSAKQGRDRKFQAILPLRGKVINTAKAKMADILKNEEINTMI
YTIGAGVGADFSIEDANYDKIIIMTDADTDGAHIQTLLLTFFYRYMRPLVEAGHVYIALPPLYKMSKGKGKKEEVAYAWT
DGELEELRKQFGKGATLQRYKGLGEMNADQLWETTMNPETRTLIRVTIEDLARAERRVNVLMGDKVEPRRKWIEDNVKFT
LEEATVFHMSNIQNMSLEDIMGERFGRYSKYIIQDRALPDIRDGLKPVQRRILYSMNKDSNTFDKSYRKSAKSVGNIMGN
FHPHGDSSIYDAMVRMSQNWKNREILVEMHGNNGSMDGDPPAAMRYTEARLSEIAGYLLQDIEKKTVPFAWNFDDTEKEP
TVLPAAFPNLLVNGSTGISAGYATDIPPHNLAEVIDAAVYMIDHPTAKIDKLMEFLPGPDFPTGAIIQGRDEIKKAYETG
KGRVVVRSKTEIEKLKGGKEQIVITEIPYEINKANLVKKIDDVRVNNKVAGIAEVRDESDRDGLRIAIELKKDANTELVL
NYLFKYTDLQINYNFNMVAIDNFTPRQVGIVPILSSYIAHRREVILARSRFDKEKAEKRLHIVEGLIRVISILDEVIALI
RASENKADAKENLKVSYDFTEEQAEAIVTLQLYRLTNTDVVVLQEEEAELREKIAMLAAIIGDERTMYNLMKKELREVKK
KFATPRLSSLEDTAKALEHHHHHH
;
A,B
#
# COMPACT_ATOMS: atom_id res chain seq x y z
N ALA C 24 -46.56 -50.41 43.42
CA ALA C 24 -46.43 -51.47 42.42
C ALA C 24 -46.04 -50.88 41.07
N VAL C 25 -46.22 -49.56 40.95
CA VAL C 25 -45.72 -48.81 39.80
C VAL C 25 -44.43 -48.13 40.25
N ARG C 26 -44.30 -48.00 41.57
CA ARG C 26 -43.12 -47.45 42.23
C ARG C 26 -41.86 -48.21 41.80
N LYS C 27 -42.03 -49.50 41.48
CA LYS C 27 -40.92 -50.42 41.22
C LYS C 27 -40.33 -50.34 39.81
N ARG C 28 -41.18 -50.08 38.82
CA ARG C 28 -40.71 -49.88 37.45
C ARG C 28 -41.28 -48.58 36.90
N PRO C 29 -40.81 -47.43 37.45
CA PRO C 29 -41.39 -46.10 37.24
C PRO C 29 -41.27 -45.59 35.79
N GLY C 30 -40.18 -45.96 35.13
CA GLY C 30 -39.96 -45.58 33.75
C GLY C 30 -41.08 -46.05 32.83
N MET C 31 -41.63 -47.22 33.15
CA MET C 31 -42.69 -47.79 32.35
C MET C 31 -43.94 -46.88 32.34
N TYR C 32 -44.23 -46.28 33.49
CA TYR C 32 -45.43 -45.46 33.62
C TYR C 32 -45.18 -44.01 33.23
N ILE C 33 -43.91 -43.61 33.28
CA ILE C 33 -43.54 -42.20 33.14
C ILE C 33 -42.31 -41.93 32.26
N GLY C 34 -41.36 -42.85 32.25
CA GLY C 34 -40.06 -42.62 31.65
C GLY C 34 -39.26 -41.71 32.57
N SER C 35 -38.84 -42.24 33.73
CA SER C 35 -38.15 -41.44 34.75
C SER C 35 -36.99 -40.67 34.13
N THR C 36 -36.68 -39.50 34.72
CA THR C 36 -35.59 -38.66 34.23
C THR C 36 -35.20 -37.63 35.28
N ASP C 37 -34.47 -36.61 34.83
CA ASP C 37 -34.02 -35.53 35.68
C ASP C 37 -33.98 -34.22 34.89
N GLY C 38 -35.12 -33.55 34.80
CA GLY C 38 -36.33 -34.03 35.43
C GLY C 38 -37.45 -34.10 34.43
N ALA C 39 -37.19 -34.74 33.30
CA ALA C 39 -38.20 -34.87 32.28
C ALA C 39 -39.28 -35.82 32.76
N GLY C 40 -38.94 -36.68 33.71
CA GLY C 40 -39.90 -37.59 34.29
C GLY C 40 -40.82 -36.84 35.23
N LEU C 41 -40.20 -36.09 36.13
CA LEU C 41 -40.95 -35.25 37.07
C LEU C 41 -41.89 -34.36 36.28
N HIS C 42 -41.38 -33.76 35.22
CA HIS C 42 -42.22 -32.95 34.38
C HIS C 42 -43.15 -33.77 33.49
N HIS C 43 -43.21 -35.08 33.73
CA HIS C 43 -44.09 -35.92 32.95
C HIS C 43 -45.35 -36.30 33.71
N LEU C 44 -45.25 -36.54 35.03
CA LEU C 44 -46.47 -36.83 35.76
C LEU C 44 -47.32 -35.60 36.02
N VAL C 45 -46.70 -34.43 35.95
CA VAL C 45 -47.50 -33.20 36.06
C VAL C 45 -48.32 -33.06 34.76
N TRP C 46 -47.68 -33.38 33.64
CA TRP C 46 -48.40 -33.44 32.38
C TRP C 46 -49.55 -34.41 32.52
N GLU C 47 -49.29 -35.59 33.08
CA GLU C 47 -50.35 -36.58 33.23
C GLU C 47 -51.54 -36.07 34.07
N ILE C 48 -51.25 -35.41 35.20
CA ILE C 48 -52.32 -34.92 36.09
C ILE C 48 -53.10 -33.77 35.47
N VAL C 49 -52.37 -32.84 34.89
CA VAL C 49 -52.98 -31.68 34.27
C VAL C 49 -53.86 -32.09 33.09
N ASP C 50 -53.35 -32.99 32.25
CA ASP C 50 -54.10 -33.47 31.09
C ASP C 50 -55.26 -34.28 31.59
N ASN C 51 -55.11 -34.90 32.75
CA ASN C 51 -56.23 -35.67 33.29
C ASN C 51 -57.37 -34.79 33.78
N ALA C 52 -57.03 -33.70 34.47
CA ALA C 52 -58.02 -32.78 34.98
C ALA C 52 -58.65 -31.99 33.85
N VAL C 53 -57.88 -31.77 32.78
CA VAL C 53 -58.42 -31.20 31.55
C VAL C 53 -59.46 -32.16 31.01
N ASP C 54 -59.04 -33.40 30.80
CA ASP C 54 -59.92 -34.42 30.26
C ASP C 54 -61.20 -34.47 31.07
N GLU C 55 -61.07 -34.26 32.37
CA GLU C 55 -62.24 -34.29 33.23
C GLU C 55 -63.12 -33.06 33.01
N ALA C 56 -62.51 -31.89 32.86
CA ALA C 56 -63.28 -30.67 32.65
C ALA C 56 -64.00 -30.66 31.32
N LEU C 57 -63.42 -31.30 30.32
CA LEU C 57 -64.00 -31.37 28.98
C LEU C 57 -65.39 -32.04 28.95
N SER C 58 -65.54 -33.10 29.74
CA SER C 58 -66.77 -33.91 29.76
C SER C 58 -67.88 -33.26 30.62
N ASP C 62 -64.06 -26.26 33.61
CA ASP C 62 -63.87 -25.13 32.71
C ASP C 62 -62.77 -24.18 33.18
N ARG C 63 -62.16 -24.48 34.33
CA ARG C 63 -60.97 -23.76 34.79
C ARG C 63 -60.02 -24.66 35.58
N ILE C 64 -58.84 -24.94 35.04
CA ILE C 64 -57.83 -25.71 35.79
C ILE C 64 -56.69 -24.78 36.24
N ASP C 65 -56.39 -24.78 37.54
CA ASP C 65 -55.34 -23.94 38.07
C ASP C 65 -54.22 -24.79 38.64
N VAL C 66 -52.99 -24.54 38.18
CA VAL C 66 -51.83 -25.17 38.80
C VAL C 66 -51.05 -24.18 39.69
N THR C 67 -50.41 -24.74 40.72
CA THR C 67 -49.66 -23.95 41.68
C THR C 67 -48.38 -24.65 42.13
N ILE C 68 -47.24 -23.96 41.98
CA ILE C 68 -46.01 -24.48 42.55
C ILE C 68 -45.94 -23.81 43.89
N ASN C 69 -45.66 -24.58 44.93
CA ASN C 69 -45.69 -24.03 46.29
C ASN C 69 -44.33 -23.64 46.83
N LYS C 70 -44.31 -22.96 47.96
CA LYS C 70 -43.05 -22.65 48.63
C LYS C 70 -42.41 -23.95 49.06
N ASP C 71 -43.26 -24.90 49.47
CA ASP C 71 -42.84 -26.22 49.91
C ASP C 71 -41.95 -26.90 48.88
N GLY C 72 -42.37 -26.82 47.62
CA GLY C 72 -41.74 -27.51 46.51
C GLY C 72 -42.81 -28.33 45.84
N SER C 73 -43.84 -28.65 46.62
CA SER C 73 -45.00 -29.42 46.18
C SER C 73 -45.73 -28.72 45.06
N LEU C 74 -46.57 -29.49 44.38
CA LEU C 74 -47.34 -29.02 43.22
C LEU C 74 -48.80 -29.30 43.43
N THR C 75 -49.65 -28.32 43.14
CA THR C 75 -51.07 -28.53 43.33
C THR C 75 -51.93 -28.11 42.15
N VAL C 76 -52.60 -29.10 41.56
CA VAL C 76 -53.59 -28.88 40.50
C VAL C 76 -55.00 -28.91 41.07
N GLN C 77 -55.80 -27.92 40.74
CA GLN C 77 -57.19 -27.95 41.17
C GLN C 77 -58.10 -27.51 40.03
N ASP C 78 -59.35 -27.96 40.07
CA ASP C 78 -60.33 -27.62 39.04
C ASP C 78 -61.69 -27.11 39.56
N HIS C 79 -62.22 -26.18 38.76
CA HIS C 79 -63.44 -25.40 38.97
C HIS C 79 -64.54 -26.11 39.76
N THR C 94 -67.92 -40.15 40.20
CA THR C 94 -67.21 -39.30 41.14
C THR C 94 -66.01 -38.62 40.48
N VAL C 95 -66.15 -37.32 40.19
CA VAL C 95 -65.11 -36.52 39.53
C VAL C 95 -63.76 -36.77 40.17
N GLU C 96 -63.77 -37.05 41.48
CA GLU C 96 -62.52 -37.17 42.25
C GLU C 96 -61.57 -38.24 41.76
N VAL C 97 -61.98 -39.50 41.79
CA VAL C 97 -61.01 -40.52 41.41
C VAL C 97 -60.87 -40.67 39.92
N ILE C 98 -61.92 -40.33 39.16
CA ILE C 98 -61.74 -40.27 37.72
C ILE C 98 -60.68 -39.21 37.42
N PHE C 99 -60.58 -38.23 38.32
CA PHE C 99 -59.53 -37.21 38.30
C PHE C 99 -58.18 -37.82 38.70
N THR C 100 -57.99 -38.28 39.93
CA THR C 100 -56.64 -38.74 40.27
C THR C 100 -56.10 -39.95 39.48
N ILE C 101 -56.86 -40.50 38.52
CA ILE C 101 -56.27 -41.53 37.65
C ILE C 101 -55.40 -40.86 36.57
N LEU C 102 -54.17 -41.32 36.42
CA LEU C 102 -53.31 -40.77 35.35
C LEU C 102 -52.42 -41.83 34.69
N HIS C 103 -51.47 -41.35 33.90
CA HIS C 103 -51.08 -41.98 32.65
C HIS C 103 -52.37 -41.77 31.82
N ALA C 104 -52.43 -40.66 31.09
CA ALA C 104 -53.70 -40.08 30.65
C ALA C 104 -53.67 -39.50 29.25
N GLY C 105 -52.69 -39.91 28.44
CA GLY C 105 -52.49 -39.33 27.13
C GLY C 105 -53.69 -39.30 26.18
N GLY C 106 -54.74 -38.61 26.59
CA GLY C 106 -55.87 -38.47 25.69
C GLY C 106 -56.56 -37.15 25.88
N LYS C 107 -57.60 -36.94 25.07
CA LYS C 107 -58.51 -35.80 25.25
C LYS C 107 -59.84 -36.01 24.54
N PHE C 108 -60.11 -35.20 23.51
CA PHE C 108 -61.35 -35.29 22.73
C PHE C 108 -62.62 -35.06 23.58
N LEU C 119 -61.96 -41.78 47.20
CA LEU C 119 -61.67 -43.04 47.89
C LEU C 119 -61.73 -44.31 47.00
N HIS C 120 -62.78 -44.43 46.19
CA HIS C 120 -63.11 -45.65 45.42
C HIS C 120 -61.93 -46.36 44.76
N GLY C 121 -61.36 -45.75 43.72
CA GLY C 121 -60.20 -46.29 43.04
C GLY C 121 -58.92 -46.22 43.88
N VAL C 122 -58.07 -45.24 43.56
CA VAL C 122 -56.76 -45.01 44.23
C VAL C 122 -55.81 -46.21 44.18
N GLY C 123 -56.27 -47.28 43.54
CA GLY C 123 -55.42 -48.39 43.16
C GLY C 123 -54.73 -47.97 41.88
N SER C 124 -53.44 -47.65 42.02
CA SER C 124 -52.62 -47.16 40.92
C SER C 124 -53.06 -45.79 40.39
N SER C 125 -52.91 -44.78 41.23
CA SER C 125 -52.82 -43.42 40.78
C SER C 125 -51.33 -43.25 40.67
N VAL C 126 -50.81 -43.14 39.45
CA VAL C 126 -49.35 -43.17 39.27
C VAL C 126 -48.62 -42.03 39.99
N VAL C 127 -49.35 -40.99 40.37
CA VAL C 127 -48.76 -39.97 41.24
C VAL C 127 -48.72 -40.41 42.70
N ASN C 128 -49.85 -40.91 43.18
CA ASN C 128 -49.98 -41.36 44.56
C ASN C 128 -48.85 -42.31 44.90
N ALA C 129 -48.55 -43.17 43.93
CA ALA C 129 -47.46 -44.13 44.03
C ALA C 129 -46.10 -43.44 44.05
N LEU C 130 -45.99 -42.31 43.37
CA LEU C 130 -44.72 -41.64 43.20
C LEU C 130 -44.60 -40.34 44.01
N SER C 131 -45.31 -40.24 45.12
CA SER C 131 -45.32 -39.00 45.89
C SER C 131 -44.93 -39.22 47.33
N SER C 132 -44.16 -38.28 47.90
CA SER C 132 -43.85 -38.32 49.33
C SER C 132 -45.15 -38.36 50.09
N TRP C 133 -45.81 -37.22 50.18
CA TRP C 133 -47.20 -37.21 50.61
C TRP C 133 -48.06 -36.72 49.47
N LEU C 134 -49.34 -37.02 49.54
CA LEU C 134 -50.30 -36.43 48.63
C LEU C 134 -51.57 -36.15 49.40
N GLU C 135 -51.98 -34.90 49.39
CA GLU C 135 -53.21 -34.49 50.04
C GLU C 135 -54.20 -34.26 48.91
N VAL C 136 -55.42 -34.72 49.14
CA VAL C 136 -56.51 -34.59 48.17
C VAL C 136 -57.77 -34.03 48.87
N GLU C 137 -58.53 -33.22 48.14
CA GLU C 137 -59.70 -32.56 48.73
C GLU C 137 -60.80 -32.31 47.69
N ILE C 138 -62.05 -32.65 48.05
CA ILE C 138 -63.22 -32.43 47.20
C ILE C 138 -64.24 -31.57 47.90
N THR C 139 -64.74 -30.56 47.20
CA THR C 139 -65.87 -29.78 47.67
C THR C 139 -67.09 -30.14 46.82
N ARG C 140 -68.08 -30.80 47.44
CA ARG C 140 -69.24 -31.30 46.70
C ARG C 140 -70.49 -31.42 47.56
N ASP C 141 -71.63 -31.05 46.98
CA ASP C 141 -72.97 -31.16 47.60
C ASP C 141 -73.27 -30.16 48.74
N GLY C 142 -72.23 -29.68 49.43
CA GLY C 142 -72.43 -28.78 50.54
C GLY C 142 -71.50 -29.05 51.69
N ALA C 143 -70.50 -29.88 51.43
CA ALA C 143 -69.45 -30.19 52.41
C ALA C 143 -68.08 -30.18 51.72
N VAL C 144 -67.03 -30.34 52.50
CA VAL C 144 -65.70 -30.49 51.90
C VAL C 144 -64.93 -31.62 52.60
N TYR C 145 -64.34 -32.49 51.80
CA TYR C 145 -63.68 -33.69 52.32
C TYR C 145 -62.22 -33.64 51.96
N LYS C 146 -61.38 -34.10 52.88
CA LYS C 146 -59.94 -34.14 52.66
C LYS C 146 -59.44 -35.51 53.06
N GLN C 147 -58.32 -35.91 52.46
CA GLN C 147 -57.64 -37.14 52.85
C GLN C 147 -56.22 -37.09 52.31
N ARG C 148 -55.25 -37.58 53.08
CA ARG C 148 -53.88 -37.59 52.58
C ARG C 148 -53.21 -38.94 52.76
N PHE C 149 -52.12 -39.13 52.04
CA PHE C 149 -51.39 -40.38 52.04
C PHE C 149 -49.90 -40.07 52.09
N GLU C 150 -49.11 -41.04 52.52
CA GLU C 150 -47.65 -40.91 52.48
C GLU C 150 -46.98 -41.99 51.60
N ASN C 151 -45.90 -41.59 50.92
CA ASN C 151 -45.08 -42.46 50.04
C ASN C 151 -45.77 -43.40 49.04
N GLY C 152 -46.09 -44.61 49.47
CA GLY C 152 -46.71 -45.56 48.58
C GLY C 152 -48.12 -45.13 48.22
N GLY C 153 -48.67 -44.26 49.05
CA GLY C 153 -50.07 -43.91 48.93
C GLY C 153 -50.83 -44.69 50.00
N LYS C 154 -50.14 -44.98 51.09
CA LYS C 154 -50.77 -45.56 52.27
C LYS C 154 -51.45 -44.43 53.04
N PRO C 155 -52.79 -44.49 53.15
CA PRO C 155 -53.64 -43.46 53.76
C PRO C 155 -53.30 -43.11 55.22
N VAL C 156 -52.81 -41.88 55.40
CA VAL C 156 -52.51 -41.37 56.73
C VAL C 156 -53.80 -41.14 57.54
N THR C 157 -54.88 -40.79 56.85
CA THR C 157 -56.19 -40.68 57.48
C THR C 157 -57.31 -41.12 56.52
N THR C 158 -58.52 -41.24 57.04
CA THR C 158 -59.69 -41.50 56.19
C THR C 158 -60.26 -40.22 55.63
N LEU C 159 -60.97 -40.32 54.52
CA LEU C 159 -61.60 -39.15 53.92
C LEU C 159 -62.71 -38.63 54.82
N LYS C 160 -62.49 -37.45 55.42
CA LYS C 160 -63.42 -36.88 56.39
C LYS C 160 -63.93 -35.52 55.91
N LYS C 161 -65.10 -35.13 56.42
CA LYS C 161 -65.63 -33.80 56.14
C LYS C 161 -64.84 -32.79 56.98
N ILE C 162 -64.02 -31.97 56.33
CA ILE C 162 -63.26 -30.98 57.08
C ILE C 162 -63.91 -29.61 57.10
N GLY C 163 -65.17 -29.54 56.68
CA GLY C 163 -65.89 -28.28 56.76
C GLY C 163 -67.12 -28.10 55.88
N THR C 164 -67.73 -26.93 56.05
CA THR C 164 -68.94 -26.53 55.34
C THR C 164 -68.61 -25.87 53.99
N ALA C 165 -69.28 -26.36 52.95
CA ALA C 165 -69.06 -25.87 51.59
C ALA C 165 -70.20 -24.97 51.12
N PRO C 166 -69.85 -23.86 50.45
CA PRO C 166 -70.83 -22.88 49.94
C PRO C 166 -71.82 -23.51 48.95
N LYS C 167 -72.94 -24.00 49.48
CA LYS C 167 -74.00 -24.61 48.67
C LYS C 167 -73.52 -25.84 47.90
N SER C 168 -74.19 -26.13 46.79
CA SER C 168 -73.89 -27.33 46.02
C SER C 168 -72.62 -27.22 45.17
N LYS C 169 -71.99 -26.03 45.20
CA LYS C 169 -70.77 -25.75 44.43
C LYS C 169 -69.69 -26.83 44.53
N THR C 170 -69.22 -27.31 43.38
CA THR C 170 -68.25 -28.41 43.32
C THR C 170 -66.83 -27.97 42.90
N GLY C 171 -65.83 -28.74 43.30
CA GLY C 171 -64.45 -28.50 42.91
C GLY C 171 -63.49 -29.57 43.41
N THR C 172 -62.48 -29.90 42.61
CA THR C 172 -61.54 -30.96 43.03
C THR C 172 -60.11 -30.43 43.14
N LYS C 173 -59.33 -30.89 44.11
CA LYS C 173 -57.95 -30.41 44.25
C LYS C 173 -56.98 -31.50 44.74
N VAL C 174 -55.86 -31.64 44.01
CA VAL C 174 -54.76 -32.54 44.40
C VAL C 174 -53.43 -31.76 44.59
N THR C 175 -52.83 -31.90 45.76
CA THR C 175 -51.51 -31.34 45.98
C THR C 175 -50.58 -32.47 46.40
N PHE C 176 -49.36 -32.50 45.85
CA PHE C 176 -48.43 -33.59 46.14
C PHE C 176 -46.97 -33.19 46.04
N MET C 177 -46.12 -33.92 46.76
CA MET C 177 -44.68 -33.72 46.69
C MET C 177 -44.12 -35.06 46.24
N PRO C 178 -43.51 -35.10 45.05
CA PRO C 178 -42.83 -36.30 44.54
C PRO C 178 -41.75 -36.70 45.53
N ASP C 179 -41.50 -37.99 45.73
CA ASP C 179 -40.41 -38.32 46.66
C ASP C 179 -39.05 -38.29 45.99
N ALA C 180 -38.08 -37.75 46.70
CA ALA C 180 -36.73 -37.55 46.17
C ALA C 180 -35.95 -38.85 46.16
N THR C 181 -36.67 -39.95 46.36
CA THR C 181 -36.08 -41.28 46.27
C THR C 181 -36.13 -41.72 44.81
N ILE C 182 -37.34 -41.93 44.32
CA ILE C 182 -37.55 -42.43 42.98
C ILE C 182 -37.35 -41.33 41.95
N PHE C 183 -37.30 -40.09 42.43
CA PHE C 183 -36.99 -38.94 41.59
C PHE C 183 -35.68 -38.29 41.99
N SER C 184 -34.85 -37.95 41.01
CA SER C 184 -33.57 -37.28 41.26
C SER C 184 -33.69 -35.75 41.33
N THR C 185 -34.77 -35.21 40.76
CA THR C 185 -35.02 -33.77 40.76
C THR C 185 -36.44 -33.48 41.24
N THR C 186 -36.57 -32.66 42.28
CA THR C 186 -37.88 -32.33 42.83
C THR C 186 -38.25 -30.87 42.54
N ASP C 187 -37.49 -30.22 41.65
CA ASP C 187 -37.67 -28.78 41.40
C ASP C 187 -38.47 -28.52 40.14
N PHE C 188 -39.79 -28.34 40.30
CA PHE C 188 -40.66 -28.05 39.17
C PHE C 188 -40.25 -26.73 38.56
N LYS C 189 -39.98 -26.74 37.26
CA LYS C 189 -39.66 -25.51 36.54
C LYS C 189 -40.94 -24.82 36.01
N TYR C 190 -41.06 -23.53 36.27
CA TYR C 190 -42.23 -22.76 35.87
C TYR C 190 -42.18 -22.44 34.38
N ASN C 191 -40.99 -22.30 33.83
CA ASN C 191 -40.85 -22.06 32.39
C ASN C 191 -41.45 -23.20 31.57
N THR C 192 -41.05 -24.42 31.92
CA THR C 192 -41.49 -25.62 31.23
C THR C 192 -43.01 -25.88 31.37
N ILE C 193 -43.49 -25.86 32.62
CA ILE C 193 -44.91 -26.01 32.89
C ILE C 193 -45.69 -24.95 32.12
N SER C 194 -45.13 -23.76 32.05
CA SER C 194 -45.76 -22.71 31.30
C SER C 194 -45.93 -23.09 29.85
N GLU C 195 -44.85 -23.47 29.17
CA GLU C 195 -44.93 -23.77 27.74
C GLU C 195 -45.94 -24.88 27.48
N ARG C 196 -45.96 -25.86 28.37
CA ARG C 196 -46.95 -26.93 28.26
C ARG C 196 -48.35 -26.33 28.31
N LEU C 197 -48.78 -25.86 29.47
CA LEU C 197 -50.13 -25.31 29.67
C LEU C 197 -50.54 -24.38 28.54
N ASN C 198 -49.57 -23.62 28.07
CA ASN C 198 -49.79 -22.68 27.00
C ASN C 198 -50.23 -23.41 25.78
N GLU C 199 -49.31 -24.18 25.18
CA GLU C 199 -49.63 -24.82 23.92
C GLU C 199 -50.83 -25.77 24.04
N SER C 200 -51.10 -26.25 25.25
CA SER C 200 -52.28 -27.06 25.57
C SER C 200 -53.56 -26.27 25.34
N ALA C 201 -53.59 -25.05 25.87
CA ALA C 201 -54.80 -24.25 25.83
C ALA C 201 -55.32 -23.79 24.46
N PHE C 202 -54.54 -23.96 23.39
CA PHE C 202 -55.01 -23.45 22.10
C PHE C 202 -56.18 -24.24 21.60
N LEU C 203 -56.01 -25.56 21.54
CA LEU C 203 -57.04 -26.44 21.01
C LEU C 203 -58.15 -26.65 22.02
N LEU C 204 -57.90 -26.27 23.27
CA LEU C 204 -58.89 -26.49 24.31
C LEU C 204 -59.86 -25.32 24.48
N LYS C 205 -60.68 -25.05 23.45
CA LYS C 205 -61.56 -23.87 23.41
C LYS C 205 -62.50 -23.74 24.62
N ASN C 206 -62.88 -24.90 25.17
CA ASN C 206 -63.78 -24.99 26.31
C ASN C 206 -63.15 -24.57 27.64
N VAL C 207 -61.82 -24.59 27.71
CA VAL C 207 -61.11 -24.49 28.99
C VAL C 207 -60.23 -23.24 29.12
N THR C 208 -59.99 -22.85 30.37
CA THR C 208 -58.98 -21.85 30.70
C THR C 208 -58.11 -22.39 31.83
N LEU C 209 -56.81 -22.30 31.66
CA LEU C 209 -55.90 -22.78 32.69
C LEU C 209 -54.79 -21.80 33.11
N SER C 210 -54.45 -21.84 34.40
CA SER C 210 -53.51 -20.89 35.01
C SER C 210 -52.32 -21.57 35.66
N LEU C 211 -51.28 -20.79 35.92
CA LEU C 211 -50.08 -21.31 36.53
C LEU C 211 -49.57 -20.22 37.44
N THR C 212 -49.48 -20.53 38.74
CA THR C 212 -48.86 -19.59 39.68
C THR C 212 -47.67 -20.22 40.40
N ASP C 213 -46.52 -19.56 40.32
CA ASP C 213 -45.33 -19.97 41.03
C ASP C 213 -45.22 -19.12 42.28
N LYS C 214 -45.40 -19.75 43.44
CA LYS C 214 -45.37 -19.06 44.72
C LYS C 214 -43.95 -18.80 45.24
N ARG C 215 -42.99 -19.52 44.64
CA ARG C 215 -41.56 -19.29 44.88
C ARG C 215 -41.12 -17.98 44.24
N THR C 216 -41.24 -17.89 42.92
CA THR C 216 -40.88 -16.69 42.18
C THR C 216 -42.00 -15.63 42.20
N ASP C 217 -43.10 -15.92 42.91
CA ASP C 217 -44.24 -15.01 42.97
C ASP C 217 -44.74 -14.53 41.61
N GLU C 218 -44.63 -15.37 40.58
CA GLU C 218 -45.11 -14.99 39.25
C GLU C 218 -46.28 -15.86 38.72
N ALA C 219 -46.93 -15.43 37.65
CA ALA C 219 -48.17 -16.07 37.22
C ALA C 219 -48.57 -15.81 35.77
N ILE C 220 -49.11 -16.83 35.09
CA ILE C 220 -49.92 -16.59 33.89
C ILE C 220 -51.27 -17.30 33.98
N GLU C 221 -52.08 -17.06 32.95
CA GLU C 221 -53.38 -17.68 32.74
C GLU C 221 -53.51 -17.83 31.22
N PHE C 222 -54.22 -18.86 30.74
CA PHE C 222 -54.33 -19.10 29.27
C PHE C 222 -55.74 -19.36 28.77
N HIS C 223 -56.08 -18.75 27.64
CA HIS C 223 -57.41 -18.91 27.03
C HIS C 223 -57.40 -18.52 25.56
N TYR C 224 -58.08 -19.28 24.69
CA TYR C 224 -58.04 -18.97 23.27
C TYR C 224 -59.35 -19.21 22.55
N GLU C 225 -59.97 -18.12 22.11
CA GLU C 225 -61.27 -18.17 21.46
C GLU C 225 -61.20 -18.59 19.99
N ASN C 226 -60.10 -18.26 19.31
CA ASN C 226 -59.94 -18.63 17.90
C ASN C 226 -58.83 -19.66 17.67
N GLY C 227 -58.52 -20.42 18.71
CA GLY C 227 -57.76 -21.66 18.63
C GLY C 227 -56.53 -21.84 17.75
N VAL C 228 -56.72 -22.49 16.60
CA VAL C 228 -55.59 -22.86 15.75
C VAL C 228 -55.02 -21.63 15.05
N GLN C 229 -55.84 -20.58 14.97
CA GLN C 229 -55.41 -19.35 14.33
C GLN C 229 -54.53 -18.59 15.31
N ASP C 230 -54.92 -18.60 16.57
CA ASP C 230 -54.13 -17.96 17.60
C ASP C 230 -52.75 -18.62 17.65
N PHE C 231 -52.72 -19.94 17.71
CA PHE C 231 -51.47 -20.72 17.71
C PHE C 231 -50.44 -20.25 16.68
N VAL C 232 -50.86 -19.74 15.53
CA VAL C 232 -49.87 -19.33 14.52
C VAL C 232 -49.34 -17.97 14.87
N SER C 233 -50.16 -17.20 15.56
CA SER C 233 -49.68 -15.96 16.13
C SER C 233 -48.65 -16.32 17.19
N TYR C 234 -49.07 -17.08 18.20
CA TYR C 234 -48.17 -17.51 19.28
C TYR C 234 -46.85 -18.06 18.75
N LEU C 235 -46.87 -18.54 17.52
CA LEU C 235 -45.71 -19.16 16.95
C LEU C 235 -44.84 -18.13 16.26
N ASN C 236 -45.45 -17.00 15.89
CA ASN C 236 -44.77 -15.97 15.11
C ASN C 236 -44.74 -14.63 15.84
N GLU C 237 -44.80 -14.70 17.17
CA GLU C 237 -44.89 -13.52 18.02
C GLU C 237 -43.80 -12.48 17.78
N ASP C 238 -42.54 -12.85 17.98
CA ASP C 238 -41.47 -11.88 17.84
C ASP C 238 -40.79 -11.96 16.47
N LYS C 239 -41.54 -12.38 15.46
CA LYS C 239 -40.99 -12.51 14.12
C LYS C 239 -41.63 -11.51 13.14
N GLU C 240 -40.99 -11.32 11.98
CA GLU C 240 -41.56 -10.43 10.96
C GLU C 240 -42.36 -11.18 9.89
N ILE C 241 -43.37 -10.52 9.34
CA ILE C 241 -44.52 -11.17 8.73
C ILE C 241 -44.73 -10.89 7.23
N LEU C 242 -44.43 -11.87 6.39
CA LEU C 242 -44.59 -11.76 4.93
C LEU C 242 -46.05 -11.75 4.41
N THR C 243 -46.90 -12.57 5.03
CA THR C 243 -48.31 -12.70 4.65
C THR C 243 -49.09 -12.72 5.94
N PRO C 244 -50.39 -12.37 5.89
CA PRO C 244 -51.20 -12.45 7.13
C PRO C 244 -51.53 -13.89 7.46
N VAL C 245 -52.47 -14.11 8.38
CA VAL C 245 -52.83 -15.48 8.77
C VAL C 245 -53.88 -16.09 7.84
N LEU C 246 -53.51 -17.17 7.18
CA LEU C 246 -54.38 -17.89 6.26
C LEU C 246 -54.99 -19.08 6.99
N TYR C 247 -56.32 -19.16 7.00
CA TYR C 247 -57.02 -20.19 7.75
C TYR C 247 -58.00 -20.97 6.88
N PHE C 248 -57.87 -22.30 6.86
CA PHE C 248 -58.70 -23.16 6.00
C PHE C 248 -59.45 -24.28 6.75
N GLU C 249 -60.78 -24.17 6.79
CA GLU C 249 -61.65 -25.13 7.49
C GLU C 249 -62.31 -26.14 6.53
N GLY C 250 -62.79 -27.27 7.06
CA GLY C 250 -63.39 -28.28 6.21
C GLY C 250 -63.58 -29.68 6.77
N GLU C 251 -64.79 -30.21 6.56
CA GLU C 251 -65.12 -31.62 6.79
C GLU C 251 -65.05 -32.35 5.45
N ASP C 252 -64.61 -33.61 5.45
CA ASP C 252 -64.63 -34.43 4.22
C ASP C 252 -64.56 -35.93 4.51
N ASN C 253 -65.72 -36.56 4.46
CA ASN C 253 -65.90 -37.96 4.84
C ASN C 253 -65.26 -38.40 6.17
N GLY C 254 -65.85 -37.93 7.27
CA GLY C 254 -65.53 -38.40 8.60
C GLY C 254 -64.45 -37.56 9.26
N PHE C 255 -63.58 -37.02 8.42
CA PHE C 255 -62.41 -36.30 8.89
C PHE C 255 -62.70 -34.81 8.97
N GLN C 256 -62.18 -34.18 10.02
CA GLN C 256 -62.33 -32.74 10.23
C GLN C 256 -60.95 -32.06 10.30
N VAL C 257 -60.53 -31.44 9.20
CA VAL C 257 -59.24 -30.75 9.16
C VAL C 257 -59.38 -29.23 9.25
N GLU C 258 -58.42 -28.61 9.91
CA GLU C 258 -58.50 -27.20 10.25
C GLU C 258 -57.08 -26.68 10.32
N VAL C 259 -56.71 -25.82 9.37
CA VAL C 259 -55.32 -25.36 9.25
C VAL C 259 -55.22 -23.85 9.17
N ALA C 260 -54.22 -23.30 9.87
CA ALA C 260 -53.78 -21.93 9.62
C ALA C 260 -52.34 -21.86 9.12
N LEU C 261 -52.05 -20.96 8.20
CA LEU C 261 -50.70 -20.83 7.64
C LEU C 261 -50.25 -19.35 7.68
N GLN C 262 -48.98 -19.09 8.05
CA GLN C 262 -48.44 -17.70 8.03
C GLN C 262 -46.90 -17.59 7.90
N TYR C 263 -46.46 -17.09 6.74
CA TYR C 263 -45.04 -17.01 6.43
C TYR C 263 -44.28 -15.97 7.25
N ASN C 264 -42.99 -16.21 7.47
CA ASN C 264 -42.08 -15.17 7.96
C ASN C 264 -40.78 -14.99 7.15
N ASP C 265 -39.99 -14.00 7.54
CA ASP C 265 -38.74 -13.75 6.85
C ASP C 265 -37.68 -14.75 7.26
N GLY C 266 -38.08 -15.69 8.11
CA GLY C 266 -37.18 -16.72 8.60
C GLY C 266 -36.78 -17.68 7.51
N PHE C 267 -36.03 -18.70 7.90
CA PHE C 267 -35.53 -19.70 6.97
C PHE C 267 -36.11 -21.06 7.31
N SER C 268 -35.90 -21.49 8.55
CA SER C 268 -36.46 -22.74 9.04
C SER C 268 -37.97 -22.66 8.98
N ASP C 269 -38.59 -23.67 8.39
CA ASP C 269 -40.05 -23.80 8.44
C ASP C 269 -40.43 -24.35 9.79
N ASN C 270 -41.70 -24.20 10.16
CA ASN C 270 -42.13 -24.59 11.49
C ASN C 270 -43.58 -25.06 11.51
N ILE C 271 -43.76 -26.36 11.27
CA ILE C 271 -45.11 -26.91 11.11
C ILE C 271 -45.52 -27.87 12.23
N LEU C 272 -46.50 -27.46 13.01
CA LEU C 272 -47.04 -28.32 14.04
C LEU C 272 -48.30 -29.02 13.52
N SER C 273 -48.53 -30.25 13.98
CA SER C 273 -49.68 -31.05 13.53
C SER C 273 -50.41 -31.66 14.71
N PHE C 274 -51.73 -31.71 14.62
CA PHE C 274 -52.52 -32.30 15.70
C PHE C 274 -53.66 -33.22 15.24
N VAL C 275 -53.60 -34.49 15.63
CA VAL C 275 -54.77 -35.35 15.45
C VAL C 275 -55.44 -35.67 16.78
N ASN C 276 -56.71 -35.30 16.87
CA ASN C 276 -57.56 -35.60 18.02
C ASN C 276 -57.06 -34.92 19.27
N ASN C 277 -56.81 -33.62 19.14
CA ASN C 277 -56.28 -32.75 20.21
C ASN C 277 -54.87 -33.02 20.75
N VAL C 278 -54.19 -34.10 20.34
CA VAL C 278 -52.78 -34.27 20.74
C VAL C 278 -51.74 -34.17 19.60
N ARG C 279 -50.48 -33.95 19.96
CA ARG C 279 -49.49 -33.61 18.95
C ARG C 279 -48.92 -34.84 18.28
N THR C 280 -48.81 -34.78 16.95
CA THR C 280 -47.97 -35.74 16.25
C THR C 280 -46.56 -35.21 16.04
N LYS C 281 -45.74 -35.18 17.10
CA LYS C 281 -44.37 -34.64 17.03
C LYS C 281 -43.59 -35.12 15.82
N ASP C 282 -43.93 -36.32 15.34
CA ASP C 282 -43.21 -36.95 14.22
C ASP C 282 -43.91 -36.82 12.86
N GLY C 283 -44.91 -35.95 12.80
CA GLY C 283 -45.60 -35.70 11.54
C GLY C 283 -46.65 -36.73 11.23
N GLY C 284 -46.62 -37.24 10.01
CA GLY C 284 -47.60 -38.22 9.61
C GLY C 284 -48.24 -37.92 8.27
N THR C 285 -49.17 -38.78 7.90
CA THR C 285 -49.82 -38.71 6.60
C THR C 285 -50.63 -37.42 6.40
N HIS C 286 -51.27 -36.93 7.46
CA HIS C 286 -51.97 -35.64 7.41
C HIS C 286 -51.01 -34.50 7.07
N GLU C 287 -49.81 -34.56 7.63
CA GLU C 287 -48.79 -33.56 7.38
C GLU C 287 -48.36 -33.68 5.92
N THR C 288 -48.07 -34.90 5.46
CA THR C 288 -47.67 -35.12 4.07
C THR C 288 -48.76 -34.71 3.12
N GLY C 289 -49.99 -34.71 3.61
CA GLY C 289 -51.13 -34.31 2.80
C GLY C 289 -51.09 -32.82 2.64
N LEU C 290 -50.74 -32.14 3.73
CA LEU C 290 -50.63 -30.68 3.78
C LEU C 290 -49.45 -30.12 2.99
N LYS C 291 -48.29 -30.75 3.12
CA LYS C 291 -47.11 -30.32 2.37
C LYS C 291 -47.31 -30.56 0.86
N SER C 292 -47.80 -31.74 0.50
CA SER C 292 -48.04 -32.10 -0.91
C SER C 292 -49.11 -31.24 -1.55
N ALA C 293 -49.95 -30.62 -0.73
CA ALA C 293 -51.03 -29.78 -1.23
C ALA C 293 -50.49 -28.47 -1.76
N ILE C 294 -49.63 -27.81 -0.98
CA ILE C 294 -49.07 -26.52 -1.36
C ILE C 294 -48.06 -26.58 -2.51
N THR C 295 -47.08 -27.47 -2.42
CA THR C 295 -46.05 -27.55 -3.47
C THR C 295 -46.67 -27.73 -4.87
N LYS C 296 -47.84 -28.35 -4.93
CA LYS C 296 -48.51 -28.61 -6.19
C LYS C 296 -49.64 -27.63 -6.49
N VAL C 297 -50.17 -26.96 -5.46
CA VAL C 297 -51.24 -25.98 -5.69
C VAL C 297 -50.68 -24.64 -6.14
N MET C 298 -49.45 -24.34 -5.74
CA MET C 298 -48.79 -23.07 -6.06
C MET C 298 -48.04 -23.18 -7.37
N ASN C 299 -47.45 -24.36 -7.60
CA ASN C 299 -46.88 -24.67 -8.90
C ASN C 299 -47.91 -24.43 -9.98
N ASP C 300 -49.14 -24.87 -9.74
CA ASP C 300 -50.23 -24.55 -10.65
C ASP C 300 -50.40 -23.05 -10.73
N TYR C 301 -50.39 -22.37 -9.57
CA TYR C 301 -50.59 -20.93 -9.60
C TYR C 301 -49.45 -20.19 -10.32
N ALA C 302 -48.24 -20.73 -10.19
CA ALA C 302 -47.13 -20.23 -10.99
C ALA C 302 -47.44 -20.44 -12.46
N ARG C 303 -47.46 -21.72 -12.84
CA ARG C 303 -47.72 -22.18 -14.21
C ARG C 303 -48.71 -21.32 -14.96
N LYS C 304 -49.86 -21.06 -14.34
CA LYS C 304 -50.93 -20.27 -14.94
C LYS C 304 -50.48 -18.84 -15.19
N THR C 305 -51.44 -17.93 -15.38
CA THR C 305 -51.17 -16.53 -15.75
C THR C 305 -49.98 -15.84 -15.02
N GLY C 306 -49.27 -16.58 -14.18
CA GLY C 306 -48.02 -16.12 -13.59
C GLY C 306 -46.79 -16.59 -14.35
N LEU C 307 -45.79 -17.02 -13.59
CA LEU C 307 -44.45 -17.20 -14.10
C LEU C 307 -43.92 -18.63 -13.89
N LEU C 308 -43.50 -19.25 -14.97
CA LEU C 308 -43.04 -20.63 -14.90
C LEU C 308 -41.99 -20.87 -15.94
N LYS C 309 -42.05 -20.05 -17.00
CA LYS C 309 -41.19 -20.16 -18.16
C LYS C 309 -41.36 -21.52 -18.88
N GLU C 310 -42.40 -22.27 -18.53
CA GLU C 310 -42.61 -23.62 -19.04
C GLU C 310 -41.33 -24.43 -18.89
N LYS C 311 -41.14 -25.43 -19.76
CA LYS C 311 -39.88 -26.18 -19.85
C LYS C 311 -39.25 -26.62 -18.53
N GLU C 316 -41.45 -26.77 -7.44
CA GLU C 316 -40.12 -26.75 -6.83
C GLU C 316 -39.92 -27.66 -5.57
N GLY C 317 -40.78 -27.52 -4.56
CA GLY C 317 -40.66 -28.38 -3.38
C GLY C 317 -40.67 -27.69 -2.01
N SER C 318 -39.57 -27.81 -1.28
CA SER C 318 -39.46 -27.24 0.07
C SER C 318 -39.14 -25.75 0.04
N ASP C 319 -38.89 -25.25 -1.15
CA ASP C 319 -38.65 -23.84 -1.38
C ASP C 319 -39.90 -23.03 -1.00
N TYR C 320 -41.07 -23.65 -1.16
CA TYR C 320 -42.32 -23.02 -0.76
C TYR C 320 -42.47 -22.97 0.74
N ARG C 321 -41.69 -23.78 1.45
CA ARG C 321 -41.85 -23.88 2.89
C ARG C 321 -40.88 -23.03 3.70
N GLU C 322 -39.96 -22.36 3.01
CA GLU C 322 -39.01 -21.44 3.66
C GLU C 322 -39.76 -20.36 4.43
N GLY C 323 -39.54 -20.35 5.75
CA GLY C 323 -40.18 -19.39 6.64
C GLY C 323 -41.67 -19.59 6.83
N LEU C 324 -42.19 -20.66 6.24
CA LEU C 324 -43.58 -21.03 6.44
C LEU C 324 -43.72 -21.57 7.86
N ALA C 325 -44.65 -21.02 8.62
CA ALA C 325 -45.08 -21.64 9.87
C ALA C 325 -46.56 -21.97 9.77
N ALA C 326 -46.97 -23.09 10.35
CA ALA C 326 -48.34 -23.58 10.21
C ALA C 326 -48.74 -24.58 11.30
N VAL C 327 -49.95 -24.41 11.83
CA VAL C 327 -50.53 -25.36 12.78
C VAL C 327 -51.72 -26.10 12.16
N LEU C 328 -51.59 -27.41 12.01
CA LEU C 328 -52.57 -28.24 11.27
C LEU C 328 -53.22 -29.26 12.21
N SER C 329 -54.55 -29.22 12.27
CA SER C 329 -55.27 -30.05 13.22
C SER C 329 -56.48 -30.82 12.66
N ILE C 330 -56.34 -32.15 12.56
CA ILE C 330 -57.45 -33.00 12.12
C ILE C 330 -58.17 -33.72 13.23
N LEU C 331 -59.44 -34.03 12.98
CA LEU C 331 -60.25 -34.92 13.83
C LEU C 331 -60.51 -36.24 13.12
N VAL C 332 -59.90 -37.30 13.60
CA VAL C 332 -60.11 -38.64 13.07
C VAL C 332 -61.14 -39.38 13.93
N PRO C 333 -62.02 -40.15 13.29
CA PRO C 333 -63.07 -40.84 14.04
C PRO C 333 -62.62 -41.96 14.98
N GLU C 334 -61.31 -42.16 15.19
CA GLU C 334 -60.78 -43.11 16.20
C GLU C 334 -60.83 -44.59 15.82
N GLU C 335 -61.83 -44.97 15.01
CA GLU C 335 -61.89 -46.33 14.47
C GLU C 335 -61.05 -46.40 13.20
N HIS C 336 -60.57 -45.25 12.76
CA HIS C 336 -59.68 -45.18 11.60
C HIS C 336 -58.31 -44.73 12.05
N LEU C 337 -58.16 -44.56 13.36
CA LEU C 337 -56.94 -44.01 13.93
C LEU C 337 -55.85 -45.04 13.97
N GLN C 338 -54.75 -44.80 13.27
CA GLN C 338 -53.61 -45.71 13.32
C GLN C 338 -52.29 -44.94 13.21
N PHE C 339 -51.35 -45.26 14.09
CA PHE C 339 -50.06 -44.59 14.14
C PHE C 339 -48.92 -45.53 13.77
N GLU C 340 -47.68 -45.13 14.02
CA GLU C 340 -46.57 -46.05 13.81
C GLU C 340 -46.42 -47.04 14.95
N GLY C 341 -45.20 -47.16 15.46
CA GLY C 341 -44.90 -48.18 16.44
C GLY C 341 -44.88 -47.72 17.89
N GLN C 342 -45.51 -48.50 18.75
CA GLN C 342 -45.51 -48.26 20.19
C GLN C 342 -46.16 -46.93 20.61
N THR C 343 -45.67 -45.84 20.04
CA THR C 343 -46.05 -44.50 20.47
C THR C 343 -46.93 -43.81 19.45
N LYS C 344 -47.83 -42.95 19.91
CA LYS C 344 -48.78 -42.29 19.02
C LYS C 344 -48.21 -40.96 18.47
N ASP C 345 -46.99 -41.05 17.93
CA ASP C 345 -46.23 -39.89 17.51
C ASP C 345 -46.31 -39.58 16.02
N LYS C 346 -46.72 -40.55 15.22
CA LYS C 346 -46.75 -40.35 13.78
C LYS C 346 -47.97 -40.99 13.12
N LEU C 347 -48.88 -40.17 12.62
CA LEU C 347 -50.14 -40.67 12.07
C LEU C 347 -49.87 -41.49 10.82
N GLY C 348 -50.33 -42.74 10.83
CA GLY C 348 -50.11 -43.61 9.70
C GLY C 348 -51.34 -43.83 8.83
N SER C 349 -52.50 -43.42 9.35
CA SER C 349 -53.77 -43.70 8.68
C SER C 349 -53.82 -43.10 7.29
N PRO C 350 -53.93 -43.96 6.27
CA PRO C 350 -53.68 -43.62 4.87
C PRO C 350 -54.66 -42.57 4.34
N LEU C 351 -55.95 -42.69 4.66
CA LEU C 351 -56.97 -41.75 4.19
C LEU C 351 -56.70 -40.28 4.57
N ALA C 352 -55.90 -40.06 5.61
CA ALA C 352 -55.63 -38.71 6.08
C ALA C 352 -54.89 -37.85 5.03
N ARG C 353 -53.99 -38.48 4.27
CA ARG C 353 -53.25 -37.75 3.22
C ARG C 353 -54.15 -37.17 2.11
N PRO C 354 -55.02 -37.98 1.50
CA PRO C 354 -55.88 -37.37 0.49
C PRO C 354 -57.10 -36.60 1.03
N VAL C 355 -57.30 -36.49 2.35
CA VAL C 355 -58.41 -35.68 2.83
C VAL C 355 -57.94 -34.32 3.24
N VAL C 356 -56.70 -34.25 3.72
CA VAL C 356 -56.08 -32.99 4.11
C VAL C 356 -55.64 -32.28 2.86
N ASP C 357 -54.97 -33.02 1.97
CA ASP C 357 -54.67 -32.51 0.63
C ASP C 357 -55.93 -32.08 -0.10
N GLY C 358 -57.04 -32.74 0.19
CA GLY C 358 -58.30 -32.31 -0.37
C GLY C 358 -58.64 -30.93 0.13
N ILE C 359 -59.06 -30.88 1.39
CA ILE C 359 -59.55 -29.66 2.03
C ILE C 359 -58.65 -28.43 1.81
N VAL C 360 -57.34 -28.64 1.88
CA VAL C 360 -56.38 -27.54 1.77
C VAL C 360 -56.16 -27.10 0.34
N ALA C 361 -55.85 -28.05 -0.54
CA ALA C 361 -55.56 -27.72 -1.92
C ALA C 361 -56.73 -27.03 -2.57
N ASP C 362 -57.93 -27.31 -2.07
CA ASP C 362 -59.12 -26.65 -2.57
C ASP C 362 -59.11 -25.18 -2.17
N LYS C 363 -59.14 -24.93 -0.86
CA LYS C 363 -59.31 -23.57 -0.36
C LYS C 363 -58.25 -22.59 -0.84
N LEU C 364 -57.01 -23.04 -0.98
CA LEU C 364 -55.96 -22.10 -1.37
C LEU C 364 -55.50 -22.16 -2.82
N THR C 365 -56.32 -22.76 -3.68
CA THR C 365 -56.22 -22.45 -5.10
C THR C 365 -57.14 -21.27 -5.31
N PHE C 366 -58.17 -21.22 -4.46
CA PHE C 366 -59.09 -20.09 -4.42
C PHE C 366 -58.40 -18.87 -3.87
N PHE C 367 -57.75 -19.02 -2.72
CA PHE C 367 -57.10 -17.89 -2.05
C PHE C 367 -56.05 -17.21 -2.94
N LEU C 368 -55.27 -18.02 -3.64
CA LEU C 368 -54.19 -17.52 -4.48
C LEU C 368 -54.76 -16.75 -5.66
N MET C 369 -55.77 -17.32 -6.30
CA MET C 369 -56.42 -16.63 -7.42
C MET C 369 -57.11 -15.36 -6.91
N GLU C 370 -57.49 -15.36 -5.64
CA GLU C 370 -58.30 -14.29 -5.06
C GLU C 370 -57.58 -12.96 -4.93
N ASN C 371 -56.26 -13.01 -4.76
CA ASN C 371 -55.46 -11.80 -4.67
C ASN C 371 -54.01 -11.97 -5.11
N GLY C 372 -53.68 -11.37 -6.26
CA GLY C 372 -52.37 -11.48 -6.86
C GLY C 372 -51.28 -10.79 -6.08
N GLU C 373 -51.67 -10.07 -5.03
CA GLU C 373 -50.72 -9.51 -4.10
C GLU C 373 -49.92 -10.63 -3.43
N LEU C 374 -50.38 -11.09 -2.26
CA LEU C 374 -49.64 -12.08 -1.49
C LEU C 374 -49.38 -13.37 -2.26
N ALA C 375 -49.72 -13.37 -3.55
CA ALA C 375 -49.72 -14.58 -4.38
C ALA C 375 -48.49 -14.71 -5.28
N SER C 376 -48.49 -13.94 -6.38
CA SER C 376 -47.38 -13.99 -7.33
C SER C 376 -46.09 -13.57 -6.63
N ASN C 377 -46.19 -12.65 -5.67
CA ASN C 377 -45.05 -12.24 -4.87
C ASN C 377 -44.50 -13.40 -4.06
N LEU C 378 -45.41 -14.20 -3.54
CA LEU C 378 -45.06 -15.38 -2.76
C LEU C 378 -44.34 -16.41 -3.63
N ILE C 379 -44.76 -16.53 -4.87
CA ILE C 379 -44.14 -17.48 -5.79
C ILE C 379 -42.71 -17.10 -6.12
N ARG C 380 -42.55 -15.82 -6.47
CA ARG C 380 -41.24 -15.26 -6.79
C ARG C 380 -40.27 -15.65 -5.70
N LYS C 381 -40.72 -15.47 -4.46
CA LYS C 381 -39.95 -15.84 -3.27
C LYS C 381 -39.48 -17.28 -3.31
N ALA C 382 -40.33 -18.16 -3.84
CA ALA C 382 -39.98 -19.58 -3.92
C ALA C 382 -38.82 -19.79 -4.89
N ILE C 383 -38.83 -19.03 -5.99
CA ILE C 383 -37.77 -19.14 -6.99
C ILE C 383 -36.46 -18.52 -6.51
N LYS C 384 -36.53 -17.52 -5.64
CA LYS C 384 -35.33 -16.98 -5.02
C LYS C 384 -34.81 -18.02 -4.04
N ALA C 385 -35.74 -18.77 -3.45
CA ALA C 385 -35.38 -19.86 -2.58
C ALA C 385 -34.82 -21.01 -3.42
N ARG C 386 -35.43 -21.21 -4.59
CA ARG C 386 -35.02 -22.24 -5.54
C ARG C 386 -33.66 -21.93 -6.12
N ASP C 387 -33.38 -20.63 -6.25
CA ASP C 387 -32.14 -20.16 -6.87
C ASP C 387 -30.90 -20.52 -6.03
N ALA C 388 -30.80 -19.97 -4.83
CA ALA C 388 -29.63 -20.21 -3.99
C ALA C 388 -29.54 -21.67 -3.54
N ARG C 389 -30.69 -22.30 -3.31
CA ARG C 389 -30.72 -23.69 -2.87
C ARG C 389 -29.91 -24.58 -3.82
N GLU C 390 -30.24 -24.55 -5.10
CA GLU C 390 -29.50 -25.31 -6.09
C GLU C 390 -28.08 -24.74 -6.25
N ALA C 391 -27.90 -23.50 -5.81
CA ALA C 391 -26.59 -22.85 -5.85
C ALA C 391 -25.78 -23.17 -4.59
N ALA C 392 -26.35 -24.00 -3.72
CA ALA C 392 -25.61 -24.50 -2.56
C ALA C 392 -25.03 -25.87 -2.91
N ARG C 393 -25.81 -26.65 -3.64
CA ARG C 393 -25.34 -27.95 -4.15
C ARG C 393 -24.34 -27.71 -5.28
N LYS C 394 -24.36 -26.50 -5.82
CA LYS C 394 -23.38 -26.07 -6.81
C LYS C 394 -22.24 -25.33 -6.11
N ALA C 395 -22.28 -25.31 -4.78
CA ALA C 395 -21.20 -24.74 -3.98
C ALA C 395 -20.28 -25.85 -3.45
N ARG C 396 -20.60 -27.10 -3.81
CA ARG C 396 -19.83 -28.28 -3.40
C ARG C 396 -19.04 -28.88 -4.58
N GLY C 414 -18.99 -9.27 -4.91
CA GLY C 414 -19.10 -10.46 -4.09
C GLY C 414 -18.63 -10.25 -2.65
N LYS C 415 -18.36 -9.00 -2.33
CA LYS C 415 -17.93 -8.67 -0.98
C LYS C 415 -19.14 -8.54 -0.05
N LEU C 416 -20.31 -8.98 -0.52
CA LEU C 416 -21.56 -8.66 0.16
C LEU C 416 -21.67 -9.23 1.56
N THR C 417 -22.22 -8.43 2.47
CA THR C 417 -22.63 -8.90 3.79
C THR C 417 -24.14 -8.89 3.87
N PRO C 418 -24.76 -10.06 3.62
CA PRO C 418 -26.17 -10.44 3.70
C PRO C 418 -26.93 -9.80 4.85
N ALA C 419 -28.23 -9.63 4.70
CA ALA C 419 -29.08 -9.34 5.87
C ALA C 419 -29.46 -10.67 6.52
N GLN C 420 -30.05 -10.63 7.70
CA GLN C 420 -30.45 -11.88 8.36
C GLN C 420 -31.76 -12.42 7.80
N SER C 421 -32.78 -11.57 7.80
CA SER C 421 -34.05 -11.90 7.20
C SER C 421 -33.93 -11.84 5.68
N LYS C 422 -34.88 -12.46 4.99
CA LYS C 422 -35.06 -12.23 3.57
C LYS C 422 -36.48 -11.69 3.42
N ASN C 423 -36.58 -10.43 3.01
CA ASN C 423 -37.85 -9.73 3.03
C ASN C 423 -37.79 -8.45 2.20
N PRO C 424 -37.97 -8.56 0.89
CA PRO C 424 -37.90 -7.40 -0.01
C PRO C 424 -38.83 -6.22 0.32
N ALA C 425 -39.62 -6.30 1.38
CA ALA C 425 -40.49 -5.17 1.73
C ALA C 425 -39.83 -4.24 2.73
N LYS C 426 -38.87 -4.74 3.50
CA LYS C 426 -38.25 -3.96 4.55
C LYS C 426 -36.77 -3.78 4.26
N ASN C 427 -36.11 -4.87 3.87
CA ASN C 427 -34.66 -4.90 3.74
C ASN C 427 -34.01 -3.79 2.91
N GLU C 428 -32.95 -3.20 3.48
CA GLU C 428 -32.24 -2.05 2.90
C GLU C 428 -30.83 -2.44 2.50
N LEU C 429 -30.41 -1.99 1.31
CA LEU C 429 -29.03 -2.19 0.86
C LEU C 429 -28.21 -0.93 1.15
N TYR C 430 -27.07 -1.10 1.82
CA TYR C 430 -26.15 0.03 1.99
C TYR C 430 -24.93 -0.13 1.11
N LEU C 431 -24.81 0.73 0.10
CA LEU C 431 -23.62 0.78 -0.74
C LEU C 431 -22.62 1.71 -0.12
N VAL C 432 -21.39 1.22 -0.05
CA VAL C 432 -20.39 1.85 0.75
C VAL C 432 -19.10 1.80 -0.07
N GLU C 433 -18.23 2.80 0.05
CA GLU C 433 -17.00 2.73 -0.72
C GLU C 433 -15.93 2.03 0.10
N GLY C 434 -15.23 1.07 -0.50
CA GLY C 434 -14.22 0.31 0.21
C GLY C 434 -14.59 -0.51 1.44
N ASP C 435 -13.65 -1.35 1.88
CA ASP C 435 -13.88 -2.31 2.98
C ASP C 435 -13.72 -1.72 4.38
N SER C 436 -12.90 -0.70 4.51
CA SER C 436 -12.73 -0.09 5.81
C SER C 436 -14.03 0.60 6.25
N ALA C 437 -14.80 1.14 5.29
CA ALA C 437 -16.07 1.77 5.63
C ALA C 437 -17.08 0.67 5.82
N GLY C 438 -16.87 -0.39 5.07
CA GLY C 438 -17.70 -1.57 5.18
C GLY C 438 -17.66 -2.09 6.60
N GLY C 439 -16.51 -1.95 7.26
CA GLY C 439 -16.35 -2.42 8.63
C GLY C 439 -17.29 -1.68 9.55
N SER C 440 -17.17 -0.36 9.55
CA SER C 440 -18.00 0.47 10.40
C SER C 440 -19.47 0.20 10.13
N ALA C 441 -19.81 0.01 8.85
CA ALA C 441 -21.18 -0.26 8.46
C ALA C 441 -21.69 -1.60 9.03
N LYS C 442 -20.99 -2.68 8.71
CA LYS C 442 -21.31 -4.03 9.16
C LYS C 442 -21.46 -4.10 10.67
N GLN C 443 -20.70 -3.28 11.38
CA GLN C 443 -20.77 -3.28 12.85
C GLN C 443 -21.87 -2.39 13.43
N GLY C 444 -22.16 -1.28 12.77
CA GLY C 444 -23.21 -0.39 13.26
C GLY C 444 -24.61 -0.84 12.88
N ARG C 445 -24.72 -1.55 11.75
CA ARG C 445 -25.99 -1.94 11.17
C ARG C 445 -26.92 -2.71 12.10
N ASP C 446 -28.23 -2.66 11.83
CA ASP C 446 -29.17 -3.66 12.38
C ASP C 446 -29.13 -4.87 11.46
N ARG C 447 -28.57 -5.97 11.96
CA ARG C 447 -28.17 -7.08 11.10
C ARG C 447 -29.34 -7.86 10.55
N LYS C 448 -30.53 -7.62 11.11
CA LYS C 448 -31.74 -8.32 10.68
C LYS C 448 -32.17 -7.94 9.25
N PHE C 449 -32.26 -6.64 8.96
CA PHE C 449 -32.80 -6.18 7.68
C PHE C 449 -31.92 -5.24 6.87
N GLN C 450 -30.67 -5.06 7.28
CA GLN C 450 -29.75 -4.15 6.60
C GLN C 450 -28.54 -4.91 6.06
N ALA C 451 -28.28 -4.77 4.77
CA ALA C 451 -27.06 -5.36 4.23
C ALA C 451 -26.01 -4.29 3.91
N ILE C 452 -24.80 -4.75 3.62
CA ILE C 452 -23.71 -3.86 3.22
C ILE C 452 -22.98 -4.40 2.00
N LEU C 453 -22.95 -3.62 0.92
CA LEU C 453 -22.09 -3.94 -0.21
C LEU C 453 -21.02 -2.85 -0.34
N PRO C 454 -19.79 -3.21 0.04
CA PRO C 454 -18.58 -2.42 -0.14
C PRO C 454 -18.19 -2.39 -1.61
N LEU C 455 -17.50 -1.32 -2.03
CA LEU C 455 -17.23 -1.01 -3.42
C LEU C 455 -15.79 -0.58 -3.58
N ARG C 456 -14.97 -1.34 -4.29
CA ARG C 456 -13.59 -0.88 -4.47
C ARG C 456 -13.45 0.45 -5.30
N GLY C 457 -13.20 1.55 -4.61
CA GLY C 457 -12.78 2.75 -5.29
C GLY C 457 -13.89 3.62 -5.82
N LYS C 458 -13.57 4.33 -6.91
CA LYS C 458 -14.57 5.08 -7.67
C LYS C 458 -15.25 4.20 -8.71
N VAL C 459 -16.52 4.46 -8.97
CA VAL C 459 -17.34 3.61 -9.81
C VAL C 459 -17.24 4.05 -11.25
N ILE C 460 -17.31 3.11 -12.18
CA ILE C 460 -17.20 3.41 -13.60
C ILE C 460 -18.24 4.44 -14.08
N ASN C 461 -17.84 5.34 -14.96
CA ASN C 461 -18.80 6.30 -15.47
C ASN C 461 -19.58 5.67 -16.59
N THR C 462 -20.84 5.36 -16.31
CA THR C 462 -21.71 4.62 -17.22
C THR C 462 -22.45 5.55 -18.15
N ALA C 463 -21.81 6.65 -18.53
CA ALA C 463 -22.32 7.51 -19.56
C ALA C 463 -21.15 7.95 -20.39
N LYS C 464 -19.95 7.49 -20.01
CA LYS C 464 -18.73 7.81 -20.72
C LYS C 464 -18.06 6.60 -21.38
N ALA C 465 -18.52 5.39 -21.09
CA ALA C 465 -17.93 4.20 -21.72
C ALA C 465 -19.03 3.33 -22.28
N LYS C 466 -18.68 2.48 -23.26
CA LYS C 466 -19.66 1.67 -23.96
C LYS C 466 -20.20 0.54 -23.06
N MET C 467 -21.33 -0.05 -23.46
CA MET C 467 -21.95 -1.14 -22.70
C MET C 467 -21.05 -2.38 -22.61
N ALA C 468 -20.06 -2.43 -23.50
CA ALA C 468 -19.01 -3.46 -23.49
C ALA C 468 -18.28 -3.52 -22.15
N ASP C 469 -17.52 -2.47 -21.87
CA ASP C 469 -16.84 -2.35 -20.59
C ASP C 469 -17.85 -2.25 -19.44
N ILE C 470 -18.93 -1.50 -19.63
CA ILE C 470 -19.96 -1.31 -18.61
C ILE C 470 -20.48 -2.62 -18.03
N LEU C 471 -20.70 -3.62 -18.90
CA LEU C 471 -21.20 -4.93 -18.44
C LEU C 471 -20.08 -5.87 -17.95
N LYS C 472 -18.85 -5.63 -18.40
CA LYS C 472 -17.70 -6.43 -18.00
C LYS C 472 -17.03 -5.94 -16.68
N ASN C 473 -17.74 -5.10 -15.92
CA ASN C 473 -17.17 -4.46 -14.73
C ASN C 473 -17.60 -5.11 -13.42
N GLU C 474 -16.60 -5.48 -12.60
CA GLU C 474 -16.81 -6.20 -11.35
C GLU C 474 -17.86 -5.55 -10.45
N GLU C 475 -17.58 -4.36 -9.94
CA GLU C 475 -18.53 -3.65 -9.08
C GLU C 475 -19.95 -3.61 -9.69
N ILE C 476 -20.05 -3.17 -10.94
CA ILE C 476 -21.35 -3.12 -11.62
C ILE C 476 -22.04 -4.47 -11.53
N ASN C 477 -21.34 -5.51 -11.94
CA ASN C 477 -21.92 -6.85 -11.94
C ASN C 477 -22.42 -7.28 -10.58
N THR C 478 -21.54 -7.27 -9.58
CA THR C 478 -21.96 -7.68 -8.25
C THR C 478 -23.08 -6.81 -7.71
N MET C 479 -23.22 -5.61 -8.27
CA MET C 479 -24.27 -4.69 -7.87
C MET C 479 -25.60 -5.14 -8.47
N ILE C 480 -25.55 -5.57 -9.74
CA ILE C 480 -26.73 -6.12 -10.42
C ILE C 480 -27.17 -7.37 -9.70
N TYR C 481 -26.21 -8.27 -9.47
CA TYR C 481 -26.44 -9.47 -8.69
C TYR C 481 -27.07 -9.15 -7.34
N THR C 482 -26.29 -8.51 -6.45
CA THR C 482 -26.74 -8.19 -5.10
C THR C 482 -28.13 -7.53 -5.07
N ILE C 483 -28.52 -6.84 -6.15
CA ILE C 483 -29.87 -6.28 -6.25
C ILE C 483 -30.87 -7.24 -6.89
N GLY C 484 -30.36 -8.13 -7.75
CA GLY C 484 -31.13 -9.18 -8.40
C GLY C 484 -32.44 -8.76 -9.05
N ALA C 485 -32.34 -8.04 -10.16
CA ALA C 485 -33.53 -7.63 -10.89
C ALA C 485 -33.16 -7.29 -12.33
N GLY C 486 -31.90 -7.49 -12.68
CA GLY C 486 -31.41 -7.29 -14.04
C GLY C 486 -31.19 -5.83 -14.44
N VAL C 487 -30.21 -5.62 -15.33
CA VAL C 487 -29.91 -4.30 -15.85
C VAL C 487 -30.90 -3.90 -16.98
N GLY C 488 -30.49 -2.92 -17.79
CA GLY C 488 -31.22 -2.47 -18.97
C GLY C 488 -32.74 -2.62 -19.06
N ALA C 489 -33.18 -3.01 -20.25
CA ALA C 489 -34.59 -3.25 -20.52
C ALA C 489 -35.06 -4.54 -19.86
N ASP C 490 -34.11 -5.41 -19.53
CA ASP C 490 -34.42 -6.62 -18.77
C ASP C 490 -34.55 -6.36 -17.25
N PHE C 491 -35.02 -5.17 -16.85
CA PHE C 491 -35.15 -4.85 -15.42
C PHE C 491 -36.59 -4.91 -14.90
N SER C 492 -36.78 -5.63 -13.80
CA SER C 492 -38.09 -5.72 -13.15
C SER C 492 -38.13 -5.11 -11.73
N ILE C 493 -38.95 -4.07 -11.55
CA ILE C 493 -39.08 -3.43 -10.23
C ILE C 493 -39.55 -4.40 -9.16
N GLU C 494 -40.24 -5.46 -9.57
CA GLU C 494 -40.90 -6.35 -8.61
C GLU C 494 -40.07 -7.57 -8.20
N ASP C 495 -38.91 -7.76 -8.84
CA ASP C 495 -38.01 -8.85 -8.48
C ASP C 495 -36.85 -8.37 -7.57
N ALA C 496 -36.88 -7.09 -7.22
CA ALA C 496 -35.83 -6.44 -6.44
C ALA C 496 -35.74 -6.92 -4.99
N ASN C 497 -34.53 -7.24 -4.55
CA ASN C 497 -34.32 -7.81 -3.23
C ASN C 497 -34.51 -6.85 -2.05
N TYR C 498 -34.49 -5.55 -2.30
CA TYR C 498 -34.55 -4.56 -1.22
C TYR C 498 -35.57 -3.49 -1.49
N ASP C 499 -36.11 -2.91 -0.41
CA ASP C 499 -37.02 -1.78 -0.50
C ASP C 499 -36.23 -0.50 -0.80
N LYS C 500 -35.11 -0.33 -0.12
CA LYS C 500 -34.31 0.89 -0.24
C LYS C 500 -32.91 0.57 -0.72
N ILE C 501 -32.37 1.44 -1.55
CA ILE C 501 -30.97 1.34 -1.95
C ILE C 501 -30.25 2.62 -1.58
N ILE C 502 -29.64 2.58 -0.41
CA ILE C 502 -29.02 3.74 0.21
C ILE C 502 -27.54 3.83 -0.14
N ILE C 503 -27.13 4.96 -0.70
CA ILE C 503 -25.74 5.19 -1.04
C ILE C 503 -25.15 5.97 0.10
N MET C 504 -24.28 5.32 0.86
CA MET C 504 -23.68 5.92 2.04
C MET C 504 -22.22 6.04 1.75
N THR C 505 -21.81 7.16 1.17
CA THR C 505 -20.40 7.40 0.94
C THR C 505 -19.93 8.38 1.96
N ASP C 506 -18.62 8.57 1.99
CA ASP C 506 -17.98 9.49 2.91
C ASP C 506 -18.53 10.90 2.69
N ALA C 507 -18.20 11.83 3.58
CA ALA C 507 -18.82 13.14 3.53
C ALA C 507 -18.07 14.13 2.63
N ASP C 508 -16.90 13.71 2.16
CA ASP C 508 -16.00 14.62 1.46
C ASP C 508 -16.29 14.79 -0.04
N THR C 509 -15.42 15.53 -0.72
CA THR C 509 -15.54 15.77 -2.15
C THR C 509 -15.75 14.46 -2.90
N ASP C 510 -14.74 13.60 -2.86
CA ASP C 510 -14.77 12.35 -3.63
C ASP C 510 -15.96 11.47 -3.28
N GLY C 511 -16.42 11.57 -2.04
CA GLY C 511 -17.71 11.04 -1.66
C GLY C 511 -18.80 11.53 -2.60
N ALA C 512 -18.91 12.86 -2.71
CA ALA C 512 -19.93 13.46 -3.56
C ALA C 512 -19.83 12.99 -5.01
N HIS C 513 -18.62 12.97 -5.54
CA HIS C 513 -18.42 12.48 -6.91
C HIS C 513 -18.95 11.08 -7.11
N ILE C 514 -18.75 10.23 -6.10
CA ILE C 514 -19.29 8.89 -6.19
C ILE C 514 -20.81 8.90 -6.15
N GLN C 515 -21.40 9.68 -5.24
CA GLN C 515 -22.86 9.82 -5.19
C GLN C 515 -23.37 10.11 -6.59
N THR C 516 -22.60 10.93 -7.30
CA THR C 516 -22.86 11.19 -8.71
C THR C 516 -22.78 9.91 -9.53
N LEU C 517 -21.58 9.49 -9.93
CA LEU C 517 -21.40 8.26 -10.73
C LEU C 517 -22.45 7.13 -10.52
N LEU C 518 -22.72 6.83 -9.25
CA LEU C 518 -23.70 5.82 -8.88
C LEU C 518 -25.12 6.25 -9.23
N LEU C 519 -25.48 7.48 -8.87
CA LEU C 519 -26.77 8.01 -9.26
C LEU C 519 -26.95 7.98 -10.77
N THR C 520 -25.88 8.23 -11.53
CA THR C 520 -25.99 8.14 -12.99
C THR C 520 -25.87 6.71 -13.54
N PHE C 521 -25.64 5.73 -12.68
CA PHE C 521 -25.83 4.34 -13.11
C PHE C 521 -27.26 3.84 -12.86
N PHE C 522 -27.87 4.22 -11.74
CA PHE C 522 -29.25 3.77 -11.50
C PHE C 522 -30.25 4.55 -12.35
N TYR C 523 -29.79 5.63 -12.93
CA TYR C 523 -30.65 6.36 -13.81
C TYR C 523 -30.56 5.77 -15.20
N ARG C 524 -29.34 5.45 -15.63
CA ARG C 524 -29.12 4.88 -16.96
C ARG C 524 -29.39 3.37 -17.13
N TYR C 525 -29.66 2.62 -16.05
CA TYR C 525 -29.69 1.17 -16.18
C TYR C 525 -30.63 0.43 -15.23
N MET C 526 -31.12 1.12 -14.21
CA MET C 526 -32.19 0.58 -13.37
C MET C 526 -33.19 1.70 -13.10
N ARG C 527 -33.40 2.51 -14.14
CA ARG C 527 -34.30 3.67 -14.06
C ARG C 527 -35.62 3.40 -13.35
N PRO C 528 -36.23 2.23 -13.56
CA PRO C 528 -37.46 2.02 -12.78
C PRO C 528 -37.20 2.06 -11.28
N LEU C 529 -36.02 1.60 -10.82
CA LEU C 529 -35.66 1.70 -9.39
C LEU C 529 -35.62 3.15 -8.97
N VAL C 530 -35.02 3.99 -9.81
CA VAL C 530 -34.86 5.40 -9.45
C VAL C 530 -36.22 6.10 -9.46
N GLU C 531 -37.05 5.75 -10.44
CA GLU C 531 -38.35 6.38 -10.67
C GLU C 531 -39.37 6.02 -9.59
N ALA C 532 -39.38 4.74 -9.21
CA ALA C 532 -40.21 4.21 -8.12
C ALA C 532 -39.85 4.73 -6.70
N GLY C 533 -38.79 5.53 -6.60
CA GLY C 533 -38.42 6.15 -5.34
C GLY C 533 -37.75 5.20 -4.35
N HIS C 534 -36.85 4.36 -4.85
CA HIS C 534 -36.20 3.36 -4.03
C HIS C 534 -34.70 3.58 -3.87
N VAL C 535 -34.15 4.55 -4.60
CA VAL C 535 -32.77 4.95 -4.35
C VAL C 535 -32.71 6.18 -3.48
N TYR C 536 -32.20 6.00 -2.27
CA TYR C 536 -32.02 7.09 -1.33
C TYR C 536 -30.51 7.34 -1.15
N ILE C 537 -30.17 8.41 -0.45
CA ILE C 537 -28.81 8.84 -0.24
C ILE C 537 -28.65 9.17 1.24
N ALA C 538 -27.68 8.53 1.88
CA ALA C 538 -27.49 8.69 3.33
C ALA C 538 -26.75 9.99 3.61
N LEU C 539 -27.16 10.68 4.66
CA LEU C 539 -26.49 11.93 5.01
C LEU C 539 -25.71 11.81 6.32
N PRO C 540 -24.52 11.19 6.32
CA PRO C 540 -23.72 11.09 7.54
C PRO C 540 -23.09 12.43 7.79
N PRO C 541 -22.55 12.67 8.99
CA PRO C 541 -21.92 13.97 9.24
C PRO C 541 -20.43 14.04 8.87
N LEU C 542 -19.93 15.26 8.66
CA LEU C 542 -18.51 15.51 8.34
C LEU C 542 -17.67 15.86 9.58
N TYR C 543 -18.26 16.62 10.51
CA TYR C 543 -17.56 17.02 11.73
C TYR C 543 -18.28 16.62 13.02
N LYS C 544 -17.61 16.85 14.14
CA LYS C 544 -18.16 16.57 15.46
C LYS C 544 -17.53 17.55 16.45
N MET C 545 -18.21 17.85 17.54
CA MET C 545 -17.70 18.81 18.52
C MET C 545 -17.14 18.23 19.81
N SER C 546 -16.43 19.08 20.55
CA SER C 546 -15.77 18.69 21.78
C SER C 546 -15.86 19.84 22.78
N LYS C 547 -16.60 19.63 23.87
CA LYS C 547 -16.83 20.70 24.85
C LYS C 547 -16.00 20.64 26.16
N GLY C 548 -15.97 19.50 26.87
CA GLY C 548 -16.67 18.27 26.52
C GLY C 548 -17.46 17.68 27.68
N ALA C 556 -22.87 16.43 19.85
CA ALA C 556 -22.79 17.72 19.18
C ALA C 556 -22.20 17.63 17.76
N TYR C 557 -23.00 17.20 16.79
CA TYR C 557 -22.52 16.87 15.44
C TYR C 557 -22.66 17.99 14.40
N ALA C 558 -22.02 17.81 13.25
CA ALA C 558 -21.94 18.89 12.25
C ALA C 558 -22.36 18.58 10.80
N TRP C 559 -23.61 18.94 10.51
CA TRP C 559 -24.16 19.00 9.15
C TRP C 559 -24.38 20.46 8.77
N ASP C 561 -23.20 23.88 9.64
CA ASP C 561 -22.59 25.20 9.71
C ASP C 561 -23.44 26.21 10.50
N GLY C 562 -24.63 25.80 10.92
CA GLY C 562 -25.56 26.70 11.59
C GLY C 562 -26.00 26.26 12.97
N GLU C 563 -26.02 24.95 13.21
CA GLU C 563 -26.30 24.40 14.53
C GLU C 563 -25.00 24.14 15.30
N LEU C 564 -23.88 24.16 14.59
CA LEU C 564 -22.55 24.07 15.18
C LEU C 564 -22.17 25.41 15.78
N GLU C 565 -22.99 26.43 15.50
CA GLU C 565 -22.83 27.75 16.07
C GLU C 565 -23.90 27.97 17.14
N GLU C 566 -25.09 27.45 16.88
CA GLU C 566 -26.19 27.52 17.85
C GLU C 566 -26.29 26.23 18.68
N LEU C 567 -25.31 26.04 19.56
CA LEU C 567 -25.29 24.90 20.48
C LEU C 567 -24.26 25.12 21.59
N ARG C 568 -23.55 26.24 21.51
CA ARG C 568 -22.49 26.55 22.44
C ARG C 568 -22.79 27.86 23.18
N LEU C 577 -13.39 20.10 17.10
CA LEU C 577 -13.76 19.65 15.77
C LEU C 577 -13.05 18.35 15.40
N GLN C 578 -13.59 17.68 14.40
CA GLN C 578 -13.02 16.45 13.90
C GLN C 578 -13.61 16.22 12.51
N ARG C 579 -12.81 16.41 11.45
CA ARG C 579 -13.29 16.14 10.08
C ARG C 579 -13.12 14.68 9.73
N TYR C 580 -14.25 14.06 9.40
CA TYR C 580 -14.29 12.64 9.14
C TYR C 580 -13.81 12.35 7.73
N LYS C 581 -12.63 11.73 7.63
CA LYS C 581 -12.02 11.36 6.34
C LYS C 581 -13.00 10.51 5.58
N GLY C 582 -13.54 9.54 6.30
CA GLY C 582 -14.49 8.60 5.76
C GLY C 582 -15.26 7.91 6.85
N LEU C 583 -16.06 6.93 6.49
CA LEU C 583 -16.89 6.29 7.47
C LEU C 583 -16.02 5.59 8.53
N GLY C 584 -14.95 4.94 8.07
CA GLY C 584 -14.15 4.09 8.91
C GLY C 584 -13.42 4.82 10.03
N GLU C 585 -13.62 6.12 10.10
CA GLU C 585 -13.06 6.90 11.19
C GLU C 585 -14.13 7.13 12.26
N MET C 586 -15.36 6.73 11.95
CA MET C 586 -16.45 6.81 12.91
C MET C 586 -16.61 5.47 13.65
N ASN C 587 -16.97 5.50 14.94
CA ASN C 587 -17.20 4.24 15.64
C ASN C 587 -18.63 3.79 15.34
N ALA C 588 -18.89 2.49 15.49
CA ALA C 588 -20.12 1.90 14.95
C ALA C 588 -21.39 2.48 15.54
N ASP C 589 -21.41 2.70 16.85
CA ASP C 589 -22.61 3.26 17.46
C ASP C 589 -22.90 4.66 16.96
N GLN C 590 -21.86 5.42 16.65
CA GLN C 590 -22.05 6.74 16.04
C GLN C 590 -22.68 6.62 14.64
N LEU C 591 -22.11 5.77 13.79
CA LEU C 591 -22.72 5.48 12.50
C LEU C 591 -24.20 5.15 12.66
N TRP C 592 -24.51 4.27 13.60
CA TRP C 592 -25.90 3.86 13.79
C TRP C 592 -26.79 5.02 14.21
N GLU C 593 -26.48 5.65 15.35
CA GLU C 593 -27.37 6.69 15.87
C GLU C 593 -27.49 7.91 14.92
N THR C 594 -26.45 8.17 14.14
CA THR C 594 -26.50 9.37 13.28
C THR C 594 -26.88 9.16 11.81
N THR C 595 -26.86 7.92 11.32
CA THR C 595 -27.10 7.75 9.88
C THR C 595 -27.80 6.44 9.41
N MET C 596 -27.62 5.34 10.13
CA MET C 596 -28.13 4.06 9.69
C MET C 596 -29.44 3.66 10.38
N ASN C 597 -29.77 4.36 11.46
CA ASN C 597 -30.92 4.00 12.28
C ASN C 597 -32.18 4.68 11.77
N PRO C 598 -33.23 3.89 11.52
CA PRO C 598 -34.48 4.46 11.02
C PRO C 598 -35.04 5.54 11.95
N GLU C 599 -35.17 5.25 13.24
CA GLU C 599 -35.82 6.17 14.16
C GLU C 599 -35.12 7.55 14.28
N THR C 600 -33.85 7.63 13.91
CA THR C 600 -33.09 8.85 14.15
C THR C 600 -32.61 9.54 12.87
N ARG C 601 -32.35 8.78 11.82
CA ARG C 601 -31.62 9.27 10.66
C ARG C 601 -32.37 10.30 9.83
N THR C 602 -31.63 10.97 8.94
CA THR C 602 -32.22 11.72 7.84
C THR C 602 -31.74 11.06 6.55
N LEU C 603 -32.58 11.09 5.51
CA LEU C 603 -32.25 10.50 4.21
C LEU C 603 -32.68 11.42 3.09
N ILE C 604 -31.88 11.57 2.03
CA ILE C 604 -32.33 12.35 0.87
C ILE C 604 -32.94 11.30 -0.06
N ARG C 605 -34.13 11.56 -0.62
CA ARG C 605 -34.83 10.54 -1.44
C ARG C 605 -34.98 10.92 -2.92
N VAL C 606 -34.16 10.28 -3.75
CA VAL C 606 -34.07 10.68 -5.14
C VAL C 606 -35.33 10.24 -5.85
N THR C 607 -35.86 11.16 -6.65
CA THR C 607 -37.06 10.96 -7.47
C THR C 607 -36.87 11.76 -8.75
N ILE C 608 -37.14 11.15 -9.91
CA ILE C 608 -37.07 11.86 -11.20
C ILE C 608 -38.37 12.66 -11.36
N GLU C 609 -38.27 13.99 -11.40
CA GLU C 609 -39.48 14.84 -11.40
C GLU C 609 -39.92 15.26 -12.82
N ASP C 610 -39.01 15.91 -13.53
CA ASP C 610 -39.25 16.33 -14.90
C ASP C 610 -38.31 15.53 -15.81
N LEU C 611 -38.72 14.30 -16.11
CA LEU C 611 -37.91 13.29 -16.84
C LEU C 611 -36.87 13.84 -17.84
N ALA C 612 -37.36 14.66 -18.76
CA ALA C 612 -36.55 15.19 -19.85
C ALA C 612 -35.38 16.03 -19.33
N ARG C 613 -35.67 16.87 -18.34
CA ARG C 613 -34.66 17.71 -17.71
C ARG C 613 -33.58 16.87 -16.99
N ALA C 614 -34.01 15.82 -16.28
CA ALA C 614 -33.08 14.85 -15.70
C ALA C 614 -32.13 14.30 -16.76
N GLU C 615 -32.69 13.75 -17.83
CA GLU C 615 -31.88 13.29 -18.97
C GLU C 615 -30.85 14.33 -19.45
N ARG C 616 -31.31 15.57 -19.61
CA ARG C 616 -30.42 16.63 -20.05
C ARG C 616 -29.27 16.78 -19.04
N ARG C 617 -29.59 16.79 -17.76
CA ARG C 617 -28.58 17.07 -16.74
C ARG C 617 -27.53 15.97 -16.59
N VAL C 618 -27.98 14.72 -16.45
CA VAL C 618 -27.03 13.59 -16.38
C VAL C 618 -26.17 13.63 -17.65
N ASN C 619 -26.77 14.06 -18.76
CA ASN C 619 -25.98 14.17 -19.98
C ASN C 619 -24.89 15.27 -19.90
N VAL C 620 -25.22 16.48 -19.45
CA VAL C 620 -24.21 17.55 -19.37
C VAL C 620 -23.08 17.14 -18.45
N LEU C 621 -23.47 16.79 -17.24
CA LEU C 621 -22.50 16.56 -16.20
C LEU C 621 -21.64 15.33 -16.47
N MET C 622 -22.28 14.19 -16.70
CA MET C 622 -21.59 12.90 -16.68
C MET C 622 -21.19 12.34 -18.05
N GLY C 623 -21.61 13.02 -19.12
CA GLY C 623 -21.32 12.60 -20.48
C GLY C 623 -19.95 12.90 -21.05
N ASP C 624 -19.77 12.65 -22.35
CA ASP C 624 -18.44 12.63 -22.96
C ASP C 624 -17.96 14.01 -23.37
N LYS C 625 -18.88 14.91 -23.67
CA LYS C 625 -18.49 16.20 -24.21
C LYS C 625 -18.18 17.18 -23.08
N VAL C 626 -16.93 17.61 -22.98
CA VAL C 626 -16.49 18.54 -21.92
C VAL C 626 -17.14 19.93 -21.99
N GLU C 627 -17.38 20.41 -23.21
CA GLU C 627 -17.86 21.78 -23.40
C GLU C 627 -19.04 22.17 -22.53
N PRO C 628 -20.18 21.48 -22.69
CA PRO C 628 -21.37 21.94 -21.96
C PRO C 628 -21.20 21.77 -20.46
N ARG C 629 -20.29 20.87 -20.07
CA ARG C 629 -20.02 20.61 -18.68
C ARG C 629 -19.30 21.84 -18.14
N ARG C 630 -18.38 22.38 -18.93
CA ARG C 630 -17.64 23.56 -18.52
C ARG C 630 -18.58 24.75 -18.47
N LYS C 631 -19.43 24.91 -19.47
CA LYS C 631 -20.39 26.02 -19.46
C LYS C 631 -21.25 25.89 -18.23
N TRP C 632 -21.68 24.67 -17.94
CA TRP C 632 -22.49 24.41 -16.76
C TRP C 632 -21.76 24.89 -15.52
N ILE C 633 -20.47 24.59 -15.43
CA ILE C 633 -19.74 25.01 -14.26
C ILE C 633 -19.75 26.53 -14.20
N GLU C 634 -19.35 27.17 -15.29
CA GLU C 634 -19.26 28.64 -15.33
C GLU C 634 -20.58 29.28 -14.88
N ASP C 635 -21.68 28.76 -15.41
CA ASP C 635 -23.00 29.31 -15.20
C ASP C 635 -23.57 29.01 -13.80
N ASN C 636 -23.18 27.88 -13.22
CA ASN C 636 -23.77 27.42 -11.96
C ASN C 636 -22.85 27.51 -10.74
N VAL C 637 -21.63 26.99 -10.86
CA VAL C 637 -20.68 27.00 -9.75
C VAL C 637 -20.27 28.42 -9.34
N LYS C 638 -20.42 28.74 -8.06
CA LYS C 638 -19.92 30.01 -7.53
C LYS C 638 -18.55 29.87 -6.81
N PHE C 639 -17.46 30.12 -7.53
CA PHE C 639 -16.11 29.95 -7.01
C PHE C 639 -15.83 30.87 -5.85
N THR C 640 -16.77 31.78 -5.63
CA THR C 640 -16.75 32.63 -4.45
C THR C 640 -18.18 33.05 -4.03
N LEU C 641 -18.57 32.68 -2.81
CA LEU C 641 -17.75 31.80 -2.00
C LEU C 641 -18.64 30.75 -1.36
N GLU C 642 -19.92 30.81 -1.69
CA GLU C 642 -20.88 29.81 -1.23
C GLU C 642 -20.79 29.51 0.27
N ASN C 651 -37.22 13.43 8.46
CA ASN C 651 -36.50 12.16 8.29
C ASN C 651 -36.19 11.91 6.80
N ILE C 652 -37.14 11.32 6.09
CA ILE C 652 -37.01 11.19 4.64
C ILE C 652 -37.40 12.53 4.00
N GLN C 653 -36.67 12.91 2.94
CA GLN C 653 -36.77 14.24 2.37
C GLN C 653 -36.30 14.20 0.93
N ASN C 654 -37.25 14.39 0.02
CA ASN C 654 -36.98 14.16 -1.38
C ASN C 654 -36.32 15.37 -2.04
N MET C 655 -35.37 15.10 -2.92
CA MET C 655 -34.78 16.12 -3.76
C MET C 655 -34.95 15.48 -5.14
N SER C 656 -34.96 16.28 -6.20
CA SER C 656 -35.07 15.74 -7.55
C SER C 656 -33.73 15.22 -8.01
N LEU C 657 -33.75 14.32 -9.00
CA LEU C 657 -32.52 13.84 -9.62
C LEU C 657 -31.67 15.01 -10.08
N GLU C 658 -32.31 16.02 -10.68
CA GLU C 658 -31.60 17.17 -11.26
C GLU C 658 -30.88 17.95 -10.20
N ASP C 659 -31.60 18.29 -9.14
CA ASP C 659 -30.99 19.06 -8.07
C ASP C 659 -29.88 18.26 -7.39
N ILE C 660 -30.16 17.02 -6.96
CA ILE C 660 -29.18 16.17 -6.26
C ILE C 660 -27.88 16.06 -7.08
N MET C 661 -28.03 15.70 -8.37
CA MET C 661 -26.91 15.66 -9.30
C MET C 661 -26.21 17.01 -9.42
N GLY C 662 -27.01 18.07 -9.35
CA GLY C 662 -26.51 19.43 -9.31
C GLY C 662 -25.52 19.66 -8.17
N GLU C 663 -26.03 19.67 -6.93
CA GLU C 663 -25.19 19.92 -5.76
C GLU C 663 -23.98 19.01 -5.80
N ARG C 664 -24.20 17.69 -5.79
CA ARG C 664 -23.05 16.76 -5.75
C ARG C 664 -21.98 16.97 -6.81
N PHE C 665 -22.38 17.19 -8.07
CA PHE C 665 -21.34 17.40 -9.05
C PHE C 665 -20.69 18.76 -8.89
N GLY C 666 -21.46 19.76 -8.47
CA GLY C 666 -20.91 21.09 -8.30
C GLY C 666 -19.86 21.12 -7.22
N ARG C 667 -20.18 20.47 -6.10
CA ARG C 667 -19.27 20.32 -4.97
C ARG C 667 -17.99 19.65 -5.44
N TYR C 668 -18.13 18.50 -6.11
CA TYR C 668 -16.95 17.83 -6.64
C TYR C 668 -16.12 18.75 -7.56
N SER C 669 -16.76 19.27 -8.59
CA SER C 669 -16.15 20.15 -9.60
C SER C 669 -15.36 21.32 -8.98
N LYS C 670 -16.03 22.11 -8.16
CA LYS C 670 -15.40 23.24 -7.49
C LYS C 670 -14.16 22.80 -6.68
N TYR C 671 -14.35 21.83 -5.77
CA TYR C 671 -13.22 21.43 -4.95
C TYR C 671 -12.05 20.95 -5.81
N ILE C 672 -12.37 20.15 -6.81
CA ILE C 672 -11.33 19.47 -7.59
C ILE C 672 -10.61 20.46 -8.53
N ILE C 673 -11.27 21.58 -8.86
CA ILE C 673 -10.63 22.66 -9.63
C ILE C 673 -9.74 23.55 -8.79
N GLN C 674 -10.35 24.16 -7.77
CA GLN C 674 -9.65 24.99 -6.80
C GLN C 674 -8.56 24.26 -6.03
N ASP C 675 -8.87 23.08 -5.50
CA ASP C 675 -8.10 22.49 -4.42
C ASP C 675 -7.34 21.21 -4.72
N ARG C 676 -7.07 20.94 -5.99
CA ARG C 676 -6.35 19.70 -6.31
C ARG C 676 -5.40 19.85 -7.46
N ALA C 677 -5.96 20.14 -8.63
CA ALA C 677 -5.31 19.88 -9.89
C ALA C 677 -4.67 21.09 -10.51
N LEU C 678 -5.34 22.23 -10.47
CA LEU C 678 -4.81 23.42 -11.13
C LEU C 678 -3.95 24.24 -10.17
N PRO C 679 -2.85 24.82 -10.68
CA PRO C 679 -1.96 25.68 -9.88
C PRO C 679 -2.47 27.11 -9.64
N ASP C 680 -1.87 27.79 -8.66
CA ASP C 680 -2.15 29.19 -8.40
C ASP C 680 -1.38 30.02 -9.40
N ILE C 681 -2.04 31.00 -10.01
CA ILE C 681 -1.41 31.78 -11.04
C ILE C 681 -0.20 32.57 -10.53
N ARG C 682 -0.10 32.71 -9.21
CA ARG C 682 0.98 33.45 -8.55
C ARG C 682 2.20 32.58 -8.24
N ASP C 683 2.07 31.67 -7.28
CA ASP C 683 3.19 30.79 -6.91
C ASP C 683 3.34 29.54 -7.80
N GLY C 684 2.34 29.27 -8.63
CA GLY C 684 2.42 28.18 -9.58
C GLY C 684 2.36 26.77 -8.99
N LEU C 685 1.82 26.67 -7.78
CA LEU C 685 1.77 25.39 -7.08
C LEU C 685 0.36 24.91 -6.86
N LYS C 686 0.16 23.60 -6.94
CA LYS C 686 -1.08 22.97 -6.47
C LYS C 686 -1.02 22.79 -4.96
N PRO C 687 -2.17 22.73 -4.29
CA PRO C 687 -2.24 22.52 -2.84
C PRO C 687 -1.26 21.50 -2.31
N VAL C 688 -1.22 20.29 -2.86
CA VAL C 688 -0.32 19.29 -2.33
C VAL C 688 1.17 19.70 -2.38
N GLN C 689 1.60 20.40 -3.43
CA GLN C 689 3.00 20.78 -3.52
C GLN C 689 3.31 21.91 -2.53
N ARG C 690 2.38 22.84 -2.37
CA ARG C 690 2.59 23.94 -1.44
C ARG C 690 2.66 23.37 -0.03
N ARG C 691 1.75 22.46 0.29
CA ARG C 691 1.71 21.84 1.60
C ARG C 691 2.97 21.05 1.90
N ILE C 692 3.48 20.34 0.90
CA ILE C 692 4.78 19.71 1.03
C ILE C 692 5.89 20.72 1.32
N LEU C 693 6.04 21.74 0.48
CA LEU C 693 7.10 22.75 0.72
C LEU C 693 6.97 23.41 2.08
N TYR C 694 5.74 23.78 2.45
CA TYR C 694 5.49 24.47 3.69
C TYR C 694 5.75 23.61 4.92
N SER C 695 5.26 22.36 4.90
CA SER C 695 5.44 21.47 6.03
C SER C 695 6.89 21.08 6.19
N MET C 696 7.56 20.81 5.08
CA MET C 696 8.95 20.45 5.15
C MET C 696 9.76 21.62 5.71
N ASN C 697 9.59 22.77 5.09
CA ASN C 697 10.25 23.96 5.59
C ASN C 697 9.93 24.25 7.09
N LYS C 698 8.69 24.13 7.51
CA LYS C 698 8.35 24.36 8.91
C LYS C 698 9.12 23.39 9.79
N ASP C 699 9.34 22.17 9.31
CA ASP C 699 10.06 21.16 10.11
C ASP C 699 11.57 21.34 10.07
N SER C 700 12.03 22.42 9.46
CA SER C 700 13.46 22.76 9.33
C SER C 700 14.24 21.89 8.36
N ASN C 701 13.52 21.07 7.59
CA ASN C 701 14.11 20.18 6.61
C ASN C 701 14.46 20.97 5.37
N THR C 702 15.63 21.59 5.38
CA THR C 702 15.99 22.51 4.31
C THR C 702 17.27 22.09 3.63
N PHE C 703 17.68 22.87 2.64
CA PHE C 703 18.81 22.46 1.80
C PHE C 703 20.10 22.43 2.60
N ASP C 704 20.19 23.30 3.59
CA ASP C 704 21.44 23.56 4.28
C ASP C 704 21.65 22.66 5.50
N LYS C 705 20.75 21.69 5.68
CA LYS C 705 20.84 20.77 6.82
C LYS C 705 20.86 19.29 6.37
N SER C 706 20.65 18.39 7.32
CA SER C 706 20.61 16.98 7.00
C SER C 706 19.54 16.67 5.97
N TYR C 707 19.58 15.46 5.44
CA TYR C 707 18.44 14.90 4.73
C TYR C 707 17.58 14.29 5.83
N ARG C 708 16.45 13.69 5.46
CA ARG C 708 15.51 13.16 6.43
C ARG C 708 14.52 12.17 5.79
N LYS C 709 14.41 10.99 6.40
CA LYS C 709 13.55 9.90 5.91
C LYS C 709 12.14 10.34 5.50
N SER C 710 11.87 10.23 4.21
CA SER C 710 10.61 10.63 3.59
C SER C 710 9.33 10.32 4.36
N ALA C 711 9.18 9.08 4.83
CA ALA C 711 7.90 8.63 5.40
C ALA C 711 7.50 9.33 6.71
N LYS C 712 8.48 9.92 7.40
CA LYS C 712 8.22 10.82 8.50
C LYS C 712 7.54 12.08 7.92
N SER C 713 8.19 12.67 6.91
CA SER C 713 7.68 13.85 6.24
C SER C 713 6.28 13.65 5.75
N VAL C 714 6.04 12.53 5.06
CA VAL C 714 4.73 12.21 4.53
C VAL C 714 3.71 12.05 5.65
N GLY C 715 4.11 11.37 6.72
CA GLY C 715 3.24 11.20 7.88
C GLY C 715 2.80 12.54 8.44
N ASN C 716 3.73 13.47 8.56
CA ASN C 716 3.42 14.81 9.06
C ASN C 716 2.53 15.63 8.12
N ILE C 717 2.94 15.73 6.87
CA ILE C 717 2.14 16.38 5.85
C ILE C 717 0.69 15.87 5.86
N MET C 718 0.49 14.56 6.08
CA MET C 718 -0.86 13.98 6.13
C MET C 718 -1.45 14.09 7.53
N GLY C 719 -0.62 14.46 8.49
CA GLY C 719 -1.09 14.61 9.85
C GLY C 719 -1.65 15.99 10.07
N ASN C 720 -1.13 16.97 9.32
CA ASN C 720 -1.32 18.38 9.61
C ASN C 720 -1.93 19.26 8.52
N PHE C 721 -1.81 18.86 7.26
CA PHE C 721 -2.21 19.75 6.18
C PHE C 721 -3.03 19.09 5.07
N HIS C 722 -2.69 17.84 4.76
CA HIS C 722 -3.21 17.18 3.57
C HIS C 722 -3.89 15.85 3.86
N PRO C 723 -5.22 15.89 4.04
CA PRO C 723 -6.09 14.76 4.38
C PRO C 723 -6.34 13.74 3.27
N HIS C 724 -5.30 13.13 2.74
CA HIS C 724 -5.47 12.23 1.60
C HIS C 724 -4.41 11.16 1.71
N GLY C 725 -4.33 10.24 0.77
CA GLY C 725 -3.42 9.14 0.93
C GLY C 725 -1.94 9.49 0.90
N ASP C 726 -1.16 8.84 1.77
CA ASP C 726 0.30 8.98 1.76
C ASP C 726 0.85 8.68 0.36
N SER C 727 0.08 7.89 -0.39
CA SER C 727 0.38 7.62 -1.78
C SER C 727 0.58 8.93 -2.54
N SER C 728 -0.47 9.74 -2.61
CA SER C 728 -0.45 10.97 -3.40
C SER C 728 0.66 11.92 -2.96
N ILE C 729 0.84 12.00 -1.64
CA ILE C 729 1.83 12.88 -1.07
C ILE C 729 3.25 12.48 -1.47
N TYR C 730 3.61 11.22 -1.24
CA TYR C 730 4.96 10.82 -1.61
C TYR C 730 5.15 10.97 -3.10
N ASP C 731 4.08 10.72 -3.85
CA ASP C 731 4.18 10.78 -5.30
C ASP C 731 4.57 12.18 -5.75
N ALA C 732 3.86 13.17 -5.21
CA ALA C 732 4.12 14.58 -5.53
C ALA C 732 5.51 14.98 -5.11
N MET C 733 5.86 14.55 -3.90
CA MET C 733 7.17 14.89 -3.36
C MET C 733 8.27 14.32 -4.22
N VAL C 734 8.05 13.12 -4.72
CA VAL C 734 9.04 12.53 -5.59
C VAL C 734 9.17 13.33 -6.88
N ARG C 735 8.06 13.56 -7.55
CA ARG C 735 8.09 14.31 -8.81
C ARG C 735 8.84 15.61 -8.63
N MET C 736 8.67 16.26 -7.47
CA MET C 736 9.37 17.52 -7.26
C MET C 736 10.91 17.36 -7.19
N SER C 737 11.40 16.13 -7.22
CA SER C 737 12.84 15.87 -7.09
C SER C 737 13.49 15.42 -8.37
N GLN C 738 12.71 15.31 -9.45
CA GLN C 738 13.21 14.72 -10.69
C GLN C 738 13.55 15.77 -11.75
N ASN C 739 14.86 15.96 -11.94
CA ASN C 739 15.35 17.04 -12.76
C ASN C 739 14.99 16.90 -14.23
N TRP C 740 14.39 15.77 -14.59
CA TRP C 740 13.87 15.61 -15.93
C TRP C 740 12.37 15.83 -15.96
N LYS C 741 11.78 16.24 -14.84
CA LYS C 741 10.38 16.58 -14.85
C LYS C 741 10.29 18.06 -14.53
N ASN C 742 11.01 18.49 -13.50
CA ASN C 742 11.02 19.90 -13.19
C ASN C 742 12.29 20.57 -13.66
N ARG C 743 12.14 21.76 -14.21
CA ARG C 743 13.26 22.50 -14.77
C ARG C 743 14.19 22.98 -13.68
N GLU C 744 13.60 23.45 -12.59
CA GLU C 744 14.33 23.83 -11.38
C GLU C 744 13.77 23.01 -10.18
N ILE C 745 14.53 22.05 -9.67
CA ILE C 745 13.95 21.11 -8.72
C ILE C 745 13.77 21.72 -7.36
N LEU C 746 12.66 21.36 -6.72
CA LEU C 746 12.26 21.95 -5.46
C LEU C 746 12.60 21.08 -4.28
N VAL C 747 12.83 19.79 -4.53
CA VAL C 747 13.15 18.86 -3.45
C VAL C 747 14.33 18.00 -3.86
N GLU C 748 15.30 17.88 -2.97
CA GLU C 748 16.44 17.01 -3.20
C GLU C 748 16.12 15.71 -2.51
N MET C 749 16.31 14.59 -3.20
CA MET C 749 16.02 13.30 -2.61
C MET C 749 17.27 12.38 -2.68
N HIS C 750 17.45 11.56 -1.65
CA HIS C 750 18.58 10.66 -1.63
C HIS C 750 18.06 9.27 -1.87
N GLY C 751 18.67 8.58 -2.84
CA GLY C 751 18.32 7.20 -3.15
C GLY C 751 17.60 7.04 -4.47
N ASN C 752 17.01 5.88 -4.67
CA ASN C 752 16.27 5.63 -5.90
C ASN C 752 15.06 6.55 -5.93
N ASN C 753 15.11 7.56 -6.80
CA ASN C 753 13.99 8.48 -6.88
C ASN C 753 13.39 8.53 -8.28
N GLY C 754 13.50 7.42 -9.02
CA GLY C 754 12.95 7.31 -10.36
C GLY C 754 14.06 7.47 -11.38
N SER C 755 13.69 7.39 -12.65
CA SER C 755 14.62 7.68 -13.75
C SER C 755 13.83 7.83 -15.04
N MET C 756 14.47 8.29 -16.09
CA MET C 756 13.73 8.57 -17.32
C MET C 756 13.15 7.35 -17.96
N ASP C 757 13.61 6.18 -17.52
CA ASP C 757 13.07 4.93 -18.02
C ASP C 757 11.71 4.69 -17.39
N GLY C 758 11.43 5.36 -16.29
CA GLY C 758 10.13 5.28 -15.69
C GLY C 758 10.06 4.32 -14.54
N ASP C 759 11.21 3.79 -14.11
CA ASP C 759 11.22 2.82 -13.02
C ASP C 759 10.75 3.47 -11.73
N PRO C 760 10.10 2.68 -10.88
CA PRO C 760 9.53 3.17 -9.62
C PRO C 760 10.59 3.68 -8.68
N PRO C 761 10.30 4.79 -7.99
CA PRO C 761 11.16 5.38 -6.94
C PRO C 761 11.22 4.40 -5.78
N ALA C 762 12.17 4.56 -4.87
CA ALA C 762 12.18 3.68 -3.70
C ALA C 762 10.89 3.97 -2.94
N ALA C 763 10.20 2.93 -2.49
CA ALA C 763 9.07 3.12 -1.59
C ALA C 763 9.46 3.99 -0.38
N MET C 764 8.54 4.80 0.13
CA MET C 764 8.92 5.90 1.01
C MET C 764 9.69 5.57 2.29
N ARG C 765 9.75 4.28 2.66
CA ARG C 765 10.52 3.90 3.85
C ARG C 765 12.04 4.10 3.65
N TYR C 766 12.47 4.13 2.39
CA TYR C 766 13.90 4.19 2.09
C TYR C 766 14.46 5.60 1.98
N THR C 767 13.91 6.40 1.08
CA THR C 767 14.55 7.63 0.59
C THR C 767 14.57 8.89 1.47
N GLU C 768 15.78 9.35 1.77
CA GLU C 768 15.95 10.64 2.44
C GLU C 768 15.57 11.77 1.49
N ALA C 769 14.99 12.84 2.03
CA ALA C 769 14.67 14.04 1.25
C ALA C 769 14.83 15.33 2.05
N ARG C 770 14.91 16.45 1.33
CA ARG C 770 15.10 17.78 1.94
C ARG C 770 14.86 18.86 0.89
N LEU C 771 14.32 20.01 1.30
CA LEU C 771 14.09 21.11 0.36
C LEU C 771 15.34 21.48 -0.42
N SER C 772 15.19 21.94 -1.65
CA SER C 772 16.35 22.43 -2.39
C SER C 772 16.63 23.87 -1.97
N GLU C 773 17.56 24.52 -2.65
CA GLU C 773 17.89 25.88 -2.25
C GLU C 773 16.94 26.92 -2.81
N ILE C 774 16.45 26.67 -4.03
CA ILE C 774 15.64 27.67 -4.69
C ILE C 774 14.23 27.65 -4.06
N ALA C 775 13.93 26.53 -3.42
CA ALA C 775 12.63 26.38 -2.77
C ALA C 775 12.54 27.38 -1.64
N GLY C 776 13.68 27.62 -0.99
CA GLY C 776 13.73 28.58 0.08
C GLY C 776 13.24 29.90 -0.45
N TYR C 777 13.69 30.23 -1.65
CA TYR C 777 13.25 31.45 -2.28
C TYR C 777 11.77 31.38 -2.61
N LEU C 778 11.21 30.18 -2.72
CA LEU C 778 9.74 30.15 -2.81
C LEU C 778 9.04 30.52 -1.50
N LEU C 779 9.74 30.40 -0.37
CA LEU C 779 9.11 30.64 0.92
C LEU C 779 9.72 31.78 1.71
N GLN C 780 10.53 32.61 1.07
CA GLN C 780 11.15 33.67 1.83
C GLN C 780 10.10 34.64 2.39
N ASP C 781 10.28 34.99 3.67
CA ASP C 781 9.44 35.98 4.35
C ASP C 781 8.09 35.47 4.72
N ILE C 782 7.86 34.17 4.62
CA ILE C 782 6.56 33.64 5.04
C ILE C 782 6.31 33.89 6.52
N GLU C 783 7.39 34.09 7.27
CA GLU C 783 7.28 34.34 8.70
C GLU C 783 6.89 35.80 9.02
N LYS C 784 7.13 36.70 8.07
CA LYS C 784 6.86 38.11 8.26
C LYS C 784 5.46 38.52 7.81
N LYS C 785 4.47 37.67 8.06
CA LYS C 785 3.07 37.94 7.71
C LYS C 785 2.91 38.57 6.34
N THR C 786 3.19 37.79 5.30
CA THR C 786 3.32 38.31 3.94
C THR C 786 2.22 37.79 3.05
N VAL C 787 1.53 36.79 3.56
CA VAL C 787 0.68 35.97 2.74
C VAL C 787 -0.46 35.46 3.62
N PRO C 788 -1.63 35.21 3.02
CA PRO C 788 -2.86 34.76 3.70
C PRO C 788 -2.78 33.36 4.28
N PHE C 789 -2.94 33.21 5.58
CA PHE C 789 -3.01 31.87 6.15
C PHE C 789 -4.45 31.44 6.31
N ALA C 790 -4.65 30.23 6.84
CA ALA C 790 -5.98 29.63 6.83
C ALA C 790 -5.95 28.36 7.69
N TRP C 791 -7.05 28.07 8.40
CA TRP C 791 -7.10 26.87 9.24
C TRP C 791 -7.03 25.63 8.38
N ASN C 792 -6.34 24.61 8.87
CA ASN C 792 -6.31 23.34 8.16
C ASN C 792 -7.56 22.56 8.48
N PHE C 793 -7.70 21.39 7.85
CA PHE C 793 -8.92 20.57 7.93
C PHE C 793 -9.38 20.26 9.34
N ASP C 794 -8.43 20.40 10.26
CA ASP C 794 -8.51 19.87 11.61
C ASP C 794 -8.69 20.98 12.63
N ASP C 795 -8.02 22.10 12.36
CA ASP C 795 -7.94 23.29 13.22
C ASP C 795 -6.81 23.29 14.24
N THR C 796 -5.97 22.26 14.20
CA THR C 796 -4.71 22.30 14.95
C THR C 796 -3.78 23.47 14.52
N GLU C 797 -3.76 23.80 13.24
CA GLU C 797 -2.77 24.72 12.71
C GLU C 797 -3.31 25.63 11.61
N LYS C 798 -2.61 26.72 11.36
CA LYS C 798 -2.88 27.53 10.20
C LYS C 798 -1.83 27.16 9.16
N GLU C 799 -2.19 27.30 7.89
CA GLU C 799 -1.28 27.02 6.79
C GLU C 799 -1.42 28.09 5.72
N PRO C 800 -0.36 28.29 4.91
CA PRO C 800 -0.41 29.33 3.88
C PRO C 800 -1.32 28.93 2.71
N THR C 801 -2.03 29.90 2.13
CA THR C 801 -2.85 29.64 0.95
C THR C 801 -2.05 29.91 -0.30
N VAL C 802 -0.91 30.57 -0.16
CA VAL C 802 -0.06 30.88 -1.30
C VAL C 802 1.31 31.19 -0.72
N LEU C 803 2.36 31.01 -1.50
CA LEU C 803 3.69 31.32 -0.99
C LEU C 803 4.16 32.66 -1.53
N PRO C 804 5.02 33.35 -0.79
CA PRO C 804 5.65 34.59 -1.24
C PRO C 804 6.21 34.50 -2.65
N ALA C 805 6.91 33.42 -2.95
CA ALA C 805 7.37 33.19 -4.33
C ALA C 805 8.30 34.27 -4.88
N ALA C 806 9.54 34.25 -4.42
CA ALA C 806 10.51 35.25 -4.84
C ALA C 806 10.94 35.08 -6.27
N PHE C 807 10.53 33.98 -6.92
CA PHE C 807 10.75 33.78 -8.35
C PHE C 807 9.45 33.25 -8.99
N PRO C 808 9.25 33.47 -10.31
CA PRO C 808 7.99 33.14 -11.01
C PRO C 808 7.81 31.66 -11.41
N ASN C 809 7.45 30.83 -10.44
CA ASN C 809 7.46 29.38 -10.57
C ASN C 809 6.62 28.81 -11.71
N LEU C 810 5.37 29.26 -11.78
CA LEU C 810 4.37 28.74 -12.72
C LEU C 810 4.90 28.69 -14.12
N LEU C 811 5.59 29.72 -14.54
CA LEU C 811 6.15 29.70 -15.88
C LEU C 811 7.48 28.91 -15.94
N VAL C 812 8.22 28.89 -14.83
CA VAL C 812 9.53 28.25 -14.85
C VAL C 812 9.48 26.71 -14.80
N ASN C 813 8.71 26.18 -13.85
CA ASN C 813 8.60 24.75 -13.67
C ASN C 813 7.42 24.15 -14.41
N GLY C 814 6.34 24.91 -14.50
CA GLY C 814 5.22 24.50 -15.31
C GLY C 814 4.14 23.87 -14.46
N SER C 815 3.18 23.25 -15.12
CA SER C 815 2.05 22.66 -14.45
C SER C 815 1.27 21.84 -15.47
N THR C 816 0.60 20.81 -14.96
CA THR C 816 -0.02 19.78 -15.75
C THR C 816 -0.60 18.79 -14.74
N GLY C 817 -1.91 18.53 -14.72
CA GLY C 817 -2.93 19.37 -15.30
C GLY C 817 -4.28 18.74 -15.65
N ILE C 818 -4.90 17.90 -14.80
CA ILE C 818 -6.20 17.35 -15.19
C ILE C 818 -7.24 17.49 -14.13
N SER C 819 -8.13 18.44 -14.33
CA SER C 819 -9.19 18.71 -13.37
C SER C 819 -10.50 18.13 -13.87
N ALA C 820 -11.60 18.84 -13.70
CA ALA C 820 -12.91 18.45 -14.22
C ALA C 820 -13.61 19.65 -14.84
N GLY C 821 -13.61 19.71 -16.17
CA GLY C 821 -14.21 20.83 -16.87
C GLY C 821 -13.08 21.70 -17.36
N TYR C 822 -11.96 21.60 -16.67
CA TYR C 822 -10.79 22.34 -17.07
C TYR C 822 -9.61 21.40 -16.99
N ALA C 823 -8.55 21.69 -17.73
CA ALA C 823 -7.32 20.90 -17.58
C ALA C 823 -6.19 21.76 -18.05
N THR C 824 -5.05 21.70 -17.36
CA THR C 824 -3.96 22.62 -17.62
C THR C 824 -2.68 21.99 -18.15
N ASP C 825 -2.03 22.69 -19.05
CA ASP C 825 -0.75 22.26 -19.54
C ASP C 825 0.16 23.42 -19.87
N ILE C 826 1.17 23.62 -19.02
CA ILE C 826 2.05 24.78 -19.13
C ILE C 826 3.48 24.31 -19.10
N PRO C 827 4.19 24.50 -20.20
CA PRO C 827 5.56 23.99 -20.25
C PRO C 827 6.47 24.82 -19.39
N PRO C 828 7.56 24.22 -18.94
CA PRO C 828 8.60 24.92 -18.17
C PRO C 828 9.33 25.99 -19.01
N HIS C 829 10.01 26.92 -18.33
CA HIS C 829 10.81 27.95 -18.98
C HIS C 829 12.14 28.19 -18.27
N ASN C 830 13.03 28.97 -18.92
CA ASN C 830 14.32 29.29 -18.34
C ASN C 830 14.26 30.43 -17.32
N LEU C 831 14.56 30.14 -16.07
CA LEU C 831 14.48 31.09 -14.96
C LEU C 831 14.97 32.48 -15.33
N ALA C 832 16.11 32.53 -16.02
CA ALA C 832 16.69 33.79 -16.50
C ALA C 832 15.71 34.53 -17.39
N GLU C 833 15.39 33.94 -18.54
CA GLU C 833 14.43 34.54 -19.47
C GLU C 833 13.11 34.98 -18.78
N VAL C 834 12.59 34.18 -17.88
CA VAL C 834 11.35 34.57 -17.23
C VAL C 834 11.55 35.83 -16.39
N ILE C 835 12.56 35.82 -15.55
CA ILE C 835 12.86 37.01 -14.78
C ILE C 835 13.04 38.24 -15.70
N ASP C 836 13.83 38.09 -16.76
CA ASP C 836 14.03 39.18 -17.71
C ASP C 836 12.72 39.77 -18.21
N ALA C 837 11.77 38.90 -18.58
CA ALA C 837 10.47 39.43 -19.01
C ALA C 837 9.73 40.12 -17.85
N ALA C 838 9.61 39.46 -16.70
CA ALA C 838 8.95 40.08 -15.56
C ALA C 838 9.53 41.47 -15.24
N VAL C 839 10.85 41.61 -15.39
CA VAL C 839 11.53 42.85 -15.05
C VAL C 839 11.29 43.90 -16.12
N TYR C 840 11.24 43.50 -17.38
CA TYR C 840 10.84 44.47 -18.40
C TYR C 840 9.42 44.93 -18.17
N MET C 841 8.53 44.01 -17.88
CA MET C 841 7.13 44.33 -17.69
C MET C 841 6.88 45.16 -16.43
N ILE C 842 7.81 45.12 -15.48
CA ILE C 842 7.71 45.96 -14.31
C ILE C 842 7.82 47.44 -14.69
N ASP C 843 8.69 47.72 -15.65
CA ASP C 843 8.88 49.08 -16.12
C ASP C 843 7.93 49.38 -17.25
N HIS C 844 7.23 48.38 -17.76
CA HIS C 844 6.41 48.57 -18.97
C HIS C 844 5.09 47.79 -18.95
N PRO C 845 4.16 48.13 -18.04
CA PRO C 845 2.88 47.42 -17.89
C PRO C 845 2.18 47.15 -19.21
N THR C 846 2.34 48.08 -20.15
CA THR C 846 1.63 48.01 -21.42
C THR C 846 2.23 47.10 -22.48
N ALA C 847 3.34 46.42 -22.18
CA ALA C 847 4.10 45.71 -23.21
C ALA C 847 3.30 44.70 -24.05
N LYS C 848 3.68 44.58 -25.31
CA LYS C 848 2.98 43.70 -26.24
C LYS C 848 3.75 42.38 -26.38
N ILE C 849 3.10 41.32 -26.86
CA ILE C 849 3.75 40.00 -26.85
C ILE C 849 5.05 39.91 -27.65
N ASP C 850 5.06 40.44 -28.87
CA ASP C 850 6.25 40.35 -29.72
C ASP C 850 7.47 40.94 -29.02
N LYS C 851 7.24 41.97 -28.21
CA LYS C 851 8.34 42.61 -27.53
C LYS C 851 8.83 41.72 -26.41
N LEU C 852 7.92 41.25 -25.56
CA LEU C 852 8.28 40.41 -24.43
C LEU C 852 9.01 39.16 -24.91
N MET C 853 8.61 38.68 -26.09
CA MET C 853 9.18 37.45 -26.62
C MET C 853 10.65 37.63 -26.93
N GLU C 854 11.10 38.89 -26.97
CA GLU C 854 12.52 39.18 -27.06
C GLU C 854 13.24 38.66 -25.82
N PHE C 855 12.51 38.52 -24.72
CA PHE C 855 13.07 38.01 -23.48
C PHE C 855 12.60 36.59 -23.17
N LEU C 856 11.44 36.22 -23.71
CA LEU C 856 10.82 34.93 -23.43
C LEU C 856 10.49 34.26 -24.74
N PRO C 857 11.51 33.75 -25.44
CA PRO C 857 11.47 33.22 -26.81
C PRO C 857 10.62 31.96 -26.96
N GLY C 858 10.50 31.22 -25.85
CA GLY C 858 9.82 29.94 -25.83
C GLY C 858 10.22 29.12 -24.61
N PRO C 859 9.54 27.97 -24.43
CA PRO C 859 9.77 27.07 -23.29
C PRO C 859 11.19 26.55 -23.27
N ASP C 860 11.66 26.13 -22.12
CA ASP C 860 12.98 25.53 -22.01
C ASP C 860 12.84 24.25 -21.17
N PHE C 861 12.59 23.15 -21.87
CA PHE C 861 12.37 21.85 -21.25
C PHE C 861 13.64 21.38 -20.56
N PRO C 862 13.49 20.74 -19.38
CA PRO C 862 14.62 20.24 -18.59
C PRO C 862 15.26 19.05 -19.27
N THR C 863 14.50 18.42 -20.16
CA THR C 863 14.92 17.29 -20.97
C THR C 863 15.50 17.72 -22.32
N GLY C 864 15.83 19.00 -22.45
CA GLY C 864 16.41 19.52 -23.67
C GLY C 864 15.53 19.41 -24.91
N ALA C 865 16.19 19.14 -26.04
CA ALA C 865 15.58 18.91 -27.36
C ALA C 865 15.45 20.14 -28.24
N ILE C 866 14.50 20.06 -29.17
CA ILE C 866 14.35 21.06 -30.22
C ILE C 866 12.89 21.43 -30.35
N ILE C 867 12.56 22.71 -30.30
CA ILE C 867 11.15 23.07 -30.40
C ILE C 867 10.87 23.81 -31.70
N GLN C 868 10.00 23.26 -32.54
CA GLN C 868 9.63 23.92 -33.77
C GLN C 868 8.24 24.57 -33.68
N GLY C 869 8.13 25.84 -34.10
CA GLY C 869 6.83 26.48 -34.24
C GLY C 869 6.61 27.84 -33.58
N ARG C 870 7.37 28.85 -34.01
CA ARG C 870 7.38 30.17 -33.35
C ARG C 870 6.03 30.91 -33.39
N ASP C 871 5.33 30.80 -34.52
CA ASP C 871 4.05 31.48 -34.65
C ASP C 871 3.08 30.93 -33.63
N GLU C 872 3.28 29.66 -33.27
CA GLU C 872 2.39 28.97 -32.33
C GLU C 872 2.81 29.17 -30.86
N ILE C 873 4.11 29.30 -30.61
CA ILE C 873 4.56 29.76 -29.31
C ILE C 873 3.91 31.12 -29.08
N LYS C 874 3.88 31.95 -30.13
CA LYS C 874 3.27 33.26 -30.02
C LYS C 874 1.78 33.14 -29.78
N LYS C 875 1.15 32.24 -30.53
CA LYS C 875 -0.29 32.06 -30.45
C LYS C 875 -0.64 31.72 -28.99
N ALA C 876 0.18 30.85 -28.40
CA ALA C 876 -0.06 30.34 -27.06
C ALA C 876 0.24 31.39 -25.97
N TYR C 877 1.26 32.22 -26.16
CA TYR C 877 1.54 33.30 -25.20
C TYR C 877 0.49 34.40 -25.32
N GLU C 878 -0.17 34.44 -26.47
CA GLU C 878 -1.22 35.40 -26.71
C GLU C 878 -2.54 34.95 -26.06
N THR C 879 -2.84 33.66 -26.14
CA THR C 879 -4.19 33.20 -25.83
C THR C 879 -4.25 32.12 -24.77
N GLY C 880 -3.12 31.49 -24.52
CA GLY C 880 -3.07 30.40 -23.56
C GLY C 880 -3.03 29.03 -24.23
N LYS C 881 -3.43 28.99 -25.49
CA LYS C 881 -3.53 27.74 -26.23
C LYS C 881 -2.78 27.79 -27.56
N GLY C 882 -2.00 26.75 -27.84
CA GLY C 882 -1.27 26.66 -29.09
C GLY C 882 -0.71 25.27 -29.27
N ARG C 883 -0.21 24.95 -30.47
CA ARG C 883 0.44 23.66 -30.70
C ARG C 883 1.85 23.83 -31.22
N VAL C 884 2.78 23.06 -30.69
CA VAL C 884 4.17 23.23 -31.07
C VAL C 884 4.77 21.84 -31.30
N VAL C 885 5.81 21.71 -32.10
CA VAL C 885 6.41 20.39 -32.30
C VAL C 885 7.66 20.27 -31.47
N VAL C 886 7.93 19.09 -30.93
CA VAL C 886 9.12 18.91 -30.13
C VAL C 886 9.85 17.69 -30.65
N ARG C 887 11.10 17.89 -31.04
CA ARG C 887 11.87 16.88 -31.74
C ARG C 887 13.19 16.60 -31.04
N SER C 888 13.57 15.32 -31.04
CA SER C 888 14.74 14.84 -30.33
C SER C 888 16.04 15.35 -30.91
N LYS C 889 17.11 15.36 -30.11
CA LYS C 889 18.43 15.74 -30.63
C LYS C 889 19.10 14.50 -31.19
N THR C 890 19.73 14.63 -32.35
CA THR C 890 20.38 13.51 -33.01
C THR C 890 21.67 13.91 -33.72
N GLU C 891 22.69 13.06 -33.61
CA GLU C 891 23.86 13.18 -34.45
C GLU C 891 23.82 11.97 -35.36
N ILE C 892 24.48 12.04 -36.52
CA ILE C 892 24.68 10.82 -37.29
C ILE C 892 26.11 10.36 -37.07
N GLU C 893 26.35 9.06 -37.02
CA GLU C 893 27.67 8.57 -36.63
C GLU C 893 28.26 7.60 -37.65
N LYS C 894 29.30 8.03 -38.34
CA LYS C 894 29.88 7.18 -39.39
C LYS C 894 30.76 6.14 -38.73
N LEU C 895 30.37 4.87 -38.83
CA LEU C 895 31.13 3.79 -38.17
C LEU C 895 32.15 3.06 -39.10
N LYS C 896 33.03 2.27 -38.47
CA LYS C 896 34.08 1.52 -39.17
C LYS C 896 33.46 0.50 -40.11
N GLY C 897 34.05 0.39 -41.29
CA GLY C 897 33.40 -0.28 -42.40
C GLY C 897 32.82 0.81 -43.27
N GLY C 898 31.57 1.16 -43.00
CA GLY C 898 30.90 2.22 -43.74
C GLY C 898 29.44 2.36 -43.36
N LYS C 899 29.05 1.76 -42.23
CA LYS C 899 27.66 1.78 -41.77
C LYS C 899 27.38 3.00 -40.86
N GLU C 900 26.35 3.77 -41.20
CA GLU C 900 25.95 4.91 -40.36
C GLU C 900 25.08 4.45 -39.18
N GLN C 901 24.95 5.33 -38.19
CA GLN C 901 24.29 5.02 -36.92
C GLN C 901 23.71 6.30 -36.28
N ILE C 902 22.40 6.33 -36.09
CA ILE C 902 21.74 7.50 -35.51
C ILE C 902 21.91 7.51 -33.99
N VAL C 903 22.41 8.61 -33.42
CA VAL C 903 22.53 8.69 -31.96
C VAL C 903 21.64 9.76 -31.35
N ILE C 904 20.58 9.32 -30.69
CA ILE C 904 19.63 10.22 -30.06
C ILE C 904 20.15 10.62 -28.69
N THR C 905 20.08 11.91 -28.35
CA THR C 905 20.75 12.39 -27.14
C THR C 905 19.91 13.34 -26.27
N GLU C 906 18.74 13.71 -26.77
CA GLU C 906 17.70 14.35 -25.97
C GLU C 906 16.38 13.88 -26.58
N ILE C 907 15.36 13.64 -25.76
CA ILE C 907 14.05 13.17 -26.24
C ILE C 907 12.97 14.13 -25.77
N PRO C 908 11.74 13.99 -26.30
CA PRO C 908 10.71 14.96 -25.89
C PRO C 908 10.25 14.91 -24.42
N TYR C 909 9.91 16.08 -23.92
CA TYR C 909 9.45 16.25 -22.54
C TYR C 909 8.32 15.28 -22.17
N GLU C 910 8.53 14.57 -21.06
CA GLU C 910 7.57 13.59 -20.58
C GLU C 910 7.42 12.37 -21.49
N ILE C 911 8.47 12.03 -22.22
CA ILE C 911 8.48 10.78 -22.98
C ILE C 911 9.25 9.71 -22.22
N ASN C 912 8.61 8.55 -22.06
CA ASN C 912 9.25 7.44 -21.38
C ASN C 912 10.34 6.82 -22.24
N LYS C 913 11.59 6.91 -21.77
CA LYS C 913 12.72 6.44 -22.54
C LYS C 913 12.67 4.96 -22.87
N ALA C 914 12.35 4.13 -21.86
CA ALA C 914 12.22 2.69 -22.08
C ALA C 914 11.20 2.42 -23.17
N ASN C 915 9.96 2.89 -22.93
CA ASN C 915 8.87 2.79 -23.91
C ASN C 915 9.32 3.15 -25.32
N LEU C 916 10.10 4.22 -25.44
CA LEU C 916 10.60 4.69 -26.73
C LEU C 916 11.55 3.67 -27.36
N VAL C 917 12.65 3.37 -26.68
CA VAL C 917 13.62 2.40 -27.19
C VAL C 917 12.90 1.16 -27.66
N LYS C 918 12.01 0.67 -26.80
CA LYS C 918 11.19 -0.50 -27.11
C LYS C 918 10.34 -0.29 -28.36
N LYS C 919 9.68 0.86 -28.49
CA LYS C 919 8.84 1.12 -29.66
C LYS C 919 9.66 1.32 -30.93
N ILE C 920 10.98 1.39 -30.79
CA ILE C 920 11.85 1.44 -31.95
C ILE C 920 12.30 0.03 -32.32
N ASP C 921 12.73 -0.74 -31.34
CA ASP C 921 13.00 -2.14 -31.66
C ASP C 921 11.73 -2.80 -32.21
N ASP C 922 10.57 -2.27 -31.82
CA ASP C 922 9.31 -2.77 -32.34
C ASP C 922 9.13 -2.42 -33.80
N VAL C 923 9.74 -1.32 -34.23
CA VAL C 923 9.73 -0.95 -35.64
C VAL C 923 10.67 -1.85 -36.42
N ARG C 924 11.80 -2.20 -35.80
CA ARG C 924 12.76 -3.11 -36.44
C ARG C 924 12.17 -4.47 -36.78
N VAL C 925 11.80 -5.22 -35.73
CA VAL C 925 11.30 -6.57 -35.87
C VAL C 925 9.96 -6.68 -36.61
N ASN C 926 9.34 -5.56 -36.92
CA ASN C 926 8.14 -5.56 -37.73
C ASN C 926 8.42 -4.97 -39.10
N ASN C 927 9.69 -4.74 -39.38
CA ASN C 927 10.15 -4.10 -40.61
C ASN C 927 9.23 -2.99 -41.15
N LYS C 928 8.68 -2.19 -40.24
CA LYS C 928 7.80 -1.08 -40.61
C LYS C 928 8.56 -0.10 -41.51
N VAL C 929 9.89 -0.11 -41.39
CA VAL C 929 10.79 0.45 -42.41
C VAL C 929 12.09 -0.34 -42.31
N ALA C 930 12.83 -0.42 -43.41
CA ALA C 930 14.11 -1.12 -43.37
C ALA C 930 15.23 -0.15 -43.07
N GLY C 931 16.35 -0.68 -42.59
CA GLY C 931 17.48 0.13 -42.20
C GLY C 931 17.99 -0.35 -40.86
N ILE C 932 17.13 -0.35 -39.85
CA ILE C 932 17.56 -0.56 -38.46
C ILE C 932 18.17 -1.95 -38.22
N ALA C 933 19.48 -1.97 -38.00
CA ALA C 933 20.21 -3.21 -37.74
C ALA C 933 20.13 -3.57 -36.26
N GLU C 934 20.38 -2.59 -35.41
CA GLU C 934 20.26 -2.82 -33.97
C GLU C 934 19.74 -1.55 -33.32
N VAL C 935 19.03 -1.67 -32.20
CA VAL C 935 18.67 -0.50 -31.43
C VAL C 935 19.13 -0.75 -30.02
N ARG C 936 19.93 0.15 -29.48
CA ARG C 936 20.57 -0.14 -28.20
C ARG C 936 20.75 1.10 -27.31
N ASP C 937 20.12 1.04 -26.13
CA ASP C 937 20.19 2.10 -25.13
C ASP C 937 21.55 2.07 -24.47
N GLU C 938 22.36 3.10 -24.73
CA GLU C 938 23.71 3.20 -24.17
C GLU C 938 23.81 4.25 -23.06
N SER C 939 22.66 4.64 -22.51
CA SER C 939 22.61 5.67 -21.49
C SER C 939 23.26 5.24 -20.19
N ASP C 940 23.89 6.18 -19.51
CA ASP C 940 24.60 5.87 -18.27
C ASP C 940 24.78 7.09 -17.38
N ARG C 941 25.58 6.90 -16.34
CA ARG C 941 25.84 7.91 -15.31
C ARG C 941 26.05 9.31 -15.88
N ASP C 942 26.81 9.40 -16.96
CA ASP C 942 27.17 10.71 -17.47
C ASP C 942 26.62 11.02 -18.86
N GLY C 943 25.46 10.48 -19.16
CA GLY C 943 24.83 10.81 -20.44
C GLY C 943 23.63 10.01 -20.88
N LEU C 944 22.94 10.55 -21.86
CA LEU C 944 21.80 9.87 -22.44
C LEU C 944 22.11 9.58 -23.91
N ARG C 945 22.30 8.31 -24.20
CA ARG C 945 22.73 7.91 -25.54
C ARG C 945 21.93 6.71 -26.03
N ILE C 946 21.13 6.90 -27.08
CA ILE C 946 20.50 5.77 -27.73
C ILE C 946 21.11 5.58 -29.10
N ALA C 947 21.78 4.45 -29.31
CA ALA C 947 22.40 4.14 -30.59
C ALA C 947 21.51 3.26 -31.46
N ILE C 948 20.97 3.85 -32.52
CA ILE C 948 20.27 3.10 -33.55
C ILE C 948 21.21 2.80 -34.71
N GLU C 949 21.81 1.61 -34.70
CA GLU C 949 22.77 1.23 -35.72
C GLU C 949 22.08 0.70 -36.98
N LEU C 950 22.53 1.15 -38.14
CA LEU C 950 21.91 0.78 -39.41
C LEU C 950 22.69 -0.29 -40.18
N LYS C 951 22.04 -0.92 -41.16
CA LYS C 951 22.71 -1.89 -42.02
C LYS C 951 23.54 -1.13 -43.04
N LYS C 952 24.44 -1.84 -43.71
CA LYS C 952 25.13 -1.29 -44.87
C LYS C 952 24.05 -1.10 -45.92
N ASP C 953 24.12 -0.01 -46.68
CA ASP C 953 23.08 0.31 -47.67
C ASP C 953 21.69 0.36 -47.06
N ALA C 954 21.34 1.53 -46.54
CA ALA C 954 20.05 1.77 -45.91
C ALA C 954 19.93 3.28 -45.85
N ASN C 955 18.88 3.82 -46.45
CA ASN C 955 18.72 5.27 -46.49
C ASN C 955 18.54 5.82 -45.09
N THR C 956 19.58 6.47 -44.57
CA THR C 956 19.54 6.95 -43.19
C THR C 956 18.52 8.07 -43.01
N GLU C 957 18.42 8.96 -44.00
CA GLU C 957 17.40 10.01 -43.95
C GLU C 957 15.99 9.39 -43.88
N LEU C 958 15.76 8.36 -44.69
CA LEU C 958 14.47 7.66 -44.69
C LEU C 958 14.12 7.12 -43.31
N VAL C 959 15.06 6.39 -42.73
CA VAL C 959 14.85 5.78 -41.43
C VAL C 959 14.57 6.85 -40.37
N LEU C 960 15.35 7.93 -40.41
CA LEU C 960 15.16 9.00 -39.43
C LEU C 960 13.77 9.62 -39.55
N ASN C 961 13.39 10.03 -40.75
CA ASN C 961 12.06 10.61 -40.93
C ASN C 961 10.92 9.69 -40.55
N TYR C 962 11.00 8.41 -40.93
CA TYR C 962 9.94 7.47 -40.57
C TYR C 962 9.88 7.36 -39.06
N LEU C 963 11.04 7.45 -38.41
CA LEU C 963 11.06 7.43 -36.95
C LEU C 963 10.37 8.65 -36.34
N PHE C 964 10.68 9.85 -36.82
CA PHE C 964 10.03 11.04 -36.29
C PHE C 964 8.52 10.98 -36.53
N LYS C 965 8.12 10.48 -37.70
CA LYS C 965 6.69 10.43 -38.03
C LYS C 965 5.94 9.44 -37.14
N TYR C 966 6.47 8.22 -37.04
CA TYR C 966 5.70 7.10 -36.47
C TYR C 966 6.02 6.72 -35.03
N THR C 967 7.08 7.29 -34.46
CA THR C 967 7.35 7.08 -33.03
C THR C 967 7.32 8.38 -32.24
N ASP C 968 7.66 8.30 -30.96
CA ASP C 968 7.57 9.46 -30.11
C ASP C 968 8.92 10.14 -30.04
N LEU C 969 9.77 9.82 -31.00
CA LEU C 969 11.01 10.55 -31.19
C LEU C 969 10.70 12.00 -31.45
N GLN C 970 9.50 12.27 -31.93
CA GLN C 970 9.03 13.62 -32.13
C GLN C 970 7.54 13.63 -31.91
N ILE C 971 7.11 14.56 -31.05
CA ILE C 971 5.71 14.68 -30.66
C ILE C 971 5.21 16.12 -30.79
N ASN C 972 3.97 16.34 -30.36
CA ASN C 972 3.44 17.70 -30.26
C ASN C 972 3.32 18.06 -28.81
N TYR C 973 3.64 19.31 -28.47
CA TYR C 973 3.27 19.85 -27.17
C TYR C 973 2.10 20.78 -27.40
N ASN C 974 1.00 20.60 -26.69
CA ASN C 974 -0.08 21.58 -26.76
C ASN C 974 -0.18 22.46 -25.53
N PHE C 975 0.09 23.74 -25.66
CA PHE C 975 -0.17 24.64 -24.55
C PHE C 975 -1.66 24.61 -24.24
N ASN C 976 -1.97 24.71 -22.97
CA ASN C 976 -3.31 24.91 -22.50
C ASN C 976 -3.07 25.48 -21.12
N MET C 977 -2.96 26.80 -21.01
CA MET C 977 -2.49 27.36 -19.77
C MET C 977 -3.62 27.88 -18.93
N VAL C 978 -4.16 27.01 -18.10
CA VAL C 978 -5.16 27.38 -17.13
C VAL C 978 -4.51 27.52 -15.77
N ALA C 979 -4.92 28.51 -15.00
CA ALA C 979 -4.46 28.58 -13.62
C ALA C 979 -5.55 29.18 -12.78
N ILE C 980 -5.41 29.11 -11.46
CA ILE C 980 -6.45 29.68 -10.61
C ILE C 980 -6.09 31.09 -10.25
N ASP C 981 -6.86 32.03 -10.79
CA ASP C 981 -6.62 33.45 -10.65
C ASP C 981 -7.83 34.11 -10.06
N ASN C 982 -7.78 34.43 -8.77
CA ASN C 982 -8.95 34.81 -7.99
C ASN C 982 -9.95 33.67 -7.96
N PHE C 983 -9.54 32.56 -7.36
CA PHE C 983 -10.46 31.49 -7.01
C PHE C 983 -11.20 30.83 -8.15
N THR C 984 -11.10 31.38 -9.34
CA THR C 984 -11.73 30.77 -10.49
C THR C 984 -10.66 30.38 -11.49
N PRO C 985 -10.91 29.34 -12.27
CA PRO C 985 -9.93 29.02 -13.33
C PRO C 985 -9.98 30.07 -14.43
N ARG C 986 -8.84 30.39 -15.00
CA ARG C 986 -8.76 31.26 -16.16
C ARG C 986 -7.78 30.69 -17.13
N GLN C 987 -8.04 30.89 -18.41
CA GLN C 987 -7.08 30.53 -19.45
C GLN C 987 -6.26 31.80 -19.73
N VAL C 988 -4.95 31.72 -19.63
CA VAL C 988 -4.14 32.91 -19.64
C VAL C 988 -2.94 32.80 -20.57
N GLY C 989 -2.62 33.88 -21.24
CA GLY C 989 -1.37 33.98 -21.97
C GLY C 989 -0.27 34.45 -21.02
N ILE C 990 0.91 34.71 -21.57
CA ILE C 990 2.08 35.13 -20.80
C ILE C 990 1.82 36.43 -20.00
N VAL C 991 0.88 37.25 -20.48
CA VAL C 991 0.68 38.53 -19.82
C VAL C 991 -0.11 38.50 -18.51
N PRO C 992 -1.30 37.89 -18.49
CA PRO C 992 -1.93 37.87 -17.17
C PRO C 992 -1.12 37.07 -16.15
N ILE C 993 -0.30 36.14 -16.64
CA ILE C 993 0.56 35.37 -15.76
C ILE C 993 1.59 36.29 -15.17
N LEU C 994 2.35 36.98 -16.03
CA LEU C 994 3.42 37.86 -15.56
C LEU C 994 2.92 39.03 -14.70
N SER C 995 1.85 39.65 -15.17
CA SER C 995 1.13 40.64 -14.42
C SER C 995 0.79 40.10 -13.03
N SER C 996 0.03 39.00 -12.99
CA SER C 996 -0.44 38.40 -11.73
C SER C 996 0.69 38.21 -10.77
N TYR C 997 1.78 37.68 -11.32
CA TYR C 997 3.02 37.50 -10.57
C TYR C 997 3.38 38.81 -9.92
N ILE C 998 3.64 39.79 -10.78
CA ILE C 998 4.12 41.10 -10.38
C ILE C 998 3.27 41.70 -9.26
N ALA C 999 1.95 41.57 -9.34
CA ALA C 999 1.13 42.23 -8.34
C ALA C 999 1.21 41.45 -7.06
N HIS C 1000 1.44 40.14 -7.20
CA HIS C 1000 1.63 39.33 -6.01
C HIS C 1000 2.84 39.86 -5.30
N ARG C 1001 3.94 40.02 -6.02
CA ARG C 1001 5.17 40.46 -5.39
C ARG C 1001 5.02 41.84 -4.78
N ARG C 1002 4.22 42.69 -5.43
CA ARG C 1002 3.87 43.96 -4.80
C ARG C 1002 3.28 43.70 -3.43
N GLU C 1003 2.18 42.96 -3.38
CA GLU C 1003 1.51 42.73 -2.10
C GLU C 1003 2.42 42.14 -1.04
N VAL C 1004 3.27 41.21 -1.46
CA VAL C 1004 4.17 40.51 -0.56
C VAL C 1004 5.18 41.47 0.02
N ILE C 1005 5.88 42.19 -0.86
CA ILE C 1005 6.83 43.21 -0.43
C ILE C 1005 6.18 44.20 0.54
N LEU C 1006 4.98 44.69 0.19
CA LEU C 1006 4.29 45.65 1.06
C LEU C 1006 4.01 45.11 2.44
N ALA C 1007 3.32 43.99 2.53
CA ALA C 1007 3.00 43.40 3.84
C ALA C 1007 4.23 43.06 4.65
N ARG C 1008 5.32 42.74 3.94
CA ARG C 1008 6.60 42.42 4.54
C ARG C 1008 7.18 43.67 5.19
N SER C 1009 7.25 44.73 4.39
CA SER C 1009 7.75 46.02 4.84
C SER C 1009 6.96 46.58 6.01
N ARG C 1010 5.63 46.40 6.00
CA ARG C 1010 4.84 46.75 7.17
C ARG C 1010 5.17 45.88 8.37
N PHE C 1011 5.35 44.57 8.20
CA PHE C 1011 5.70 43.70 9.34
C PHE C 1011 7.03 44.11 9.98
N ASP C 1012 8.05 44.24 9.15
CA ASP C 1012 9.36 44.70 9.61
C ASP C 1012 9.28 46.08 10.25
N LYS C 1013 8.58 47.01 9.62
CA LYS C 1013 8.45 48.35 10.18
C LYS C 1013 7.77 48.35 11.54
N GLU C 1014 6.69 47.62 11.67
CA GLU C 1014 5.99 47.51 12.93
C GLU C 1014 6.91 46.91 14.00
N LYS C 1015 7.69 45.91 13.59
CA LYS C 1015 8.65 45.24 14.48
C LYS C 1015 9.64 46.28 14.98
N ALA C 1016 10.14 47.06 14.03
CA ALA C 1016 11.15 48.08 14.25
C ALA C 1016 10.66 49.11 15.24
N GLU C 1017 9.58 49.80 14.89
CA GLU C 1017 8.84 50.66 15.80
C GLU C 1017 8.76 50.05 17.20
N LYS C 1018 8.18 48.87 17.35
CA LYS C 1018 8.14 48.24 18.68
C LYS C 1018 9.49 48.30 19.42
N ARG C 1019 10.57 47.93 18.73
CA ARG C 1019 11.91 47.87 19.33
C ARG C 1019 12.41 49.27 19.72
N LEU C 1020 12.24 50.21 18.81
CA LEU C 1020 12.59 51.61 19.03
C LEU C 1020 11.88 52.17 20.24
N HIS C 1021 10.59 51.88 20.35
CA HIS C 1021 9.76 52.26 21.46
C HIS C 1021 10.22 51.59 22.75
N ILE C 1022 10.95 50.48 22.64
CA ILE C 1022 11.49 49.87 23.87
C ILE C 1022 12.82 50.48 24.33
N VAL C 1023 13.74 50.65 23.38
CA VAL C 1023 15.03 51.31 23.61
C VAL C 1023 14.84 52.74 24.14
N GLU C 1024 13.89 53.44 23.54
CA GLU C 1024 13.45 54.73 24.04
C GLU C 1024 13.12 54.66 25.52
N GLY C 1025 12.76 53.47 25.99
CA GLY C 1025 12.48 53.28 27.41
C GLY C 1025 13.72 52.92 28.18
N LEU C 1026 14.53 52.04 27.60
CA LEU C 1026 15.72 51.51 28.27
C LEU C 1026 16.73 52.62 28.57
N ILE C 1027 16.89 53.53 27.61
CA ILE C 1027 17.73 54.71 27.80
C ILE C 1027 17.17 55.61 28.90
N ARG C 1028 15.93 56.07 28.74
CA ARG C 1028 15.30 56.89 29.77
C ARG C 1028 15.00 56.12 31.08
N VAL C 1029 15.55 54.93 31.25
CA VAL C 1029 15.47 54.24 32.54
C VAL C 1029 16.88 53.91 33.05
N ILE C 1030 17.86 54.11 32.17
CA ILE C 1030 19.25 54.06 32.61
C ILE C 1030 19.52 55.32 33.44
N SER C 1031 18.82 56.40 33.11
CA SER C 1031 18.87 57.64 33.88
C SER C 1031 18.30 57.47 35.31
N ILE C 1032 17.00 57.23 35.41
CA ILE C 1032 16.34 57.06 36.71
C ILE C 1032 16.47 55.64 37.29
N LEU C 1033 17.66 55.06 37.17
CA LEU C 1033 17.89 53.65 37.47
C LEU C 1033 17.67 53.25 38.92
N ASP C 1034 18.56 53.70 39.80
CA ASP C 1034 18.48 53.39 41.24
C ASP C 1034 17.08 53.67 41.81
N GLU C 1035 16.45 54.69 41.25
CA GLU C 1035 15.08 55.03 41.58
C GLU C 1035 14.09 53.95 41.10
N VAL C 1036 14.27 53.46 39.87
CA VAL C 1036 13.38 52.44 39.33
C VAL C 1036 13.60 51.06 39.98
N ILE C 1037 14.82 50.78 40.40
CA ILE C 1037 15.13 49.54 41.13
C ILE C 1037 14.54 49.60 42.53
N ALA C 1038 14.70 50.76 43.17
CA ALA C 1038 14.15 50.94 44.51
C ALA C 1038 12.62 51.00 44.48
N LEU C 1039 12.07 51.29 43.31
CA LEU C 1039 10.62 51.27 43.10
C LEU C 1039 10.07 49.86 42.82
N ILE C 1040 10.77 49.09 41.99
CA ILE C 1040 10.34 47.71 41.78
C ILE C 1040 10.49 46.94 43.09
N ARG C 1041 11.54 47.27 43.87
CA ARG C 1041 11.72 46.69 45.21
C ARG C 1041 10.64 47.18 46.16
N ALA C 1042 10.25 48.45 45.99
CA ALA C 1042 9.15 49.06 46.73
C ALA C 1042 7.80 48.38 46.44
N SER C 1043 7.58 48.03 45.17
CA SER C 1043 6.30 47.45 44.74
C SER C 1043 6.05 46.10 45.40
N GLU C 1044 4.84 45.57 45.23
CA GLU C 1044 4.43 44.33 45.92
C GLU C 1044 4.45 43.06 45.04
N ASN C 1045 3.85 43.14 43.87
CA ASN C 1045 3.66 41.96 43.03
C ASN C 1045 3.42 42.32 41.57
N LYS C 1046 4.47 42.17 40.76
CA LYS C 1046 4.45 42.23 39.27
C LYS C 1046 3.43 43.14 38.54
N ALA C 1047 2.20 43.18 39.02
CA ALA C 1047 1.19 44.07 38.48
C ALA C 1047 1.29 45.43 39.16
N ASP C 1048 1.49 45.43 40.47
CA ASP C 1048 1.70 46.68 41.20
C ASP C 1048 3.00 47.33 40.73
N ALA C 1049 3.96 46.51 40.33
CA ALA C 1049 5.26 46.99 39.88
C ALA C 1049 5.17 47.66 38.52
N LYS C 1050 4.35 47.08 37.64
CA LYS C 1050 4.14 47.65 36.33
C LYS C 1050 3.30 48.93 36.43
N GLU C 1051 2.18 48.83 37.14
CA GLU C 1051 1.30 49.98 37.38
C GLU C 1051 2.06 51.14 37.99
N ASN C 1052 2.96 50.83 38.92
CA ASN C 1052 3.80 51.86 39.55
C ASN C 1052 4.91 52.40 38.65
N LEU C 1053 5.50 51.54 37.83
CA LEU C 1053 6.50 52.00 36.88
C LEU C 1053 5.83 52.95 35.88
N LYS C 1054 4.53 52.72 35.62
CA LYS C 1054 3.76 53.54 34.67
C LYS C 1054 3.17 54.82 35.29
N VAL C 1055 2.86 54.79 36.58
CA VAL C 1055 2.35 55.98 37.27
C VAL C 1055 3.46 56.94 37.66
N SER C 1056 4.51 56.41 38.31
CA SER C 1056 5.59 57.24 38.83
C SER C 1056 6.59 57.78 37.78
N TYR C 1057 6.60 57.23 36.57
CA TYR C 1057 7.49 57.76 35.51
C TYR C 1057 6.95 57.60 34.08
N ASP C 1058 5.64 57.43 33.95
CA ASP C 1058 4.94 57.42 32.65
C ASP C 1058 5.51 56.52 31.53
N PHE C 1059 5.99 55.33 31.91
CA PHE C 1059 6.34 54.30 30.95
C PHE C 1059 5.05 53.68 30.43
N THR C 1060 5.13 53.02 29.26
CA THR C 1060 3.99 52.30 28.68
C THR C 1060 4.00 50.85 29.13
N GLU C 1061 2.90 50.14 28.87
CA GLU C 1061 2.83 48.72 29.15
C GLU C 1061 4.04 48.02 28.55
N GLU C 1062 4.25 48.24 27.25
CA GLU C 1062 5.42 47.71 26.56
C GLU C 1062 6.72 47.95 27.34
N GLN C 1063 7.00 49.21 27.63
CA GLN C 1063 8.24 49.56 28.31
C GLN C 1063 8.30 49.03 29.75
N ALA C 1064 7.14 48.92 30.39
CA ALA C 1064 7.08 48.39 31.74
C ALA C 1064 7.47 46.92 31.75
N GLU C 1065 6.72 46.13 30.97
CA GLU C 1065 7.00 44.72 30.88
C GLU C 1065 8.46 44.49 30.52
N ALA C 1066 8.97 45.28 29.57
CA ALA C 1066 10.39 45.16 29.23
C ALA C 1066 11.28 45.35 30.45
N ILE C 1067 11.11 46.47 31.17
CA ILE C 1067 11.98 46.79 32.32
C ILE C 1067 11.86 45.81 33.49
N VAL C 1068 10.63 45.56 33.96
CA VAL C 1068 10.40 44.62 35.06
C VAL C 1068 10.85 43.19 34.72
N THR C 1069 10.68 42.77 33.48
CA THR C 1069 11.08 41.42 33.05
C THR C 1069 12.57 41.35 32.72
N LEU C 1070 13.37 42.16 33.40
CA LEU C 1070 14.82 42.17 33.21
C LEU C 1070 15.53 41.23 34.17
N GLN C 1071 16.82 41.00 33.90
CA GLN C 1071 17.63 40.15 34.74
C GLN C 1071 18.73 40.95 35.44
N LEU C 1072 19.14 40.46 36.60
CA LEU C 1072 20.14 41.15 37.41
C LEU C 1072 21.49 41.28 36.70
N TYR C 1073 21.91 40.27 35.94
CA TYR C 1073 23.21 40.37 35.28
C TYR C 1073 23.22 41.49 34.24
N ARG C 1074 22.04 41.90 33.80
CA ARG C 1074 21.92 42.99 32.82
C ARG C 1074 22.42 44.29 33.38
N LEU C 1075 22.13 44.52 34.65
CA LEU C 1075 22.41 45.81 35.28
C LEU C 1075 23.91 46.18 35.24
N THR C 1076 24.78 45.19 35.02
CA THR C 1076 26.21 45.42 34.89
C THR C 1076 26.54 46.36 33.75
N ASN C 1077 26.19 45.94 32.53
CA ASN C 1077 26.34 46.78 31.34
C ASN C 1077 25.24 47.84 31.28
N THR C 1078 25.64 49.10 31.30
CA THR C 1078 24.72 50.23 31.32
C THR C 1078 25.17 51.35 30.40
N ASP C 1079 25.61 50.98 29.20
CA ASP C 1079 26.10 51.95 28.21
C ASP C 1079 25.01 52.42 27.24
N VAL C 1080 24.63 53.69 27.38
CA VAL C 1080 23.55 54.26 26.60
C VAL C 1080 23.97 54.65 25.17
N VAL C 1081 25.26 54.67 24.90
CA VAL C 1081 25.75 54.97 23.56
C VAL C 1081 25.43 53.87 22.54
N VAL C 1082 25.56 52.62 22.97
CA VAL C 1082 25.20 51.48 22.13
C VAL C 1082 23.69 51.51 21.87
N LEU C 1083 22.91 51.78 22.92
CA LEU C 1083 21.47 51.89 22.77
C LEU C 1083 21.09 53.02 21.83
N GLN C 1084 21.85 54.11 21.86
CA GLN C 1084 21.59 55.24 20.99
C GLN C 1084 21.95 54.90 19.56
N GLU C 1085 23.00 54.12 19.34
CA GLU C 1085 23.34 53.70 17.99
C GLU C 1085 22.21 52.81 17.46
N GLU C 1086 21.71 51.93 18.34
CA GLU C 1086 20.60 51.04 18.02
C GLU C 1086 19.38 51.84 17.61
N GLU C 1087 19.00 52.76 18.49
CA GLU C 1087 17.92 53.70 18.27
C GLU C 1087 18.04 54.44 16.93
N ALA C 1088 19.26 54.87 16.60
CA ALA C 1088 19.48 55.59 15.35
C ALA C 1088 19.26 54.70 14.14
N GLU C 1089 19.95 53.56 14.11
CA GLU C 1089 19.79 52.61 13.00
C GLU C 1089 18.30 52.25 12.86
N LEU C 1090 17.64 51.94 13.99
CA LEU C 1090 16.21 51.72 14.02
C LEU C 1090 15.50 52.78 13.22
N ARG C 1091 15.76 54.05 13.56
CA ARG C 1091 15.11 55.17 12.86
C ARG C 1091 15.34 55.20 11.34
N GLU C 1092 16.57 54.95 10.90
CA GLU C 1092 16.82 55.00 9.45
C GLU C 1092 16.09 53.86 8.74
N LYS C 1093 16.12 52.67 9.35
CA LYS C 1093 15.40 51.52 8.79
C LYS C 1093 13.92 51.88 8.66
N ILE C 1094 13.27 52.13 9.81
CA ILE C 1094 11.87 52.54 9.86
C ILE C 1094 11.51 53.52 8.77
N ALA C 1095 12.41 54.47 8.53
CA ALA C 1095 12.20 55.43 7.45
C ALA C 1095 12.19 54.78 6.07
N MET C 1096 13.21 53.97 5.75
CA MET C 1096 13.27 53.39 4.39
C MET C 1096 12.13 52.42 4.14
N LEU C 1097 11.72 51.74 5.20
CA LEU C 1097 10.52 50.92 5.19
C LEU C 1097 9.31 51.78 4.81
N ALA C 1098 9.17 52.89 5.53
CA ALA C 1098 8.08 53.84 5.28
C ALA C 1098 8.10 54.32 3.83
N ALA C 1099 9.31 54.46 3.29
CA ALA C 1099 9.47 54.86 1.89
C ALA C 1099 8.95 53.81 0.93
N ILE C 1100 9.24 52.53 1.20
CA ILE C 1100 8.81 51.42 0.34
C ILE C 1100 7.29 51.29 0.35
N ILE C 1101 6.74 51.39 1.56
CA ILE C 1101 5.31 51.36 1.72
C ILE C 1101 4.64 52.57 1.07
N GLY C 1102 5.32 53.71 1.08
CA GLY C 1102 4.74 54.95 0.57
C GLY C 1102 4.92 55.18 -0.92
N ASP C 1103 6.18 55.21 -1.34
CA ASP C 1103 6.53 55.50 -2.73
C ASP C 1103 6.46 54.27 -3.62
N GLU C 1104 5.73 54.39 -4.73
CA GLU C 1104 5.51 53.24 -5.60
C GLU C 1104 6.78 52.85 -6.35
N ARG C 1105 7.42 53.82 -7.00
CA ARG C 1105 8.60 53.51 -7.80
C ARG C 1105 9.73 52.97 -6.95
N THR C 1106 9.76 53.38 -5.68
CA THR C 1106 10.73 52.87 -4.73
C THR C 1106 10.53 51.37 -4.59
N MET C 1107 9.27 50.97 -4.47
CA MET C 1107 8.95 49.57 -4.24
C MET C 1107 9.19 48.76 -5.51
N TYR C 1108 8.85 49.30 -6.68
CA TYR C 1108 9.13 48.56 -7.90
C TYR C 1108 10.60 48.39 -8.19
N ASN C 1109 11.40 49.38 -7.82
CA ASN C 1109 12.82 49.13 -7.92
C ASN C 1109 13.23 48.05 -6.93
N LEU C 1110 12.67 48.05 -5.73
CA LEU C 1110 13.01 46.97 -4.78
C LEU C 1110 12.73 45.60 -5.41
N MET C 1111 11.58 45.53 -6.07
CA MET C 1111 11.15 44.32 -6.71
C MET C 1111 12.22 43.93 -7.72
N LYS C 1112 12.54 44.84 -8.63
CA LYS C 1112 13.51 44.49 -9.64
C LYS C 1112 14.89 44.11 -9.11
N LYS C 1113 15.30 44.69 -7.98
CA LYS C 1113 16.66 44.41 -7.50
C LYS C 1113 16.67 43.00 -7.03
N GLU C 1114 15.66 42.67 -6.22
CA GLU C 1114 15.59 41.33 -5.70
C GLU C 1114 15.51 40.33 -6.86
N LEU C 1115 14.65 40.60 -7.85
CA LEU C 1115 14.51 39.66 -8.96
C LEU C 1115 15.82 39.45 -9.68
N ARG C 1116 16.56 40.52 -9.92
CA ARG C 1116 17.81 40.41 -10.65
C ARG C 1116 18.82 39.67 -9.82
N GLU C 1117 18.66 39.73 -8.49
CA GLU C 1117 19.50 38.95 -7.56
C GLU C 1117 19.22 37.45 -7.69
N VAL C 1118 17.95 37.08 -7.68
CA VAL C 1118 17.59 35.68 -7.90
C VAL C 1118 18.14 35.19 -9.23
N LYS C 1119 17.82 35.93 -10.29
CA LYS C 1119 18.36 35.59 -11.61
C LYS C 1119 19.84 35.37 -11.55
N LYS C 1120 20.59 36.31 -10.97
CA LYS C 1120 22.04 36.18 -10.98
C LYS C 1120 22.43 34.87 -10.32
N LYS C 1121 21.82 34.60 -9.18
CA LYS C 1121 22.20 33.42 -8.40
C LYS C 1121 21.93 32.12 -9.12
N PHE C 1122 20.79 32.02 -9.80
CA PHE C 1122 20.34 30.71 -10.28
C PHE C 1122 20.33 30.51 -11.79
N ALA C 1123 20.77 31.51 -12.54
CA ALA C 1123 20.67 31.46 -13.99
C ALA C 1123 21.41 30.26 -14.57
N THR C 1124 20.71 29.54 -15.43
CA THR C 1124 21.28 28.39 -16.09
C THR C 1124 20.98 28.57 -17.57
N PRO C 1125 21.87 28.05 -18.42
CA PRO C 1125 21.78 28.15 -19.87
C PRO C 1125 20.61 27.36 -20.42
N ARG C 1126 20.13 27.70 -21.61
CA ARG C 1126 19.05 26.96 -22.26
C ARG C 1126 19.40 25.52 -22.49
N LEU C 1127 18.37 24.71 -22.69
CA LEU C 1127 18.54 23.30 -22.97
C LEU C 1127 17.78 22.99 -24.24
N SER C 1128 16.64 23.64 -24.39
CA SER C 1128 15.84 23.44 -25.57
C SER C 1128 16.26 24.47 -26.59
N SER C 1129 16.77 24.01 -27.72
CA SER C 1129 16.99 24.93 -28.82
C SER C 1129 15.65 25.23 -29.49
N LEU C 1130 15.50 26.47 -29.94
CA LEU C 1130 14.28 26.87 -30.62
C LEU C 1130 14.51 26.96 -32.12
N GLU C 1131 13.44 26.71 -32.87
CA GLU C 1131 13.45 26.83 -34.32
C GLU C 1131 12.08 27.32 -34.82
N ASP C 1132 12.08 28.10 -35.89
CA ASP C 1132 10.84 28.71 -36.40
C ASP C 1132 10.18 27.87 -37.49
N GLU D 20 45.82 17.60 -68.90
CA GLU D 20 44.80 18.08 -69.83
C GLU D 20 43.38 17.97 -69.25
N GLY D 21 42.45 18.82 -69.72
CA GLY D 21 41.09 18.88 -69.16
C GLY D 21 39.93 18.55 -70.10
N LEU D 22 38.77 18.20 -69.53
CA LEU D 22 37.63 17.62 -70.28
C LEU D 22 36.32 18.42 -70.11
N ASP D 23 35.81 18.97 -71.21
CA ASP D 23 34.61 19.81 -71.15
C ASP D 23 33.34 19.11 -70.65
N ALA D 24 33.20 17.85 -71.01
CA ALA D 24 31.98 17.09 -70.73
C ALA D 24 31.69 16.94 -69.25
N VAL D 25 32.72 16.77 -68.44
CA VAL D 25 32.48 16.63 -67.02
C VAL D 25 31.97 17.95 -66.47
N ARG D 26 32.50 19.07 -66.95
CA ARG D 26 32.03 20.35 -66.45
C ARG D 26 30.55 20.47 -66.81
N LYS D 27 30.23 20.23 -68.08
CA LYS D 27 28.83 20.27 -68.52
C LYS D 27 27.89 19.33 -67.74
N ARG D 28 28.43 18.27 -67.12
CA ARG D 28 27.55 17.33 -66.40
C ARG D 28 28.25 16.59 -65.25
N PRO D 29 28.77 17.35 -64.25
CA PRO D 29 29.67 16.86 -63.20
C PRO D 29 29.11 15.71 -62.39
N GLY D 30 27.82 15.73 -62.10
CA GLY D 30 27.20 14.66 -61.34
C GLY D 30 27.46 13.30 -61.98
N MET D 31 27.33 13.26 -63.29
CA MET D 31 27.48 12.01 -64.02
C MET D 31 28.87 11.35 -63.79
N TYR D 32 29.90 12.16 -63.51
CA TYR D 32 31.25 11.64 -63.27
C TYR D 32 31.56 11.48 -61.79
N ILE D 33 31.09 12.43 -61.01
CA ILE D 33 31.47 12.52 -59.61
C ILE D 33 30.23 12.30 -58.71
N GLY D 34 29.07 12.82 -59.14
CA GLY D 34 27.83 12.78 -58.37
C GLY D 34 27.73 13.87 -57.31
N SER D 35 27.89 15.14 -57.72
CA SER D 35 28.09 16.30 -56.82
C SER D 35 27.23 16.35 -55.58
N THR D 36 27.17 15.25 -54.83
CA THR D 36 26.37 15.12 -53.62
C THR D 36 26.81 16.13 -52.56
N ASP D 37 27.93 16.81 -52.84
CA ASP D 37 28.31 18.06 -52.22
C ASP D 37 28.26 18.09 -50.69
N GLY D 38 29.42 17.96 -50.06
CA GLY D 38 30.65 17.74 -50.77
C GLY D 38 31.02 16.27 -50.66
N ALA D 39 30.01 15.41 -50.62
CA ALA D 39 30.25 13.98 -50.74
C ALA D 39 30.82 13.69 -52.13
N GLY D 40 30.28 14.36 -53.14
CA GLY D 40 30.89 14.38 -54.47
C GLY D 40 32.32 14.91 -54.45
N LEU D 41 32.51 16.09 -53.86
CA LEU D 41 33.85 16.64 -53.69
C LEU D 41 34.85 15.58 -53.20
N HIS D 42 34.40 14.71 -52.31
CA HIS D 42 35.24 13.63 -51.85
C HIS D 42 35.35 12.47 -52.85
N HIS D 43 34.29 12.23 -53.61
CA HIS D 43 34.37 11.28 -54.71
C HIS D 43 35.50 11.62 -55.68
N LEU D 44 35.69 12.90 -56.00
CA LEU D 44 36.82 13.16 -56.91
C LEU D 44 38.16 12.82 -56.27
N VAL D 45 38.35 13.16 -55.00
CA VAL D 45 39.61 12.82 -54.35
C VAL D 45 39.84 11.31 -54.36
N TRP D 46 38.78 10.54 -54.14
CA TRP D 46 38.91 9.09 -54.29
C TRP D 46 39.46 8.83 -55.67
N GLU D 47 38.77 9.32 -56.70
CA GLU D 47 39.24 9.11 -58.08
C GLU D 47 40.75 9.36 -58.27
N ILE D 48 41.20 10.60 -58.13
CA ILE D 48 42.62 10.88 -58.34
C ILE D 48 43.54 10.01 -57.52
N VAL D 49 43.30 9.91 -56.22
CA VAL D 49 44.26 9.20 -55.38
C VAL D 49 44.26 7.69 -55.69
N ASP D 50 43.12 7.17 -56.12
CA ASP D 50 43.05 5.76 -56.48
C ASP D 50 43.86 5.58 -57.74
N ASN D 51 43.75 6.53 -58.65
CA ASN D 51 44.51 6.50 -59.91
C ASN D 51 46.01 6.55 -59.64
N ALA D 52 46.38 7.42 -58.70
CA ALA D 52 47.76 7.57 -58.25
C ALA D 52 48.28 6.24 -57.71
N VAL D 53 47.51 5.66 -56.81
CA VAL D 53 47.83 4.37 -56.21
C VAL D 53 48.03 3.33 -57.29
N ASP D 54 47.08 3.29 -58.21
CA ASP D 54 47.06 2.38 -59.34
C ASP D 54 48.35 2.46 -60.12
N GLU D 55 48.75 3.70 -60.39
CA GLU D 55 49.96 3.97 -61.17
C GLU D 55 51.21 3.56 -60.41
N ALA D 56 51.16 3.63 -59.08
CA ALA D 56 52.28 3.14 -58.29
C ALA D 56 52.33 1.62 -58.26
N LEU D 57 51.14 1.01 -58.32
CA LEU D 57 51.01 -0.44 -58.34
C LEU D 57 51.57 -0.95 -59.66
N SER D 58 51.49 -0.11 -60.69
CA SER D 58 52.07 -0.41 -62.00
C SER D 58 53.59 -0.49 -61.96
N GLY D 59 54.17 -0.51 -60.77
CA GLY D 59 55.60 -0.68 -60.59
C GLY D 59 56.34 0.63 -60.36
N PHE D 60 55.82 1.71 -60.91
CA PHE D 60 56.43 3.03 -60.76
C PHE D 60 56.08 3.63 -59.39
N ASP D 62 56.21 3.15 -54.63
CA ASP D 62 55.62 2.28 -53.61
C ASP D 62 55.04 3.07 -52.42
N ARG D 63 54.72 4.34 -52.66
CA ARG D 63 54.07 5.18 -51.65
C ARG D 63 53.36 6.37 -52.26
N ILE D 64 52.17 6.66 -51.76
CA ILE D 64 51.44 7.87 -52.16
C ILE D 64 51.21 8.83 -50.99
N ASP D 65 51.60 10.09 -51.19
CA ASP D 65 51.39 11.11 -50.19
C ASP D 65 50.22 12.02 -50.54
N VAL D 66 49.20 12.01 -49.69
CA VAL D 66 48.10 12.94 -49.83
C VAL D 66 48.22 14.06 -48.79
N THR D 67 48.17 15.30 -49.26
CA THR D 67 48.41 16.46 -48.40
C THR D 67 47.25 17.45 -48.52
N ILE D 68 46.52 17.67 -47.44
CA ILE D 68 45.55 18.75 -47.42
C ILE D 68 46.26 20.02 -47.01
N ASN D 69 46.45 20.95 -47.95
CA ASN D 69 47.21 22.16 -47.67
C ASN D 69 46.41 23.15 -46.85
N LYS D 70 47.06 24.22 -46.42
CA LYS D 70 46.40 25.21 -45.58
C LYS D 70 45.53 26.15 -46.41
N ASP D 71 45.92 26.41 -47.66
CA ASP D 71 45.11 27.24 -48.54
C ASP D 71 43.85 26.52 -49.07
N GLY D 72 43.69 25.25 -48.71
CA GLY D 72 42.48 24.51 -49.00
C GLY D 72 42.56 23.54 -50.16
N SER D 73 43.68 23.59 -50.88
CA SER D 73 43.85 22.75 -52.06
C SER D 73 44.37 21.39 -51.64
N LEU D 74 44.33 20.42 -52.57
CA LEU D 74 44.78 19.07 -52.26
C LEU D 74 45.97 18.64 -53.11
N THR D 75 47.13 18.45 -52.48
CA THR D 75 48.27 17.84 -53.18
C THR D 75 48.19 16.32 -53.06
N VAL D 76 48.64 15.60 -54.09
CA VAL D 76 48.64 14.14 -54.10
C VAL D 76 49.83 13.64 -54.92
N GLN D 77 50.95 13.34 -54.27
CA GLN D 77 52.14 13.00 -55.03
C GLN D 77 52.57 11.56 -54.90
N ASP D 78 53.26 11.06 -55.92
CA ASP D 78 53.86 9.73 -55.90
C ASP D 78 55.38 9.80 -56.01
N HIS D 79 56.06 8.78 -55.52
CA HIS D 79 57.52 8.77 -55.49
C HIS D 79 58.12 7.69 -56.37
N THR D 94 55.56 7.43 -69.60
CA THR D 94 54.87 8.70 -69.64
C THR D 94 53.85 8.72 -68.53
N VAL D 95 54.23 8.14 -67.39
CA VAL D 95 53.37 7.99 -66.20
C VAL D 95 52.53 9.24 -65.88
N GLU D 96 52.90 10.39 -66.43
CA GLU D 96 52.18 11.62 -66.12
C GLU D 96 50.73 11.70 -66.62
N VAL D 97 50.49 11.68 -67.93
CA VAL D 97 49.09 11.65 -68.34
C VAL D 97 48.54 10.25 -68.15
N ILE D 98 49.42 9.27 -67.95
CA ILE D 98 48.97 7.93 -67.61
C ILE D 98 48.19 8.07 -66.33
N PHE D 99 48.77 8.91 -65.46
CA PHE D 99 48.22 9.42 -64.19
C PHE D 99 47.04 10.34 -64.51
N THR D 100 47.23 11.66 -64.41
CA THR D 100 46.08 12.57 -64.16
C THR D 100 44.68 12.24 -64.78
N ILE D 101 44.65 11.38 -65.81
CA ILE D 101 43.37 10.85 -66.33
C ILE D 101 42.78 9.75 -65.44
N LEU D 102 41.89 10.16 -64.53
CA LEU D 102 41.14 9.24 -63.68
C LEU D 102 39.72 8.98 -64.22
N HIS D 103 38.72 9.23 -63.37
CA HIS D 103 37.36 8.68 -63.53
C HIS D 103 37.58 7.20 -63.74
N ALA D 104 38.46 6.65 -62.91
CA ALA D 104 38.90 5.29 -63.00
C ALA D 104 38.99 4.80 -61.58
N GLY D 105 37.98 4.00 -61.21
CA GLY D 105 37.88 3.34 -59.92
C GLY D 105 38.56 2.00 -60.08
N GLY D 106 39.79 2.10 -60.55
CA GLY D 106 40.57 0.92 -60.74
C GLY D 106 40.91 0.31 -59.41
N LYS D 107 42.07 0.71 -58.91
CA LYS D 107 42.70 0.10 -57.74
C LYS D 107 43.20 -1.34 -58.07
N PHE D 108 42.41 -2.11 -58.82
CA PHE D 108 42.73 -3.50 -59.16
C PHE D 108 44.18 -3.79 -59.55
N GLY D 109 45.05 -3.89 -58.55
CA GLY D 109 46.43 -4.26 -58.78
C GLY D 109 46.55 -5.73 -59.16
N VAL D 122 42.50 15.09 -76.48
CA VAL D 122 42.68 16.51 -76.26
C VAL D 122 41.98 16.95 -74.95
N GLY D 123 41.00 16.15 -74.51
CA GLY D 123 40.35 16.38 -73.23
C GLY D 123 40.85 15.46 -72.11
N SER D 124 39.93 14.68 -71.54
CA SER D 124 40.21 13.61 -70.57
C SER D 124 40.72 14.16 -69.23
N SER D 125 40.62 13.36 -68.16
CA SER D 125 40.92 13.82 -66.77
C SER D 125 39.86 14.77 -66.16
N VAL D 126 39.17 14.27 -65.14
CA VAL D 126 38.00 14.95 -64.59
C VAL D 126 38.35 15.91 -63.49
N VAL D 127 39.53 15.75 -62.90
CA VAL D 127 39.90 16.58 -61.76
C VAL D 127 40.33 17.96 -62.22
N ASN D 128 41.21 17.98 -63.22
CA ASN D 128 41.69 19.21 -63.80
C ASN D 128 40.53 19.94 -64.39
N ALA D 129 39.53 19.17 -64.81
CA ALA D 129 38.34 19.71 -65.44
C ALA D 129 37.34 20.28 -64.43
N LEU D 130 37.48 19.86 -63.18
CA LEU D 130 36.56 20.22 -62.11
C LEU D 130 37.24 21.10 -61.06
N SER D 131 38.21 21.90 -61.47
CA SER D 131 38.91 22.71 -60.49
C SER D 131 39.33 24.08 -61.02
N SER D 132 39.09 25.09 -60.20
CA SER D 132 39.46 26.47 -60.50
C SER D 132 40.95 26.54 -60.71
N TRP D 133 41.72 25.66 -60.06
CA TRP D 133 43.12 25.56 -60.49
C TRP D 133 43.81 24.24 -60.18
N LEU D 134 44.47 23.68 -61.19
CA LEU D 134 45.27 22.48 -61.03
C LEU D 134 46.73 22.80 -61.34
N GLU D 135 47.64 21.95 -60.88
CA GLU D 135 49.05 22.17 -61.07
C GLU D 135 49.78 20.86 -61.05
N VAL D 136 50.36 20.52 -62.19
CA VAL D 136 51.09 19.27 -62.35
C VAL D 136 52.58 19.56 -62.42
N GLU D 137 53.29 19.07 -61.40
CA GLU D 137 54.74 19.11 -61.39
C GLU D 137 55.28 17.70 -61.53
N ILE D 138 56.06 17.46 -62.59
CA ILE D 138 56.80 16.23 -62.71
C ILE D 138 58.25 16.54 -62.46
N THR D 139 58.95 15.62 -61.81
CA THR D 139 60.39 15.70 -61.68
C THR D 139 60.96 14.32 -61.94
N ARG D 140 61.59 14.13 -63.10
CA ARG D 140 61.95 12.78 -63.52
C ARG D 140 63.45 12.56 -63.65
N ASP D 141 64.12 13.43 -64.39
CA ASP D 141 65.51 13.17 -64.79
C ASP D 141 66.49 14.33 -64.59
N GLY D 142 66.63 14.78 -63.34
CA GLY D 142 67.62 15.79 -63.03
C GLY D 142 67.12 17.23 -63.11
N ALA D 143 65.82 17.38 -63.34
CA ALA D 143 65.18 18.69 -63.43
C ALA D 143 63.66 18.54 -63.34
N VAL D 144 62.99 19.61 -62.93
CA VAL D 144 61.54 19.56 -62.72
C VAL D 144 60.75 20.40 -63.74
N TYR D 145 59.86 19.72 -64.46
CA TYR D 145 58.92 20.40 -65.34
C TYR D 145 57.60 20.66 -64.59
N LYS D 146 56.94 21.78 -64.90
CA LYS D 146 55.70 22.16 -64.22
C LYS D 146 54.71 22.80 -65.20
N GLN D 147 53.42 22.66 -64.91
CA GLN D 147 52.38 23.40 -65.62
C GLN D 147 51.16 23.63 -64.71
N ARG D 148 50.45 24.74 -64.92
CA ARG D 148 49.20 24.97 -64.17
C ARG D 148 48.04 25.25 -65.11
N PHE D 149 46.84 24.99 -64.60
CA PHE D 149 45.63 25.10 -65.38
C PHE D 149 44.61 25.83 -64.53
N GLU D 150 43.84 26.72 -65.15
CA GLU D 150 42.88 27.52 -64.38
C GLU D 150 41.41 27.38 -64.78
N ASN D 151 40.57 27.93 -63.90
CA ASN D 151 39.11 27.96 -64.02
C ASN D 151 38.40 26.65 -64.36
N GLY D 152 38.90 25.91 -65.35
CA GLY D 152 38.21 24.70 -65.76
C GLY D 152 39.06 23.62 -66.39
N GLY D 153 40.29 23.94 -66.77
CA GLY D 153 41.14 22.98 -67.43
C GLY D 153 42.06 23.68 -68.41
N LYS D 154 41.68 24.91 -68.76
CA LYS D 154 42.48 25.74 -69.66
C LYS D 154 43.87 25.93 -69.06
N PRO D 155 44.91 25.61 -69.84
CA PRO D 155 46.26 25.85 -69.38
C PRO D 155 46.54 27.34 -69.43
N VAL D 156 47.67 27.72 -68.89
CA VAL D 156 47.87 29.08 -68.47
C VAL D 156 49.38 29.34 -68.45
N THR D 157 50.11 28.21 -68.40
CA THR D 157 51.56 28.14 -68.65
C THR D 157 51.90 26.87 -69.49
N THR D 158 53.11 26.83 -70.05
CA THR D 158 53.58 25.64 -70.78
C THR D 158 54.25 24.70 -69.79
N LEU D 159 54.32 23.41 -70.10
CA LEU D 159 55.22 22.57 -69.32
C LEU D 159 56.64 23.06 -69.63
N LYS D 160 57.17 23.84 -68.69
CA LYS D 160 58.51 24.39 -68.79
C LYS D 160 59.30 23.82 -67.62
N LYS D 161 60.58 24.18 -67.53
CA LYS D 161 61.41 23.71 -66.41
C LYS D 161 61.59 24.84 -65.40
N ILE D 162 61.67 24.49 -64.13
CA ILE D 162 61.96 25.44 -63.07
C ILE D 162 62.69 24.73 -61.95
N GLY D 163 63.96 25.04 -61.78
CA GLY D 163 64.78 24.35 -60.80
C GLY D 163 65.21 22.96 -61.26
N THR D 164 66.39 22.55 -60.83
CA THR D 164 66.91 21.22 -61.13
C THR D 164 66.89 20.38 -59.86
N ALA D 165 66.28 19.21 -59.95
CA ALA D 165 66.23 18.28 -58.83
C ALA D 165 67.29 17.19 -58.98
N PRO D 166 68.03 16.90 -57.90
CA PRO D 166 69.11 15.90 -57.93
C PRO D 166 68.62 14.51 -58.34
N LYS D 169 66.76 10.59 -58.83
CA LYS D 169 65.45 10.40 -58.23
C LYS D 169 64.30 11.03 -59.04
N THR D 170 63.07 10.65 -58.70
CA THR D 170 61.89 11.07 -59.46
C THR D 170 60.56 10.91 -58.70
N GLY D 171 59.47 11.31 -59.36
CA GLY D 171 58.13 11.30 -58.79
C GLY D 171 57.23 12.37 -59.40
N THR D 172 55.94 12.35 -59.10
CA THR D 172 55.05 13.35 -59.68
C THR D 172 54.00 13.85 -58.70
N LYS D 173 53.76 15.16 -58.67
CA LYS D 173 52.74 15.69 -57.79
C LYS D 173 51.67 16.43 -58.58
N VAL D 174 50.41 16.22 -58.17
CA VAL D 174 49.30 17.03 -58.63
C VAL D 174 48.67 17.77 -57.46
N THR D 175 48.68 19.09 -57.51
CA THR D 175 47.95 19.85 -56.50
C THR D 175 46.81 20.65 -57.17
N PHE D 176 45.66 20.74 -56.50
CA PHE D 176 44.50 21.37 -57.12
C PHE D 176 43.50 21.95 -56.12
N MET D 177 42.97 23.13 -56.43
CA MET D 177 41.82 23.66 -55.70
C MET D 177 40.57 23.57 -56.58
N PRO D 178 39.53 22.87 -56.06
CA PRO D 178 38.23 22.66 -56.68
C PRO D 178 37.56 24.00 -56.83
N ASP D 179 36.39 24.11 -57.43
CA ASP D 179 35.76 25.42 -57.41
C ASP D 179 34.34 25.48 -56.92
N ALA D 180 34.05 26.55 -56.18
CA ALA D 180 32.71 26.83 -55.67
C ALA D 180 31.89 27.54 -56.73
N THR D 181 32.06 27.08 -57.97
CA THR D 181 31.18 27.40 -59.07
C THR D 181 30.35 26.15 -59.32
N ILE D 182 31.00 24.99 -59.25
CA ILE D 182 30.28 23.74 -59.38
C ILE D 182 30.11 23.07 -58.01
N PHE D 183 30.97 23.41 -57.06
CA PHE D 183 30.90 22.79 -55.72
C PHE D 183 30.33 23.67 -54.61
N SER D 184 29.41 23.10 -53.85
CA SER D 184 28.98 23.70 -52.60
C SER D 184 29.76 22.98 -51.50
N THR D 185 30.53 23.74 -50.74
CA THR D 185 31.49 23.19 -49.77
C THR D 185 32.66 22.56 -50.51
N THR D 186 33.82 23.22 -50.39
CA THR D 186 35.06 22.67 -50.87
C THR D 186 36.01 22.44 -49.69
N ASP D 187 35.43 22.13 -48.53
CA ASP D 187 36.21 21.75 -47.36
C ASP D 187 36.53 20.25 -47.41
N PHE D 188 37.82 19.94 -47.45
CA PHE D 188 38.28 18.57 -47.42
C PHE D 188 38.25 18.07 -45.98
N LYS D 189 37.32 17.14 -45.69
CA LYS D 189 37.20 16.60 -44.34
C LYS D 189 38.27 15.55 -44.05
N TYR D 190 39.16 15.88 -43.10
CA TYR D 190 40.36 15.08 -42.83
C TYR D 190 40.09 13.66 -42.40
N ASN D 191 39.01 13.47 -41.65
CA ASN D 191 38.68 12.15 -41.11
C ASN D 191 38.10 11.20 -42.17
N THR D 192 37.41 11.78 -43.14
CA THR D 192 36.88 10.98 -44.24
C THR D 192 38.03 10.46 -45.13
N ILE D 193 38.89 11.37 -45.58
CA ILE D 193 40.04 11.01 -46.37
C ILE D 193 40.94 10.02 -45.62
N SER D 194 41.17 10.28 -44.35
CA SER D 194 41.91 9.35 -43.51
C SER D 194 41.31 7.94 -43.57
N GLU D 195 40.00 7.85 -43.33
CA GLU D 195 39.29 6.56 -43.38
C GLU D 195 39.50 5.84 -44.72
N ARG D 196 39.16 6.51 -45.82
CA ARG D 196 39.24 5.83 -47.12
C ARG D 196 40.66 5.36 -47.42
N LEU D 197 41.65 6.21 -47.12
CA LEU D 197 43.04 5.79 -47.26
C LEU D 197 43.31 4.49 -46.48
N ASN D 198 42.84 4.47 -45.24
CA ASN D 198 42.98 3.30 -44.39
C ASN D 198 42.48 2.01 -45.08
N GLU D 199 41.18 1.97 -45.39
CA GLU D 199 40.63 0.74 -46.00
C GLU D 199 41.31 0.42 -47.34
N SER D 200 41.58 1.47 -48.11
CA SER D 200 42.34 1.35 -49.36
C SER D 200 43.66 0.63 -49.09
N ALA D 201 44.20 0.83 -47.89
CA ALA D 201 45.46 0.23 -47.50
C ALA D 201 45.31 -1.23 -47.07
N PHE D 202 44.18 -1.59 -46.46
CA PHE D 202 43.94 -3.01 -46.19
C PHE D 202 43.95 -3.76 -47.50
N LEU D 203 43.14 -3.26 -48.45
CA LEU D 203 42.92 -3.93 -49.72
C LEU D 203 44.20 -4.21 -50.51
N LEU D 204 44.94 -3.16 -50.86
CA LEU D 204 46.19 -3.28 -51.62
C LEU D 204 47.44 -3.24 -50.69
N LYS D 205 48.21 -4.32 -50.69
CA LYS D 205 49.25 -4.55 -49.69
C LYS D 205 50.63 -3.98 -50.06
N ASN D 206 51.00 -4.06 -51.34
CA ASN D 206 52.31 -3.61 -51.78
C ASN D 206 52.47 -2.07 -51.85
N VAL D 207 51.46 -1.34 -51.37
CA VAL D 207 51.48 0.13 -51.37
C VAL D 207 51.30 0.69 -49.95
N THR D 208 51.84 1.88 -49.70
CA THR D 208 51.55 2.57 -48.44
C THR D 208 51.09 4.01 -48.68
N LEU D 209 50.17 4.46 -47.82
CA LEU D 209 49.43 5.69 -48.06
C LEU D 209 49.52 6.65 -46.90
N SER D 210 50.08 7.84 -47.13
CA SER D 210 50.20 8.83 -46.07
C SER D 210 49.21 9.98 -46.27
N LEU D 211 48.95 10.73 -45.22
CA LEU D 211 47.97 11.82 -45.29
C LEU D 211 48.23 12.90 -44.25
N THR D 212 48.88 13.97 -44.68
CA THR D 212 49.20 15.04 -43.76
C THR D 212 48.34 16.28 -44.05
N ASP D 213 48.04 17.05 -43.00
CA ASP D 213 47.05 18.12 -43.08
C ASP D 213 47.59 19.45 -42.54
N LYS D 214 48.15 20.27 -43.44
CA LYS D 214 48.76 21.55 -43.07
C LYS D 214 47.81 22.49 -42.31
N ARG D 215 46.51 22.24 -42.41
CA ARG D 215 45.52 23.06 -41.71
C ARG D 215 45.67 22.89 -40.21
N THR D 216 45.75 21.64 -39.78
CA THR D 216 45.91 21.29 -38.36
C THR D 216 47.04 20.26 -38.23
N ASP D 217 48.29 20.74 -38.29
CA ASP D 217 49.50 19.93 -38.53
C ASP D 217 49.53 18.47 -38.05
N GLU D 218 48.70 17.62 -38.65
CA GLU D 218 48.64 16.20 -38.31
C GLU D 218 48.88 15.30 -39.53
N ALA D 219 49.09 14.01 -39.28
CA ALA D 219 49.46 13.08 -40.34
C ALA D 219 49.40 11.63 -39.89
N ILE D 220 48.54 10.85 -40.51
CA ILE D 220 48.54 9.40 -40.32
C ILE D 220 49.38 8.79 -41.45
N GLU D 221 49.53 7.47 -41.43
CA GLU D 221 50.28 6.74 -42.45
C GLU D 221 49.91 5.28 -42.38
N PHE D 222 49.16 4.81 -43.37
CA PHE D 222 48.64 3.43 -43.32
C PHE D 222 49.47 2.45 -44.13
N HIS D 223 49.90 1.38 -43.47
CA HIS D 223 50.46 0.22 -44.15
C HIS D 223 50.08 -1.06 -43.42
N TYR D 224 49.39 -1.97 -44.13
CA TYR D 224 48.96 -3.22 -43.52
C TYR D 224 49.50 -4.45 -44.23
N GLU D 225 50.23 -5.26 -43.48
CA GLU D 225 50.95 -6.41 -44.02
C GLU D 225 50.09 -7.67 -44.07
N ASN D 226 49.49 -8.01 -42.92
CA ASN D 226 48.66 -9.20 -42.82
C ASN D 226 47.49 -9.15 -43.80
N GLY D 227 47.00 -7.94 -44.09
CA GLY D 227 45.95 -7.76 -45.08
C GLY D 227 44.58 -8.00 -44.50
N VAL D 228 43.63 -8.35 -45.38
CA VAL D 228 42.24 -8.68 -45.01
C VAL D 228 42.02 -9.29 -43.59
N GLN D 229 43.02 -10.02 -43.11
CA GLN D 229 43.09 -10.44 -41.70
C GLN D 229 43.05 -9.21 -40.82
N ASP D 230 43.95 -8.27 -41.10
CA ASP D 230 44.11 -7.06 -40.29
C ASP D 230 42.88 -6.13 -40.43
N PHE D 231 42.15 -6.27 -41.53
CA PHE D 231 40.94 -5.51 -41.76
C PHE D 231 39.92 -5.81 -40.67
N VAL D 232 39.47 -7.05 -40.63
CA VAL D 232 38.47 -7.51 -39.67
C VAL D 232 38.94 -7.32 -38.22
N SER D 233 40.25 -7.29 -38.03
CA SER D 233 40.79 -6.98 -36.72
C SER D 233 40.38 -5.56 -36.37
N TYR D 234 40.40 -4.69 -37.38
CA TYR D 234 40.10 -3.26 -37.22
C TYR D 234 38.61 -3.03 -37.06
N LEU D 235 37.83 -3.95 -37.61
CA LEU D 235 36.40 -3.88 -37.47
C LEU D 235 35.96 -4.20 -36.05
N ASN D 236 36.78 -4.98 -35.34
CA ASN D 236 36.42 -5.42 -34.00
C ASN D 236 37.40 -4.98 -32.92
N GLU D 237 37.99 -3.81 -33.10
CA GLU D 237 38.93 -3.33 -32.11
C GLU D 237 38.25 -2.42 -31.10
N ASP D 238 37.06 -1.93 -31.46
CA ASP D 238 36.25 -1.13 -30.54
C ASP D 238 35.49 -2.06 -29.59
N LYS D 239 35.26 -3.28 -30.07
CA LYS D 239 34.38 -4.22 -29.40
C LYS D 239 35.12 -5.21 -28.53
N GLU D 240 34.38 -6.15 -27.94
CA GLU D 240 34.95 -7.26 -27.22
C GLU D 240 34.97 -8.48 -28.12
N ILE D 241 36.17 -8.98 -28.38
CA ILE D 241 36.41 -10.14 -29.23
C ILE D 241 35.91 -11.43 -28.58
N LEU D 242 35.64 -12.45 -29.37
CA LEU D 242 35.37 -13.78 -28.81
C LEU D 242 36.36 -14.79 -29.38
N THR D 243 35.95 -15.43 -30.46
CA THR D 243 36.87 -16.18 -31.31
C THR D 243 37.97 -15.29 -31.89
N PRO D 244 39.16 -15.87 -32.17
CA PRO D 244 40.20 -15.14 -32.90
C PRO D 244 39.80 -14.88 -34.36
N VAL D 245 40.70 -14.29 -35.14
CA VAL D 245 40.38 -14.01 -36.53
C VAL D 245 40.58 -15.19 -37.45
N LEU D 246 39.48 -15.60 -38.06
CA LEU D 246 39.49 -16.64 -39.08
C LEU D 246 39.93 -16.05 -40.42
N TYR D 247 40.52 -16.90 -41.27
CA TYR D 247 40.96 -16.48 -42.59
C TYR D 247 41.15 -17.63 -43.57
N PHE D 248 40.44 -17.56 -44.69
CA PHE D 248 40.66 -18.45 -45.80
C PHE D 248 40.89 -17.63 -47.07
N GLU D 249 41.76 -18.12 -47.95
CA GLU D 249 41.92 -17.53 -49.27
C GLU D 249 41.54 -18.59 -50.29
N GLY D 250 41.44 -18.22 -51.56
CA GLY D 250 41.04 -19.17 -52.58
C GLY D 250 41.35 -18.77 -54.01
N GLU D 251 41.17 -19.73 -54.92
CA GLU D 251 41.28 -19.50 -56.36
C GLU D 251 40.61 -20.65 -57.11
N ASP D 252 39.67 -20.31 -57.98
CA ASP D 252 38.91 -21.31 -58.75
C ASP D 252 38.14 -20.68 -59.91
N ASN D 253 38.07 -21.41 -61.02
CA ASN D 253 37.30 -21.02 -62.21
C ASN D 253 37.46 -19.56 -62.65
N GLY D 254 38.57 -18.94 -62.26
CA GLY D 254 38.88 -17.56 -62.63
C GLY D 254 38.74 -16.59 -61.48
N PHE D 255 38.15 -17.06 -60.38
CA PHE D 255 37.88 -16.26 -59.20
C PHE D 255 39.00 -16.43 -58.17
N GLN D 256 39.49 -15.33 -57.61
CA GLN D 256 40.38 -15.40 -56.44
C GLN D 256 39.70 -14.72 -55.24
N VAL D 257 39.28 -15.53 -54.27
CA VAL D 257 38.56 -15.03 -53.10
C VAL D 257 39.42 -14.98 -51.83
N GLU D 258 39.16 -14.01 -50.98
CA GLU D 258 39.87 -13.86 -49.73
C GLU D 258 38.94 -13.36 -48.63
N VAL D 259 38.65 -14.23 -47.67
CA VAL D 259 37.65 -13.95 -46.65
C VAL D 259 38.18 -14.14 -45.24
N ALA D 260 38.12 -13.07 -44.43
CA ALA D 260 38.46 -13.13 -43.01
C ALA D 260 37.29 -12.77 -42.10
N LEU D 261 37.16 -13.45 -40.97
CA LEU D 261 36.00 -13.26 -40.11
C LEU D 261 36.28 -13.53 -38.62
N GLN D 262 35.66 -12.77 -37.73
CA GLN D 262 35.75 -13.04 -36.29
C GLN D 262 34.60 -12.48 -35.46
N TYR D 263 34.40 -13.04 -34.27
CA TYR D 263 33.24 -12.73 -33.42
C TYR D 263 33.44 -11.69 -32.33
N ASN D 264 32.51 -10.75 -32.24
CA ASN D 264 32.42 -9.95 -31.02
C ASN D 264 31.22 -10.38 -30.18
N ASP D 265 31.12 -9.86 -28.96
CA ASP D 265 29.98 -10.20 -28.12
C ASP D 265 28.75 -9.36 -28.48
N GLY D 266 28.61 -9.03 -29.76
CA GLY D 266 27.54 -8.17 -30.24
C GLY D 266 26.38 -8.89 -30.91
N PHE D 267 25.38 -8.11 -31.34
CA PHE D 267 24.18 -8.64 -31.99
C PHE D 267 24.27 -8.51 -33.51
N SER D 268 24.24 -7.29 -34.02
CA SER D 268 24.34 -7.03 -35.45
C SER D 268 25.65 -7.55 -36.04
N ASP D 269 25.56 -8.23 -37.17
CA ASP D 269 26.74 -8.68 -37.91
C ASP D 269 27.26 -7.54 -38.79
N ASN D 270 28.53 -7.59 -39.13
CA ASN D 270 29.12 -6.60 -40.00
C ASN D 270 29.89 -7.30 -41.11
N ILE D 271 29.32 -7.32 -42.31
CA ILE D 271 29.96 -8.03 -43.43
C ILE D 271 30.16 -7.14 -44.66
N LEU D 272 31.38 -6.66 -44.87
CA LEU D 272 31.72 -5.85 -46.05
C LEU D 272 32.36 -6.64 -47.20
N SER D 273 31.96 -6.35 -48.43
CA SER D 273 32.38 -7.13 -49.62
C SER D 273 33.01 -6.33 -50.77
N PHE D 274 33.92 -6.97 -51.50
CA PHE D 274 34.57 -6.34 -52.64
C PHE D 274 34.72 -7.23 -53.88
N VAL D 275 34.11 -6.82 -55.00
CA VAL D 275 34.52 -7.31 -56.31
C VAL D 275 35.59 -6.36 -56.87
N ASN D 276 36.78 -6.87 -57.10
CA ASN D 276 37.87 -6.07 -57.66
C ASN D 276 38.17 -4.78 -56.89
N ASN D 277 38.23 -4.89 -55.57
CA ASN D 277 38.69 -3.79 -54.70
C ASN D 277 37.76 -2.58 -54.63
N VAL D 278 36.75 -2.56 -55.48
CA VAL D 278 35.60 -1.68 -55.27
C VAL D 278 34.65 -2.43 -54.32
N ARG D 279 33.87 -1.70 -53.52
CA ARG D 279 33.04 -2.32 -52.50
C ARG D 279 31.68 -2.74 -53.03
N THR D 280 31.10 -3.79 -52.49
CA THR D 280 29.69 -4.04 -52.78
C THR D 280 28.83 -3.57 -51.60
N LYS D 281 28.37 -2.32 -51.74
CA LYS D 281 27.53 -1.67 -50.73
C LYS D 281 26.27 -2.46 -50.41
N ASP D 282 25.82 -3.29 -51.35
CA ASP D 282 24.57 -4.02 -51.18
C ASP D 282 24.74 -5.48 -51.48
N GLY D 283 26.00 -5.92 -51.57
CA GLY D 283 26.31 -7.34 -51.52
C GLY D 283 26.03 -8.14 -52.77
N GLY D 284 25.25 -9.22 -52.62
CA GLY D 284 24.93 -10.08 -53.75
C GLY D 284 25.57 -11.46 -53.72
N THR D 285 25.46 -12.17 -54.83
CA THR D 285 25.88 -13.57 -55.00
C THR D 285 27.15 -14.04 -54.24
N HIS D 286 28.24 -13.31 -54.31
CA HIS D 286 29.43 -13.71 -53.57
C HIS D 286 29.20 -13.71 -52.06
N GLU D 287 28.45 -12.73 -51.59
CA GLU D 287 28.14 -12.60 -50.17
C GLU D 287 27.23 -13.75 -49.77
N THR D 288 26.07 -13.83 -50.43
CA THR D 288 25.12 -14.91 -50.20
C THR D 288 25.80 -16.28 -50.23
N GLY D 289 26.77 -16.46 -51.12
CA GLY D 289 27.51 -17.70 -51.20
C GLY D 289 28.36 -17.94 -49.96
N LEU D 290 28.94 -16.86 -49.42
CA LEU D 290 29.69 -16.99 -48.17
C LEU D 290 28.72 -17.33 -47.04
N LYS D 291 27.57 -16.68 -47.05
CA LYS D 291 26.55 -16.90 -46.03
C LYS D 291 25.89 -18.27 -46.18
N SER D 292 25.91 -18.81 -47.39
CA SER D 292 25.33 -20.12 -47.66
C SER D 292 26.22 -21.26 -47.16
N ALA D 293 27.43 -20.92 -46.76
CA ALA D 293 28.43 -21.93 -46.42
C ALA D 293 28.70 -21.96 -44.93
N ILE D 294 28.36 -20.88 -44.24
CA ILE D 294 28.57 -20.83 -42.80
C ILE D 294 27.41 -21.53 -42.11
N THR D 295 26.20 -21.35 -42.61
CA THR D 295 25.05 -21.98 -41.98
C THR D 295 24.94 -23.41 -42.46
N LYS D 296 25.58 -23.70 -43.58
CA LYS D 296 25.55 -25.05 -44.15
C LYS D 296 26.51 -25.94 -43.38
N VAL D 297 27.73 -25.46 -43.18
CA VAL D 297 28.77 -26.31 -42.63
C VAL D 297 28.61 -26.43 -41.13
N MET D 298 27.87 -25.48 -40.57
CA MET D 298 27.70 -25.46 -39.13
C MET D 298 26.57 -26.40 -38.70
N ASN D 299 25.42 -26.31 -39.38
CA ASN D 299 24.33 -27.27 -39.21
C ASN D 299 24.83 -28.69 -39.34
N ASP D 300 25.71 -28.89 -40.32
CA ASP D 300 26.34 -30.19 -40.53
C ASP D 300 27.17 -30.55 -39.30
N TYR D 301 27.96 -29.59 -38.81
CA TYR D 301 28.75 -29.81 -37.61
C TYR D 301 27.82 -29.94 -36.42
N ALA D 302 26.70 -29.21 -36.48
CA ALA D 302 25.70 -29.23 -35.42
C ALA D 302 25.14 -30.63 -35.22
N ARG D 303 24.74 -31.26 -36.32
CA ARG D 303 24.14 -32.59 -36.26
C ARG D 303 25.12 -33.62 -35.72
N LYS D 304 26.40 -33.51 -36.09
CA LYS D 304 27.41 -34.46 -35.64
C LYS D 304 27.85 -34.23 -34.20
N THR D 305 28.75 -33.27 -34.01
CA THR D 305 29.26 -32.96 -32.68
C THR D 305 28.17 -32.41 -31.75
N GLY D 306 27.90 -31.10 -31.85
CA GLY D 306 26.97 -30.40 -30.96
C GLY D 306 25.56 -30.98 -30.83
N LEU D 307 25.37 -32.18 -31.38
CA LEU D 307 24.13 -32.94 -31.29
C LEU D 307 22.97 -32.36 -32.08
N LEU D 308 22.47 -31.19 -31.67
CA LEU D 308 21.28 -30.56 -32.25
C LEU D 308 19.97 -31.39 -32.10
N ASN D 314 16.54 -27.22 -38.79
CA ASN D 314 17.82 -27.08 -38.10
C ASN D 314 18.43 -25.70 -38.28
N LEU D 315 18.22 -24.85 -37.28
CA LEU D 315 18.81 -23.49 -37.21
C LEU D 315 18.45 -22.54 -38.36
N GLU D 316 18.49 -21.25 -38.08
CA GLU D 316 18.06 -20.27 -39.07
C GLU D 316 19.25 -19.76 -39.86
N GLY D 317 18.97 -18.84 -40.79
CA GLY D 317 19.99 -18.20 -41.58
C GLY D 317 21.03 -17.51 -40.71
N SER D 318 20.61 -16.52 -39.94
CA SER D 318 21.50 -15.83 -39.02
C SER D 318 21.92 -16.77 -37.90
N ASP D 319 21.61 -16.44 -36.64
CA ASP D 319 21.91 -17.31 -35.49
C ASP D 319 23.40 -17.65 -35.38
N TYR D 320 24.03 -17.93 -36.52
CA TYR D 320 25.43 -18.26 -36.60
C TYR D 320 26.23 -17.00 -36.89
N ARG D 321 25.52 -15.93 -37.20
CA ARG D 321 26.19 -14.68 -37.55
C ARG D 321 25.98 -13.60 -36.52
N GLU D 322 25.43 -13.97 -35.36
CA GLU D 322 25.25 -13.01 -34.26
C GLU D 322 26.60 -12.51 -33.79
N GLY D 323 26.91 -11.25 -34.11
CA GLY D 323 28.19 -10.65 -33.76
C GLY D 323 29.35 -11.05 -34.65
N LEU D 324 29.03 -11.61 -35.82
CA LEU D 324 30.07 -11.98 -36.77
C LEU D 324 30.37 -10.78 -37.65
N ALA D 325 31.62 -10.32 -37.60
CA ALA D 325 32.16 -9.39 -38.58
C ALA D 325 33.03 -10.15 -39.58
N ALA D 326 32.85 -9.88 -40.87
CA ALA D 326 33.69 -10.53 -41.85
C ALA D 326 34.04 -9.58 -42.98
N VAL D 327 35.24 -9.76 -43.54
CA VAL D 327 35.67 -9.00 -44.72
C VAL D 327 35.84 -9.89 -45.96
N LEU D 328 35.02 -9.61 -46.97
CA LEU D 328 34.96 -10.40 -48.19
C LEU D 328 35.51 -9.64 -49.41
N SER D 329 36.66 -10.06 -49.92
CA SER D 329 37.15 -9.47 -51.16
C SER D 329 37.55 -10.51 -52.19
N ILE D 330 36.81 -10.53 -53.30
CA ILE D 330 37.09 -11.46 -54.40
C ILE D 330 37.46 -10.72 -55.66
N LEU D 331 38.03 -11.52 -56.57
CA LEU D 331 38.47 -11.08 -57.89
C LEU D 331 37.79 -11.93 -58.98
N VAL D 332 36.88 -11.28 -59.69
CA VAL D 332 36.11 -11.88 -60.78
C VAL D 332 36.78 -11.42 -62.07
N PRO D 333 36.87 -12.33 -63.07
CA PRO D 333 37.36 -12.01 -64.43
C PRO D 333 36.28 -11.28 -65.22
N GLU D 334 36.62 -10.57 -66.29
CA GLU D 334 35.65 -9.75 -67.05
C GLU D 334 34.53 -10.60 -67.62
N GLU D 335 34.88 -11.85 -67.96
CA GLU D 335 33.96 -12.76 -68.63
C GLU D 335 32.89 -13.35 -67.70
N HIS D 336 32.98 -13.03 -66.41
CA HIS D 336 32.11 -13.60 -65.39
C HIS D 336 31.51 -12.52 -64.50
N LEU D 337 31.69 -11.27 -64.91
CA LEU D 337 31.43 -10.14 -64.03
C LEU D 337 30.17 -9.38 -64.45
N GLN D 338 29.07 -9.63 -63.76
CA GLN D 338 27.82 -8.92 -64.01
C GLN D 338 27.25 -8.30 -62.70
N PHE D 339 26.70 -7.09 -62.79
CA PHE D 339 26.13 -6.39 -61.63
C PHE D 339 24.59 -6.32 -61.72
N GLU D 340 24.01 -5.22 -61.24
CA GLU D 340 22.56 -5.02 -61.33
C GLU D 340 22.21 -3.79 -62.18
N GLY D 341 21.00 -3.27 -62.01
CA GLY D 341 20.53 -2.15 -62.80
C GLY D 341 21.29 -0.85 -62.54
N GLN D 342 22.42 -0.68 -63.23
CA GLN D 342 23.37 0.42 -63.00
C GLN D 342 23.98 0.36 -61.59
N THR D 343 25.10 1.06 -61.39
CA THR D 343 25.82 1.06 -60.11
C THR D 343 26.30 -0.33 -59.65
N LYS D 344 27.61 -0.43 -59.45
CA LYS D 344 28.24 -1.70 -59.09
C LYS D 344 27.95 -2.08 -57.63
N ASP D 345 26.90 -1.50 -57.06
CA ASP D 345 26.53 -1.72 -55.67
C ASP D 345 26.14 -3.18 -55.31
N LYS D 346 25.61 -3.93 -56.28
CA LYS D 346 25.23 -5.33 -56.05
C LYS D 346 25.78 -6.33 -57.10
N LEU D 347 26.49 -7.36 -56.65
CA LEU D 347 27.01 -8.37 -57.59
C LEU D 347 25.88 -9.25 -58.07
N GLY D 348 25.89 -9.53 -59.38
CA GLY D 348 24.90 -10.40 -60.01
C GLY D 348 25.40 -11.74 -60.52
N SER D 349 26.69 -11.80 -60.85
CA SER D 349 27.37 -12.99 -61.39
C SER D 349 26.96 -14.30 -60.73
N PRO D 350 26.05 -15.05 -61.37
CA PRO D 350 25.58 -16.28 -60.70
C PRO D 350 26.68 -17.33 -60.43
N LEU D 351 27.84 -17.22 -61.05
CA LEU D 351 28.89 -18.22 -60.88
C LEU D 351 29.65 -17.99 -59.60
N ALA D 352 29.56 -16.75 -59.11
CA ALA D 352 30.24 -16.31 -57.90
C ALA D 352 29.59 -16.86 -56.62
N ARG D 353 28.28 -17.07 -56.67
CA ARG D 353 27.58 -17.71 -55.55
C ARG D 353 28.16 -19.09 -55.22
N PRO D 354 28.30 -19.99 -56.21
CA PRO D 354 28.96 -21.25 -55.84
C PRO D 354 30.48 -21.18 -55.60
N VAL D 355 31.21 -20.44 -56.42
CA VAL D 355 32.68 -20.44 -56.27
C VAL D 355 33.10 -19.90 -54.92
N VAL D 356 32.42 -18.87 -54.43
CA VAL D 356 32.63 -18.41 -53.07
C VAL D 356 32.17 -19.51 -52.10
N ASP D 357 30.93 -19.97 -52.23
CA ASP D 357 30.39 -21.06 -51.40
C ASP D 357 31.38 -22.22 -51.39
N GLY D 358 31.86 -22.60 -52.58
CA GLY D 358 32.80 -23.70 -52.70
C GLY D 358 34.02 -23.48 -51.83
N ILE D 359 34.78 -22.46 -52.20
CA ILE D 359 36.03 -22.15 -51.53
C ILE D 359 35.82 -22.08 -50.02
N VAL D 360 34.95 -21.18 -49.56
CA VAL D 360 34.75 -21.01 -48.12
C VAL D 360 34.26 -22.28 -47.44
N ALA D 361 33.29 -22.98 -48.02
CA ALA D 361 32.70 -24.15 -47.36
C ALA D 361 33.73 -25.25 -47.17
N ASP D 362 34.61 -25.39 -48.16
CA ASP D 362 35.72 -26.35 -48.07
C ASP D 362 36.60 -26.00 -46.87
N LYS D 363 37.35 -24.92 -47.02
CA LYS D 363 38.23 -24.43 -45.97
C LYS D 363 37.59 -24.47 -44.57
N LEU D 364 36.35 -23.98 -44.48
CA LEU D 364 35.66 -23.90 -43.19
C LEU D 364 35.31 -25.27 -42.65
N THR D 365 35.17 -26.26 -43.53
CA THR D 365 34.87 -27.62 -43.07
C THR D 365 36.12 -28.22 -42.40
N PHE D 366 37.27 -28.04 -43.05
CA PHE D 366 38.56 -28.46 -42.49
C PHE D 366 38.84 -27.71 -41.18
N PHE D 367 39.17 -26.42 -41.29
CA PHE D 367 39.46 -25.59 -40.13
C PHE D 367 38.32 -25.48 -39.09
N LEU D 368 37.36 -26.40 -39.19
CA LEU D 368 36.34 -26.58 -38.17
C LEU D 368 36.80 -27.76 -37.33
N MET D 369 37.73 -28.52 -37.89
CA MET D 369 38.38 -29.62 -37.18
C MET D 369 39.69 -29.14 -36.53
N GLU D 370 39.90 -27.83 -36.56
CA GLU D 370 41.01 -27.22 -35.83
C GLU D 370 40.81 -27.51 -34.36
N ASN D 371 40.03 -26.66 -33.70
CA ASN D 371 39.62 -26.92 -32.33
C ASN D 371 38.15 -27.30 -32.26
N GLY D 372 37.72 -27.74 -31.08
CA GLY D 372 36.33 -28.07 -30.86
C GLY D 372 35.87 -27.34 -29.62
N GLU D 373 36.84 -26.80 -28.90
CA GLU D 373 36.54 -25.95 -27.76
C GLU D 373 35.70 -24.78 -28.26
N LEU D 374 36.20 -24.10 -29.28
CA LEU D 374 35.53 -22.92 -29.82
C LEU D 374 34.46 -23.27 -30.85
N ALA D 375 34.41 -24.52 -31.30
CA ALA D 375 33.46 -24.91 -32.33
C ALA D 375 32.11 -25.29 -31.73
N SER D 376 32.12 -26.27 -30.82
CA SER D 376 30.95 -26.62 -30.03
C SER D 376 30.37 -25.37 -29.38
N ASN D 377 31.26 -24.47 -28.97
CA ASN D 377 30.87 -23.26 -28.28
C ASN D 377 30.08 -22.32 -29.17
N LEU D 378 30.56 -22.13 -30.39
CA LEU D 378 29.85 -21.27 -31.34
C LEU D 378 28.53 -21.93 -31.68
N ILE D 379 28.54 -23.26 -31.87
CA ILE D 379 27.31 -24.01 -32.16
C ILE D 379 26.38 -24.00 -30.95
N ARG D 380 26.95 -23.73 -29.77
CA ARG D 380 26.15 -23.60 -28.56
C ARG D 380 25.48 -22.23 -28.51
N LYS D 381 26.27 -21.21 -28.81
CA LYS D 381 25.79 -19.84 -28.83
C LYS D 381 24.70 -19.69 -29.89
N ALA D 382 24.85 -20.43 -30.99
CA ALA D 382 23.88 -20.40 -32.09
C ALA D 382 22.54 -20.93 -31.60
N ILE D 383 22.56 -22.18 -31.13
CA ILE D 383 21.38 -22.80 -30.54
C ILE D 383 20.76 -21.87 -29.48
N LYS D 384 21.59 -21.11 -28.78
CA LYS D 384 21.09 -20.08 -27.87
C LYS D 384 20.32 -19.01 -28.64
N ALA D 385 20.93 -18.52 -29.73
CA ALA D 385 20.38 -17.41 -30.51
C ALA D 385 19.01 -17.70 -31.12
N ARG D 386 18.85 -18.92 -31.64
CA ARG D 386 17.56 -19.40 -32.14
C ARG D 386 16.50 -19.23 -31.05
N ASP D 387 16.82 -19.75 -29.87
CA ASP D 387 15.90 -19.73 -28.75
C ASP D 387 15.52 -18.29 -28.43
N ALA D 388 16.53 -17.45 -28.22
CA ALA D 388 16.29 -16.05 -27.93
C ALA D 388 15.48 -15.37 -29.05
N ARG D 389 15.86 -15.63 -30.31
CA ARG D 389 15.16 -15.06 -31.47
C ARG D 389 13.66 -15.32 -31.45
N GLU D 390 13.29 -16.59 -31.39
CA GLU D 390 11.89 -16.99 -31.45
C GLU D 390 11.14 -16.63 -30.18
N ALA D 391 11.88 -16.25 -29.15
CA ALA D 391 11.27 -15.77 -27.91
C ALA D 391 10.69 -14.38 -28.12
N ALA D 392 11.13 -13.74 -29.22
CA ALA D 392 10.55 -12.47 -29.64
C ALA D 392 9.32 -12.73 -30.51
N ARG D 393 9.44 -13.68 -31.43
CA ARG D 393 8.35 -14.07 -32.31
C ARG D 393 7.12 -14.50 -31.53
N LYS D 394 7.33 -15.31 -30.49
CA LYS D 394 6.25 -15.78 -29.64
C LYS D 394 5.63 -14.63 -28.85
N ALA D 395 6.49 -13.77 -28.29
CA ALA D 395 6.05 -12.61 -27.53
C ALA D 395 5.28 -11.63 -28.41
N ARG D 396 5.71 -11.52 -29.67
CA ARG D 396 5.07 -10.63 -30.64
C ARG D 396 3.63 -11.06 -30.94
N ASP D 397 3.44 -12.35 -31.19
CA ASP D 397 2.14 -12.91 -31.57
C ASP D 397 1.04 -12.59 -30.55
N GLU D 398 1.42 -12.54 -29.27
CA GLU D 398 0.48 -12.19 -28.22
C GLU D 398 -0.01 -10.76 -28.43
N SER D 399 0.93 -9.85 -28.68
CA SER D 399 0.64 -8.42 -28.89
C SER D 399 -0.12 -7.79 -27.73
N GLY D 414 11.55 -12.06 -16.56
CA GLY D 414 10.75 -11.03 -17.21
C GLY D 414 10.89 -9.68 -16.53
N LYS D 415 11.12 -9.73 -15.22
CA LYS D 415 11.50 -8.54 -14.49
C LYS D 415 12.99 -8.33 -14.71
N LEU D 416 13.61 -9.24 -15.45
CA LEU D 416 15.02 -9.12 -15.79
C LEU D 416 15.38 -7.81 -16.49
N THR D 417 16.55 -7.26 -16.16
CA THR D 417 17.05 -6.09 -16.88
C THR D 417 18.37 -6.53 -17.49
N PRO D 418 18.32 -6.99 -18.73
CA PRO D 418 19.31 -7.90 -19.31
C PRO D 418 20.51 -7.19 -19.86
N ALA D 419 21.71 -7.75 -19.68
CA ALA D 419 22.93 -7.13 -20.18
C ALA D 419 22.96 -7.06 -21.71
N GLN D 420 23.50 -5.96 -22.21
CA GLN D 420 23.52 -5.63 -23.63
C GLN D 420 24.16 -6.71 -24.48
N SER D 421 25.36 -7.12 -24.09
CA SER D 421 26.17 -8.03 -24.88
C SER D 421 26.14 -9.43 -24.30
N LYS D 422 25.65 -10.38 -25.10
CA LYS D 422 25.62 -11.77 -24.69
C LYS D 422 27.03 -12.35 -24.70
N ASN D 423 27.48 -12.82 -23.55
CA ASN D 423 28.78 -13.49 -23.39
C ASN D 423 28.86 -14.16 -22.04
N PRO D 424 28.55 -15.46 -21.99
CA PRO D 424 28.59 -16.28 -20.77
C PRO D 424 29.89 -16.13 -19.99
N ALA D 425 31.00 -15.92 -20.70
CA ALA D 425 32.32 -15.87 -20.08
C ALA D 425 32.52 -14.71 -19.09
N LYS D 426 31.78 -13.62 -19.25
CA LYS D 426 32.08 -12.37 -18.54
C LYS D 426 30.91 -11.75 -17.79
N ASN D 427 29.70 -12.03 -18.28
CA ASN D 427 28.46 -11.52 -17.68
C ASN D 427 28.23 -11.88 -16.23
N GLU D 428 27.55 -10.98 -15.52
CA GLU D 428 27.22 -11.20 -14.13
C GLU D 428 25.71 -11.05 -13.98
N LEU D 429 25.08 -11.99 -13.28
CA LEU D 429 23.66 -11.85 -12.92
C LEU D 429 23.52 -11.30 -11.51
N TYR D 430 22.96 -10.11 -11.36
CA TYR D 430 22.79 -9.53 -10.05
C TYR D 430 21.40 -9.76 -9.51
N LEU D 431 21.32 -10.61 -8.47
CA LEU D 431 20.09 -10.88 -7.77
C LEU D 431 19.83 -9.81 -6.69
N VAL D 432 18.74 -9.07 -6.86
CA VAL D 432 18.45 -7.99 -5.94
C VAL D 432 17.12 -8.22 -5.27
N GLU D 433 16.96 -7.70 -4.05
CA GLU D 433 15.75 -7.92 -3.26
C GLU D 433 14.69 -6.90 -3.61
N GLY D 434 13.84 -7.19 -4.60
CA GLY D 434 12.80 -6.24 -4.97
C GLY D 434 13.17 -5.09 -5.91
N ASP D 435 12.14 -4.37 -6.35
CA ASP D 435 12.29 -3.34 -7.38
C ASP D 435 12.84 -2.00 -6.88
N SER D 436 12.65 -1.68 -5.60
CA SER D 436 13.21 -0.45 -5.02
C SER D 436 14.73 -0.44 -5.12
N ALA D 437 15.33 -1.53 -4.64
CA ALA D 437 16.77 -1.70 -4.75
C ALA D 437 17.16 -2.01 -6.18
N GLY D 438 16.21 -2.61 -6.90
CA GLY D 438 16.39 -2.88 -8.31
C GLY D 438 16.61 -1.62 -9.15
N GLY D 439 16.05 -0.51 -8.68
CA GLY D 439 16.27 0.77 -9.33
C GLY D 439 17.74 1.10 -9.30
N SER D 440 18.25 1.31 -8.10
CA SER D 440 19.63 1.70 -7.92
C SER D 440 20.56 0.73 -8.64
N ALA D 441 20.33 -0.57 -8.42
CA ALA D 441 21.05 -1.60 -9.16
C ALA D 441 21.11 -1.26 -10.64
N LYS D 442 19.92 -1.13 -11.23
CA LYS D 442 19.75 -0.96 -12.67
C LYS D 442 20.49 0.26 -13.19
N GLN D 443 20.42 1.34 -12.43
CA GLN D 443 21.10 2.59 -12.82
C GLN D 443 22.62 2.45 -12.68
N GLY D 444 23.10 2.45 -11.45
CA GLY D 444 24.53 2.34 -11.16
C GLY D 444 25.33 1.24 -11.85
N ARG D 445 24.66 0.34 -12.55
CA ARG D 445 25.32 -0.81 -13.18
C ARG D 445 26.00 -0.40 -14.47
N ASP D 446 26.97 -1.21 -14.91
CA ASP D 446 27.52 -1.11 -16.26
C ASP D 446 26.63 -1.97 -17.10
N ARG D 447 25.99 -1.41 -18.11
CA ARG D 447 24.98 -2.20 -18.82
C ARG D 447 25.52 -3.24 -19.80
N LYS D 448 26.79 -3.15 -20.16
CA LYS D 448 27.30 -4.01 -21.22
C LYS D 448 27.35 -5.47 -20.80
N PHE D 449 27.54 -5.71 -19.50
CA PHE D 449 27.70 -7.09 -19.03
C PHE D 449 26.96 -7.43 -17.75
N GLN D 450 26.36 -6.44 -17.12
CA GLN D 450 25.67 -6.70 -15.87
C GLN D 450 24.15 -6.77 -16.01
N ALA D 451 23.56 -7.80 -15.43
CA ALA D 451 22.12 -7.97 -15.48
C ALA D 451 21.49 -7.79 -14.13
N ILE D 452 20.20 -7.50 -14.09
CA ILE D 452 19.54 -7.30 -12.83
C ILE D 452 18.24 -8.09 -12.76
N LEU D 453 18.18 -9.05 -11.83
CA LEU D 453 16.96 -9.81 -11.56
C LEU D 453 16.42 -9.47 -10.18
N PRO D 454 15.30 -8.73 -10.15
CA PRO D 454 14.58 -8.37 -8.93
C PRO D 454 13.80 -9.57 -8.44
N LEU D 455 13.84 -9.84 -7.15
CA LEU D 455 13.06 -10.90 -6.53
C LEU D 455 12.00 -10.26 -5.64
N ARG D 456 10.80 -10.81 -5.61
CA ARG D 456 9.73 -10.15 -4.90
C ARG D 456 9.47 -10.67 -3.47
N GLY D 457 10.47 -10.53 -2.61
CA GLY D 457 10.23 -10.74 -1.19
C GLY D 457 11.32 -11.54 -0.55
N LYS D 458 10.93 -12.43 0.35
CA LYS D 458 11.79 -13.53 0.74
C LYS D 458 11.61 -14.70 -0.23
N VAL D 459 12.73 -15.23 -0.68
CA VAL D 459 12.76 -16.46 -1.44
C VAL D 459 12.15 -17.61 -0.62
N ILE D 460 11.44 -18.50 -1.29
CA ILE D 460 10.91 -19.71 -0.65
C ILE D 460 12.02 -20.60 -0.05
N ASN D 461 11.75 -21.23 1.08
CA ASN D 461 12.72 -22.18 1.64
C ASN D 461 12.61 -23.51 0.94
N THR D 462 13.64 -23.82 0.14
CA THR D 462 13.66 -25.02 -0.69
C THR D 462 13.97 -26.31 0.08
N ALA D 463 14.23 -26.19 1.38
CA ALA D 463 14.39 -27.35 2.25
C ALA D 463 13.04 -27.79 2.80
N LYS D 464 12.32 -26.84 3.38
CA LYS D 464 11.06 -27.09 4.06
C LYS D 464 9.85 -27.34 3.14
N ALA D 465 9.97 -27.12 1.84
CA ALA D 465 8.77 -27.13 1.02
C ALA D 465 8.62 -28.36 0.13
N LYS D 466 7.36 -28.75 -0.10
CA LYS D 466 7.02 -29.82 -1.04
C LYS D 466 7.60 -29.50 -2.43
N MET D 467 7.86 -30.53 -3.24
CA MET D 467 8.40 -30.28 -4.58
C MET D 467 7.30 -29.74 -5.51
N ALA D 468 6.06 -29.88 -5.05
CA ALA D 468 4.90 -29.29 -5.71
C ALA D 468 5.03 -27.78 -5.66
N ASP D 469 5.11 -27.28 -4.43
CA ASP D 469 5.37 -25.87 -4.17
C ASP D 469 6.66 -25.38 -4.85
N ILE D 470 7.81 -25.99 -4.53
CA ILE D 470 9.09 -25.56 -5.11
C ILE D 470 9.02 -25.52 -6.63
N LEU D 471 8.17 -26.37 -7.21
CA LEU D 471 7.93 -26.31 -8.66
C LEU D 471 7.15 -25.04 -9.03
N LYS D 472 6.01 -24.85 -8.37
CA LYS D 472 5.10 -23.75 -8.71
C LYS D 472 5.62 -22.34 -8.42
N ASN D 473 6.66 -22.22 -7.59
CA ASN D 473 7.08 -20.88 -7.14
C ASN D 473 7.60 -19.96 -8.24
N GLU D 474 6.93 -18.83 -8.41
CA GLU D 474 7.17 -17.95 -9.56
C GLU D 474 8.63 -17.50 -9.68
N GLU D 475 9.16 -16.96 -8.58
CA GLU D 475 10.55 -16.47 -8.58
C GLU D 475 11.55 -17.61 -8.86
N ILE D 476 11.28 -18.79 -8.31
CA ILE D 476 12.13 -19.93 -8.61
C ILE D 476 12.25 -20.14 -10.11
N ASN D 477 11.12 -20.14 -10.80
CA ASN D 477 11.10 -20.35 -12.24
C ASN D 477 11.83 -19.25 -12.98
N THR D 478 11.53 -18.01 -12.62
CA THR D 478 12.20 -16.87 -13.24
C THR D 478 13.72 -16.98 -13.13
N MET D 479 14.21 -17.50 -11.99
CA MET D 479 15.66 -17.69 -11.81
C MET D 479 16.19 -18.86 -12.62
N ILE D 480 15.41 -19.92 -12.68
CA ILE D 480 15.85 -21.13 -13.38
C ILE D 480 15.95 -20.88 -14.88
N TYR D 481 15.10 -19.98 -15.40
CA TYR D 481 15.17 -19.53 -16.81
C TYR D 481 16.28 -18.51 -17.02
N THR D 482 16.28 -17.47 -16.20
CA THR D 482 17.27 -16.40 -16.33
C THR D 482 18.70 -16.98 -16.30
N ILE D 483 18.99 -17.89 -15.37
CA ILE D 483 20.32 -18.49 -15.29
C ILE D 483 20.51 -19.46 -16.47
N GLY D 484 19.39 -19.92 -17.02
CA GLY D 484 19.34 -20.79 -18.18
C GLY D 484 20.29 -21.98 -18.24
N ALA D 485 20.24 -22.85 -17.25
CA ALA D 485 21.14 -24.00 -17.22
C ALA D 485 20.43 -25.28 -16.86
N GLY D 486 19.29 -25.14 -16.17
CA GLY D 486 18.51 -26.28 -15.73
C GLY D 486 18.70 -26.64 -14.26
N VAL D 487 17.66 -27.17 -13.63
CA VAL D 487 17.72 -27.44 -12.20
C VAL D 487 18.35 -28.81 -11.86
N GLY D 488 19.12 -28.82 -10.76
CA GLY D 488 19.60 -30.02 -10.10
C GLY D 488 20.21 -31.15 -10.90
N ALA D 489 19.36 -32.06 -11.34
CA ALA D 489 19.80 -33.28 -12.02
C ALA D 489 19.93 -33.03 -13.52
N ASP D 490 19.10 -32.12 -14.01
CA ASP D 490 19.16 -31.68 -15.39
C ASP D 490 20.08 -30.46 -15.54
N PHE D 491 20.82 -30.16 -14.46
CA PHE D 491 21.71 -29.00 -14.43
C PHE D 491 22.97 -29.22 -15.26
N SER D 492 23.18 -28.36 -16.25
CA SER D 492 24.36 -28.41 -17.11
C SER D 492 25.21 -27.15 -16.92
N ILE D 493 26.32 -27.28 -16.20
CA ILE D 493 27.18 -26.13 -15.86
C ILE D 493 27.65 -25.34 -17.07
N GLU D 494 27.76 -26.03 -18.21
CA GLU D 494 28.26 -25.40 -19.42
C GLU D 494 27.25 -24.43 -20.00
N ASP D 495 25.99 -24.58 -19.61
CA ASP D 495 24.95 -23.74 -20.20
C ASP D 495 24.64 -22.48 -19.37
N ALA D 496 25.50 -22.20 -18.40
CA ALA D 496 25.46 -20.96 -17.61
C ALA D 496 25.64 -19.72 -18.49
N ASN D 497 24.62 -18.88 -18.55
CA ASN D 497 24.71 -17.61 -19.29
C ASN D 497 25.65 -16.60 -18.66
N TYR D 498 26.06 -16.84 -17.42
CA TYR D 498 26.88 -15.89 -16.69
C TYR D 498 28.04 -16.56 -15.97
N ASP D 499 29.17 -15.85 -15.89
CA ASP D 499 30.37 -16.34 -15.18
C ASP D 499 30.25 -16.16 -13.67
N LYS D 500 29.50 -15.14 -13.27
CA LYS D 500 29.28 -14.85 -11.85
C LYS D 500 27.80 -14.62 -11.59
N ILE D 501 27.29 -15.26 -10.56
CA ILE D 501 25.95 -14.99 -10.10
C ILE D 501 26.05 -14.36 -8.72
N ILE D 502 25.81 -13.06 -8.67
CA ILE D 502 26.05 -12.28 -7.47
C ILE D 502 24.79 -12.01 -6.67
N ILE D 503 24.84 -12.30 -5.37
CA ILE D 503 23.71 -12.07 -4.46
C ILE D 503 23.87 -10.72 -3.80
N MET D 504 22.90 -9.84 -4.02
CA MET D 504 22.98 -8.50 -3.46
C MET D 504 21.72 -8.16 -2.71
N THR D 505 21.69 -8.49 -1.43
CA THR D 505 20.55 -8.14 -0.62
C THR D 505 20.90 -6.89 0.16
N ASP D 506 19.87 -6.21 0.63
CA ASP D 506 20.03 -5.06 1.48
C ASP D 506 20.97 -5.41 2.64
N ALA D 507 21.60 -4.41 3.24
CA ALA D 507 22.69 -4.68 4.16
C ALA D 507 22.25 -5.24 5.51
N ASP D 508 20.99 -5.02 5.88
CA ASP D 508 20.46 -5.46 7.17
C ASP D 508 20.29 -6.98 7.37
N THR D 509 19.55 -7.35 8.40
CA THR D 509 19.44 -8.75 8.81
C THR D 509 18.54 -9.58 7.89
N ASP D 510 17.36 -9.05 7.57
CA ASP D 510 16.46 -9.68 6.62
C ASP D 510 17.19 -9.93 5.29
N GLY D 511 18.12 -9.03 4.98
CA GLY D 511 19.10 -9.28 3.95
C GLY D 511 19.77 -10.63 4.10
N ALA D 512 20.53 -10.79 5.19
CA ALA D 512 21.31 -12.00 5.45
C ALA D 512 20.47 -13.25 5.41
N HIS D 513 19.21 -13.10 5.84
CA HIS D 513 18.29 -14.21 5.81
C HIS D 513 17.96 -14.62 4.38
N ILE D 514 17.69 -13.63 3.51
CA ILE D 514 17.51 -13.96 2.09
C ILE D 514 18.77 -14.61 1.50
N GLN D 515 19.93 -14.00 1.72
CA GLN D 515 21.20 -14.65 1.37
C GLN D 515 21.15 -16.13 1.74
N THR D 516 20.68 -16.40 2.95
CA THR D 516 20.58 -17.76 3.42
C THR D 516 19.64 -18.60 2.56
N LEU D 517 18.42 -18.13 2.34
CA LEU D 517 17.47 -18.90 1.55
C LEU D 517 17.92 -19.20 0.09
N LEU D 518 18.49 -18.18 -0.56
CA LEU D 518 18.99 -18.31 -1.92
C LEU D 518 20.12 -19.32 -1.93
N LEU D 519 21.03 -19.16 -0.99
CA LEU D 519 22.20 -20.01 -0.90
C LEU D 519 21.82 -21.47 -0.77
N THR D 520 20.89 -21.77 0.14
CA THR D 520 20.44 -23.15 0.21
C THR D 520 19.75 -23.58 -1.08
N PHE D 521 18.98 -22.72 -1.73
CA PHE D 521 18.45 -23.13 -3.03
C PHE D 521 19.54 -23.50 -4.06
N PHE D 522 20.65 -22.77 -4.05
CA PHE D 522 21.71 -23.06 -5.01
C PHE D 522 22.39 -24.36 -4.64
N TYR D 523 22.63 -24.54 -3.34
CA TYR D 523 23.18 -25.78 -2.85
C TYR D 523 22.31 -26.97 -3.26
N ARG D 524 21.00 -26.82 -3.11
CA ARG D 524 20.07 -27.90 -3.43
C ARG D 524 19.94 -28.16 -4.93
N TYR D 525 19.21 -27.30 -5.64
CA TYR D 525 18.82 -27.66 -7.01
C TYR D 525 19.70 -27.12 -8.13
N MET D 526 20.94 -26.76 -7.80
CA MET D 526 21.91 -26.22 -8.77
C MET D 526 23.32 -26.31 -8.19
N ARG D 527 23.59 -27.44 -7.54
CA ARG D 527 24.83 -27.68 -6.78
C ARG D 527 26.15 -27.34 -7.50
N PRO D 528 26.38 -27.85 -8.73
CA PRO D 528 27.67 -27.60 -9.37
C PRO D 528 27.97 -26.14 -9.69
N LEU D 529 26.95 -25.27 -9.68
CA LEU D 529 27.19 -23.83 -9.78
C LEU D 529 27.91 -23.39 -8.52
N VAL D 530 27.37 -23.75 -7.35
CA VAL D 530 28.01 -23.39 -6.08
C VAL D 530 29.33 -24.13 -5.93
N GLU D 531 29.46 -25.25 -6.62
CA GLU D 531 30.65 -26.09 -6.55
C GLU D 531 31.80 -25.49 -7.36
N ALA D 532 31.47 -24.93 -8.52
CA ALA D 532 32.45 -24.31 -9.40
C ALA D 532 32.92 -22.96 -8.88
N GLY D 533 32.28 -22.48 -7.81
CA GLY D 533 32.50 -21.12 -7.36
C GLY D 533 32.04 -20.14 -8.42
N HIS D 534 30.73 -20.03 -8.56
CA HIS D 534 30.11 -19.14 -9.52
C HIS D 534 29.06 -18.31 -8.76
N VAL D 535 28.76 -18.76 -7.55
CA VAL D 535 27.81 -18.06 -6.73
C VAL D 535 28.63 -17.23 -5.77
N TYR D 536 28.63 -15.92 -6.00
CA TYR D 536 29.31 -14.95 -5.13
C TYR D 536 28.25 -14.15 -4.38
N ILE D 537 28.65 -13.62 -3.23
CA ILE D 537 27.77 -12.79 -2.43
C ILE D 537 28.34 -11.39 -2.46
N ALA D 538 27.49 -10.38 -2.74
CA ALA D 538 27.91 -8.97 -2.74
C ALA D 538 27.99 -8.34 -1.34
N LEU D 539 28.88 -7.35 -1.20
CA LEU D 539 29.10 -6.73 0.11
C LEU D 539 28.83 -5.21 0.13
N PRO D 540 27.55 -4.82 0.30
CA PRO D 540 27.14 -3.41 0.41
C PRO D 540 27.44 -2.89 1.79
N PRO D 541 27.66 -1.57 1.90
CA PRO D 541 27.81 -0.96 3.23
C PRO D 541 26.45 -0.80 3.91
N LEU D 542 26.42 -0.90 5.24
CA LEU D 542 25.20 -0.67 6.00
C LEU D 542 25.02 0.83 6.39
N TYR D 543 26.10 1.45 6.89
CA TYR D 543 26.06 2.86 7.30
C TYR D 543 27.06 3.72 6.52
N LYS D 544 27.03 5.04 6.78
CA LYS D 544 28.00 5.99 6.19
C LYS D 544 28.31 7.08 7.20
N MET D 545 29.02 8.13 6.77
CA MET D 545 29.44 9.18 7.70
C MET D 545 29.20 10.62 7.23
N ALA D 558 30.93 2.88 5.76
CA ALA D 558 31.36 1.91 6.77
C ALA D 558 30.57 0.60 6.76
N TRP D 559 31.29 -0.51 6.69
CA TRP D 559 30.68 -1.85 6.77
C TRP D 559 30.64 -2.29 8.24
N THR D 560 29.97 -3.40 8.51
CA THR D 560 29.98 -4.05 9.84
C THR D 560 29.42 -3.21 10.98
N ASP D 561 30.14 -3.20 12.10
CA ASP D 561 29.82 -2.35 13.24
C ASP D 561 31.07 -2.21 14.10
N GLY D 562 32.14 -2.91 13.70
CA GLY D 562 33.42 -2.78 14.36
C GLY D 562 34.24 -1.66 13.74
N GLU D 563 34.03 -1.44 12.44
CA GLU D 563 34.79 -0.42 11.70
C GLU D 563 34.07 0.93 11.71
N LEU D 564 32.76 0.93 11.92
CA LEU D 564 31.99 2.18 12.01
C LEU D 564 32.20 2.85 13.37
N GLU D 565 32.31 2.03 14.42
CA GLU D 565 32.62 2.51 15.76
C GLU D 565 34.00 3.16 15.79
N GLU D 566 34.83 2.80 14.82
CA GLU D 566 36.15 3.39 14.66
C GLU D 566 36.09 4.74 13.93
N LEU D 567 34.96 5.42 14.09
CA LEU D 567 34.77 6.76 13.52
C LEU D 567 34.16 7.70 14.55
N LEU D 577 25.72 10.35 10.30
CA LEU D 577 25.82 8.90 10.12
C LEU D 577 24.49 8.25 9.71
N GLN D 578 24.28 8.12 8.40
CA GLN D 578 23.07 7.49 7.87
C GLN D 578 23.16 5.96 7.83
N ARG D 579 22.01 5.30 7.91
CA ARG D 579 21.90 3.84 7.87
C ARG D 579 21.03 3.36 6.69
N TYR D 580 21.64 2.69 5.72
CA TYR D 580 20.90 2.23 4.53
C TYR D 580 19.99 1.03 4.83
N LYS D 581 18.70 1.33 5.01
CA LYS D 581 17.69 0.33 5.35
C LYS D 581 17.14 -0.29 4.09
N GLY D 582 18.00 -0.95 3.33
CA GLY D 582 17.68 -1.34 1.98
C GLY D 582 18.41 -0.51 0.94
N LEU D 583 18.76 -1.13 -0.17
CA LEU D 583 19.60 -0.48 -1.17
C LEU D 583 18.95 0.74 -1.83
N GLY D 584 17.63 0.84 -1.76
CA GLY D 584 16.89 1.88 -2.47
C GLY D 584 17.07 3.31 -1.96
N GLU D 585 17.83 3.49 -0.89
CA GLU D 585 18.15 4.84 -0.46
C GLU D 585 19.64 5.08 -0.60
N MET D 586 20.25 4.30 -1.48
CA MET D 586 21.61 4.54 -1.87
C MET D 586 21.53 5.05 -3.31
N ASN D 587 22.21 6.16 -3.61
CA ASN D 587 22.18 6.66 -4.97
C ASN D 587 23.08 5.82 -5.86
N ALA D 588 22.78 5.76 -7.15
CA ALA D 588 23.41 4.77 -8.03
C ALA D 588 24.94 4.83 -8.09
N ASP D 589 25.49 6.05 -8.14
CA ASP D 589 26.94 6.24 -8.12
C ASP D 589 27.55 5.52 -6.92
N GLN D 590 27.01 5.83 -5.74
CA GLN D 590 27.41 5.16 -4.49
C GLN D 590 27.44 3.64 -4.64
N LEU D 591 26.33 3.06 -5.09
CA LEU D 591 26.23 1.63 -5.31
C LEU D 591 27.32 1.09 -6.22
N TRP D 592 27.54 1.76 -7.36
CA TRP D 592 28.55 1.31 -8.31
C TRP D 592 29.91 1.30 -7.65
N GLU D 593 30.32 2.46 -7.14
CA GLU D 593 31.64 2.60 -6.53
C GLU D 593 31.84 1.60 -5.40
N THR D 594 30.89 1.54 -4.47
CA THR D 594 31.05 0.71 -3.29
C THR D 594 30.96 -0.79 -3.55
N THR D 595 30.05 -1.22 -4.43
CA THR D 595 29.78 -2.64 -4.54
C THR D 595 29.75 -3.29 -5.93
N MET D 596 29.51 -2.54 -7.00
CA MET D 596 29.31 -3.16 -8.32
C MET D 596 30.45 -3.00 -9.32
N ASN D 597 31.37 -2.09 -9.02
CA ASN D 597 32.54 -1.83 -9.87
C ASN D 597 33.58 -2.92 -9.68
N PRO D 598 33.88 -3.65 -10.76
CA PRO D 598 34.78 -4.79 -10.57
C PRO D 598 36.17 -4.38 -10.08
N GLU D 599 36.54 -3.13 -10.29
CA GLU D 599 37.76 -2.61 -9.71
C GLU D 599 37.57 -2.43 -8.20
N THR D 600 36.83 -1.37 -7.84
CA THR D 600 36.57 -0.99 -6.46
C THR D 600 35.95 -2.04 -5.47
N ARG D 601 35.15 -2.98 -5.97
CA ARG D 601 34.25 -3.74 -5.08
C ARG D 601 34.97 -4.80 -4.27
N THR D 602 34.26 -5.38 -3.30
CA THR D 602 34.70 -6.57 -2.58
C THR D 602 33.58 -7.60 -2.65
N LEU D 603 33.89 -8.84 -3.01
CA LEU D 603 32.87 -9.90 -3.16
C LEU D 603 33.18 -11.17 -2.36
N ILE D 604 32.29 -11.59 -1.47
CA ILE D 604 32.44 -12.90 -0.83
C ILE D 604 32.30 -13.98 -1.92
N ARG D 605 33.13 -15.01 -1.86
CA ARG D 605 33.19 -15.99 -2.94
C ARG D 605 32.88 -17.39 -2.44
N VAL D 606 31.63 -17.81 -2.55
CA VAL D 606 31.17 -19.02 -1.85
C VAL D 606 31.60 -20.33 -2.53
N THR D 607 32.05 -21.27 -1.69
CA THR D 607 32.53 -22.59 -2.13
C THR D 607 32.17 -23.72 -1.14
N ILE D 608 31.94 -24.92 -1.66
CA ILE D 608 31.80 -26.11 -0.82
C ILE D 608 33.20 -26.65 -0.61
N GLU D 609 33.71 -26.48 0.60
CA GLU D 609 35.08 -26.88 0.92
C GLU D 609 35.16 -28.28 1.56
N ASP D 610 34.03 -28.77 2.10
CA ASP D 610 33.92 -30.14 2.61
C ASP D 610 32.47 -30.66 2.61
N LEU D 611 32.06 -31.30 1.51
CA LEU D 611 30.65 -31.64 1.25
C LEU D 611 29.87 -32.23 2.43
N ALA D 612 30.46 -33.23 3.08
CA ALA D 612 29.85 -33.83 4.25
C ALA D 612 29.45 -32.79 5.29
N ARG D 613 30.40 -31.94 5.67
CA ARG D 613 30.17 -30.92 6.68
C ARG D 613 29.25 -29.79 6.20
N ALA D 614 28.71 -29.93 4.98
CA ALA D 614 27.80 -28.91 4.43
C ALA D 614 26.36 -29.38 4.49
N GLU D 615 26.11 -30.58 3.96
CA GLU D 615 24.77 -31.14 3.93
C GLU D 615 24.16 -31.08 5.30
N ARG D 616 24.98 -31.26 6.33
CA ARG D 616 24.51 -31.15 7.70
C ARG D 616 23.96 -29.75 7.95
N ARG D 617 24.85 -28.75 7.89
CA ARG D 617 24.53 -27.39 8.28
C ARG D 617 23.30 -26.79 7.58
N VAL D 618 23.31 -26.80 6.25
CA VAL D 618 22.12 -26.45 5.49
C VAL D 618 20.92 -27.18 6.09
N ASN D 619 20.92 -28.52 6.04
CA ASN D 619 19.77 -29.29 6.52
C ASN D 619 19.43 -29.07 8.00
N VAL D 620 20.33 -28.42 8.75
CA VAL D 620 20.02 -28.13 10.15
C VAL D 620 19.42 -26.76 10.31
N LEU D 621 19.98 -25.79 9.59
CA LEU D 621 19.54 -24.42 9.74
C LEU D 621 18.29 -24.19 8.89
N MET D 622 18.12 -25.01 7.86
CA MET D 622 16.99 -24.85 6.96
C MET D 622 16.02 -26.01 7.03
N GLY D 623 16.39 -27.03 7.81
CA GLY D 623 15.59 -28.24 7.95
C GLY D 623 14.19 -28.04 8.50
N ASP D 624 13.34 -29.04 8.26
CA ASP D 624 11.95 -29.00 8.70
C ASP D 624 11.88 -29.08 10.22
N LYS D 625 12.82 -29.82 10.80
CA LYS D 625 12.82 -30.10 12.24
C LYS D 625 13.50 -29.02 13.08
N VAL D 626 12.81 -28.54 14.11
CA VAL D 626 13.27 -27.39 14.90
C VAL D 626 14.38 -27.68 15.89
N GLU D 627 14.26 -28.79 16.62
CA GLU D 627 15.18 -29.10 17.75
C GLU D 627 16.68 -28.89 17.45
N PRO D 628 17.20 -29.55 16.40
CA PRO D 628 18.62 -29.37 16.05
C PRO D 628 18.98 -27.91 15.79
N ARG D 629 18.06 -27.18 15.18
CA ARG D 629 18.27 -25.75 14.99
C ARG D 629 18.42 -25.08 16.35
N ARG D 630 17.48 -25.34 17.26
CA ARG D 630 17.50 -24.68 18.56
C ARG D 630 18.82 -24.95 19.26
N LYS D 631 19.27 -26.21 19.19
CA LYS D 631 20.54 -26.65 19.77
C LYS D 631 21.69 -25.85 19.19
N TRP D 632 21.76 -25.84 17.87
CA TRP D 632 22.79 -25.10 17.16
C TRP D 632 22.82 -23.65 17.63
N ILE D 633 21.64 -23.05 17.78
CA ILE D 633 21.57 -21.65 18.17
C ILE D 633 22.11 -21.46 19.57
N GLU D 634 21.66 -22.31 20.48
CA GLU D 634 22.10 -22.24 21.88
C GLU D 634 23.61 -22.41 21.98
N ASP D 635 24.17 -23.15 21.04
CA ASP D 635 25.61 -23.38 21.00
C ASP D 635 26.41 -22.21 20.40
N ASN D 636 26.15 -21.91 19.12
CA ASN D 636 26.97 -20.96 18.36
C ASN D 636 26.61 -19.49 18.53
N VAL D 637 25.33 -19.19 18.70
CA VAL D 637 24.89 -17.80 18.81
C VAL D 637 25.15 -17.25 20.21
N LYS D 638 26.10 -16.32 20.31
CA LYS D 638 26.32 -15.63 21.57
C LYS D 638 25.47 -14.38 21.60
N PHE D 639 24.63 -14.25 22.63
CA PHE D 639 23.73 -13.10 22.72
C PHE D 639 24.36 -11.93 23.44
N THR D 640 25.68 -12.02 23.68
CA THR D 640 26.37 -11.27 24.74
C THR D 640 25.79 -11.67 26.10
N SER D 650 41.76 -7.72 0.13
CA SER D 650 40.47 -8.36 -0.14
C SER D 650 39.78 -7.82 -1.41
N ASN D 651 39.91 -8.54 -2.52
CA ASN D 651 39.22 -8.20 -3.76
C ASN D 651 38.14 -9.23 -4.06
N ILE D 652 38.48 -10.50 -3.87
CA ILE D 652 37.50 -11.59 -3.87
C ILE D 652 37.85 -12.57 -2.75
N GLN D 653 37.30 -12.32 -1.57
CA GLN D 653 37.53 -13.17 -0.38
C GLN D 653 36.72 -14.47 -0.44
N ASN D 654 37.41 -15.59 -0.31
CA ASN D 654 36.76 -16.90 -0.36
C ASN D 654 36.21 -17.28 1.00
N MET D 655 35.18 -18.13 0.98
CA MET D 655 34.55 -18.60 2.21
C MET D 655 33.78 -19.90 1.95
N SER D 656 33.87 -20.84 2.88
CA SER D 656 33.13 -22.09 2.75
C SER D 656 31.65 -21.87 3.00
N LEU D 657 30.81 -22.64 2.32
CA LEU D 657 29.36 -22.61 2.55
C LEU D 657 29.00 -22.74 4.03
N GLU D 658 29.72 -23.62 4.74
CA GLU D 658 29.50 -23.84 6.16
C GLU D 658 29.58 -22.54 6.97
N ASP D 659 30.59 -21.72 6.67
CA ASP D 659 30.79 -20.48 7.40
C ASP D 659 29.90 -19.31 6.93
N ILE D 660 29.63 -19.21 5.63
CA ILE D 660 28.68 -18.22 5.14
C ILE D 660 27.31 -18.45 5.78
N MET D 661 26.72 -19.63 5.51
CA MET D 661 25.41 -19.98 6.07
C MET D 661 25.41 -19.91 7.57
N GLY D 662 26.55 -20.29 8.15
CA GLY D 662 26.79 -20.14 9.57
C GLY D 662 26.54 -18.72 10.05
N GLU D 663 27.49 -17.82 9.77
CA GLU D 663 27.44 -16.42 10.23
C GLU D 663 26.15 -15.70 9.87
N ARG D 664 25.68 -15.93 8.64
CA ARG D 664 24.47 -15.29 8.19
C ARG D 664 23.27 -15.73 9.02
N PHE D 665 22.99 -17.04 9.06
CA PHE D 665 21.83 -17.49 9.81
C PHE D 665 21.97 -17.11 11.27
N GLY D 666 23.21 -17.03 11.73
CA GLY D 666 23.48 -16.58 13.07
C GLY D 666 22.96 -15.17 13.25
N ARG D 667 23.24 -14.32 12.27
CA ARG D 667 22.83 -12.93 12.35
C ARG D 667 21.31 -12.85 12.40
N TYR D 668 20.65 -13.47 11.41
CA TYR D 668 19.17 -13.44 11.34
C TYR D 668 18.53 -13.95 12.61
N SER D 669 18.87 -15.18 12.98
CA SER D 669 18.39 -15.78 14.23
C SER D 669 18.56 -14.86 15.42
N LYS D 670 19.77 -14.37 15.65
CA LYS D 670 20.00 -13.52 16.81
C LYS D 670 19.08 -12.28 16.80
N TYR D 671 18.95 -11.63 15.65
CA TYR D 671 18.16 -10.39 15.63
C TYR D 671 16.68 -10.67 15.82
N ILE D 672 16.23 -11.76 15.24
CA ILE D 672 14.81 -12.08 15.22
C ILE D 672 14.36 -12.58 16.59
N ILE D 673 15.29 -13.16 17.35
CA ILE D 673 15.02 -13.55 18.73
C ILE D 673 15.08 -12.35 19.68
N GLN D 674 16.20 -11.63 19.65
CA GLN D 674 16.46 -10.55 20.60
C GLN D 674 15.59 -9.33 20.40
N ASP D 675 15.33 -9.01 19.14
CA ASP D 675 14.76 -7.70 18.78
C ASP D 675 13.53 -7.68 17.85
N ARG D 676 12.58 -8.60 18.05
CA ARG D 676 11.36 -8.62 17.21
C ARG D 676 10.18 -9.37 17.79
N ALA D 677 10.38 -10.67 17.95
CA ALA D 677 9.30 -11.63 18.08
C ALA D 677 9.01 -12.03 19.51
N LEU D 678 10.05 -12.05 20.35
CA LEU D 678 9.89 -12.44 21.74
C LEU D 678 9.87 -11.17 22.56
N PRO D 679 9.06 -11.16 23.64
CA PRO D 679 8.89 -10.06 24.60
C PRO D 679 9.95 -10.02 25.70
N ASP D 680 10.14 -8.85 26.30
CA ASP D 680 11.08 -8.69 27.41
C ASP D 680 10.41 -9.03 28.74
N ILE D 681 11.01 -9.95 29.48
CA ILE D 681 10.41 -10.54 30.67
C ILE D 681 10.06 -9.52 31.76
N ARG D 682 10.35 -8.24 31.53
CA ARG D 682 10.05 -7.21 32.51
C ARG D 682 8.83 -6.36 32.13
N ASP D 683 8.87 -5.65 31.00
CA ASP D 683 7.70 -4.87 30.57
C ASP D 683 6.72 -5.67 29.66
N GLY D 684 7.14 -6.85 29.24
CA GLY D 684 6.26 -7.74 28.53
C GLY D 684 6.08 -7.35 27.08
N LEU D 685 6.81 -6.31 26.66
CA LEU D 685 6.67 -5.82 25.31
C LEU D 685 7.70 -6.41 24.36
N LYS D 686 7.28 -6.61 23.12
CA LYS D 686 8.18 -6.78 21.99
C LYS D 686 8.62 -5.34 21.66
N PRO D 687 9.73 -5.16 20.89
CA PRO D 687 10.25 -3.82 20.67
C PRO D 687 9.30 -2.89 19.92
N VAL D 688 8.62 -3.39 18.88
CA VAL D 688 7.77 -2.49 18.11
C VAL D 688 6.72 -1.87 19.03
N GLN D 689 6.02 -2.69 19.79
CA GLN D 689 5.08 -2.18 20.80
C GLN D 689 5.72 -1.13 21.73
N ARG D 690 6.95 -1.39 22.15
CA ARG D 690 7.64 -0.45 23.04
C ARG D 690 7.85 0.92 22.38
N ARG D 691 8.43 0.94 21.18
CA ARG D 691 8.60 2.21 20.47
C ARG D 691 7.27 2.91 20.23
N ILE D 692 6.22 2.12 20.00
CA ILE D 692 4.90 2.71 19.86
C ILE D 692 4.47 3.46 21.12
N LEU D 693 4.44 2.79 22.26
CA LEU D 693 4.03 3.45 23.50
C LEU D 693 4.94 4.62 23.86
N TYR D 694 6.24 4.44 23.65
CA TYR D 694 7.17 5.49 24.01
C TYR D 694 6.96 6.70 23.12
N SER D 695 6.96 6.50 21.80
CA SER D 695 6.80 7.61 20.88
C SER D 695 5.47 8.31 21.06
N MET D 696 4.42 7.53 21.28
CA MET D 696 3.10 8.09 21.44
C MET D 696 3.09 9.00 22.63
N ASN D 697 3.80 8.58 23.68
CA ASN D 697 3.80 9.31 24.93
C ASN D 697 4.69 10.55 24.89
N LYS D 698 5.73 10.48 24.06
CA LYS D 698 6.67 11.58 23.84
C LYS D 698 5.99 12.73 23.12
N ASP D 699 5.09 12.38 22.20
CA ASP D 699 4.33 13.37 21.45
C ASP D 699 3.19 13.90 22.29
N SER D 700 3.05 13.36 23.50
CA SER D 700 1.97 13.72 24.42
C SER D 700 0.61 13.37 23.83
N ASN D 701 0.50 12.14 23.34
CA ASN D 701 -0.70 11.63 22.70
C ASN D 701 -1.41 10.74 23.67
N THR D 702 -1.77 11.30 24.82
CA THR D 702 -2.12 10.47 25.98
C THR D 702 -3.61 10.36 26.24
N PHE D 703 -3.97 9.56 27.24
CA PHE D 703 -5.35 9.14 27.45
C PHE D 703 -6.29 10.30 27.73
N ASP D 704 -5.72 11.42 28.15
CA ASP D 704 -6.52 12.54 28.63
C ASP D 704 -6.54 13.70 27.64
N LYS D 705 -6.34 13.41 26.36
CA LYS D 705 -6.18 14.47 25.37
C LYS D 705 -6.38 14.04 23.91
N SER D 706 -7.64 14.04 23.48
CA SER D 706 -8.08 14.05 22.05
C SER D 706 -7.26 13.31 21.00
N TYR D 707 -7.84 12.27 20.41
CA TYR D 707 -7.09 11.35 19.52
C TYR D 707 -6.38 12.06 18.37
N ARG D 708 -5.51 11.33 17.70
CA ARG D 708 -4.55 11.90 16.80
C ARG D 708 -4.45 10.94 15.62
N LYS D 709 -4.55 11.46 14.40
CA LYS D 709 -4.37 10.62 13.21
C LYS D 709 -3.17 9.66 13.30
N SER D 710 -3.51 8.38 13.51
CA SER D 710 -2.54 7.28 13.56
C SER D 710 -1.49 7.40 12.47
N ALA D 711 -1.92 7.86 11.29
CA ALA D 711 -1.02 7.95 10.15
C ALA D 711 0.11 8.96 10.37
N LYS D 712 0.00 9.79 11.43
CA LYS D 712 1.10 10.68 11.76
C LYS D 712 2.05 9.93 12.68
N SER D 713 1.47 9.42 13.76
CA SER D 713 2.16 8.60 14.75
C SER D 713 3.03 7.54 14.12
N VAL D 714 2.54 6.93 13.05
CA VAL D 714 3.28 5.86 12.42
C VAL D 714 4.51 6.38 11.66
N GLY D 715 4.36 7.52 10.98
CA GLY D 715 5.47 8.14 10.27
C GLY D 715 6.55 8.44 11.28
N ASN D 716 6.14 9.05 12.40
CA ASN D 716 7.06 9.32 13.51
C ASN D 716 7.77 8.09 13.99
N ILE D 717 7.01 7.03 14.23
CA ILE D 717 7.61 5.83 14.74
C ILE D 717 8.64 5.22 13.78
N MET D 718 8.30 5.22 12.49
CA MET D 718 9.19 4.68 11.46
C MET D 718 10.45 5.51 11.26
N GLY D 719 10.33 6.83 11.33
CA GLY D 719 11.46 7.73 11.14
C GLY D 719 12.37 7.95 12.34
N ASN D 720 11.80 7.86 13.54
CA ASN D 720 12.54 8.11 14.78
C ASN D 720 12.92 6.84 15.56
N PHE D 721 12.18 5.75 15.37
CA PHE D 721 12.45 4.60 16.19
C PHE D 721 12.47 3.24 15.48
N HIS D 722 11.48 3.01 14.63
CA HIS D 722 11.28 1.67 14.06
C HIS D 722 11.49 1.67 12.55
N PRO D 723 12.71 1.33 12.11
CA PRO D 723 13.04 1.36 10.69
C PRO D 723 12.48 0.14 9.95
N HIS D 724 11.17 0.13 9.74
CA HIS D 724 10.50 -0.97 9.06
C HIS D 724 9.20 -0.49 8.41
N GLY D 725 8.60 -1.34 7.57
CA GLY D 725 7.41 -0.98 6.81
C GLY D 725 6.20 -0.59 7.64
N ASP D 726 5.54 0.50 7.25
CA ASP D 726 4.37 1.05 7.94
C ASP D 726 3.42 -0.05 8.39
N SER D 727 3.00 -0.86 7.42
CA SER D 727 2.24 -2.09 7.65
C SER D 727 2.46 -2.66 9.05
N SER D 728 3.66 -3.18 9.31
CA SER D 728 3.98 -3.87 10.58
C SER D 728 3.66 -3.01 11.83
N ILE D 729 3.96 -1.73 11.70
CA ILE D 729 3.80 -0.76 12.76
C ILE D 729 2.35 -0.48 13.08
N TYR D 730 1.61 -0.07 12.07
CA TYR D 730 0.19 0.18 12.30
C TYR D 730 -0.52 -1.10 12.81
N ASP D 731 -0.23 -2.23 12.20
CA ASP D 731 -0.86 -3.47 12.62
C ASP D 731 -0.62 -3.70 14.10
N ALA D 732 0.61 -3.48 14.54
CA ALA D 732 0.93 -3.65 15.96
C ALA D 732 0.15 -2.70 16.87
N MET D 733 0.05 -1.44 16.44
CA MET D 733 -0.65 -0.43 17.21
C MET D 733 -2.13 -0.78 17.35
N VAL D 734 -2.71 -1.25 16.25
CA VAL D 734 -4.11 -1.62 16.26
C VAL D 734 -4.38 -2.84 17.13
N ARG D 735 -3.59 -3.90 16.97
CA ARG D 735 -3.77 -5.06 17.86
C ARG D 735 -3.74 -4.60 19.31
N MET D 736 -2.78 -3.73 19.62
CA MET D 736 -2.74 -3.10 20.93
C MET D 736 -4.04 -2.34 21.29
N SER D 737 -4.85 -1.97 20.29
CA SER D 737 -6.15 -1.37 20.61
C SER D 737 -7.33 -2.33 20.63
N GLN D 738 -7.14 -3.57 20.18
CA GLN D 738 -8.27 -4.51 20.14
C GLN D 738 -8.53 -5.25 21.46
N ASN D 739 -9.67 -5.01 22.10
CA ASN D 739 -9.93 -5.67 23.39
C ASN D 739 -10.44 -7.10 23.37
N TRP D 740 -10.28 -7.80 22.25
CA TRP D 740 -10.51 -9.24 22.23
C TRP D 740 -9.17 -9.95 21.98
N LYS D 741 -8.09 -9.16 21.98
CA LYS D 741 -6.75 -9.68 21.78
C LYS D 741 -5.99 -9.34 23.05
N ASN D 742 -6.21 -8.13 23.55
CA ASN D 742 -5.54 -7.63 24.75
C ASN D 742 -6.44 -7.54 25.98
N ARG D 743 -6.00 -8.14 27.09
CA ARG D 743 -6.80 -8.12 28.30
C ARG D 743 -6.90 -6.72 28.87
N GLU D 744 -5.86 -5.93 28.66
CA GLU D 744 -5.88 -4.55 29.10
C GLU D 744 -5.28 -3.66 28.01
N ILE D 745 -6.14 -3.08 27.19
CA ILE D 745 -5.65 -2.40 25.99
C ILE D 745 -4.77 -1.24 26.38
N LEU D 746 -3.71 -1.06 25.58
CA LEU D 746 -2.72 -0.01 25.78
C LEU D 746 -2.96 1.16 24.85
N VAL D 747 -3.63 0.93 23.72
CA VAL D 747 -4.01 2.03 22.83
C VAL D 747 -5.53 2.16 22.73
N GLU D 748 -6.03 3.38 22.85
CA GLU D 748 -7.42 3.63 22.54
C GLU D 748 -7.38 4.09 21.11
N MET D 749 -8.28 3.59 20.27
CA MET D 749 -8.28 3.97 18.87
C MET D 749 -9.67 4.43 18.47
N HIS D 750 -9.78 5.40 17.58
CA HIS D 750 -11.11 5.88 17.21
C HIS D 750 -11.43 5.63 15.74
N GLY D 751 -12.60 5.05 15.52
CA GLY D 751 -13.02 4.61 14.22
C GLY D 751 -12.95 3.11 14.10
N ASN D 752 -12.84 2.63 12.88
CA ASN D 752 -12.86 1.21 12.63
C ASN D 752 -11.55 0.52 12.99
N ASN D 753 -11.60 -0.46 13.87
CA ASN D 753 -10.38 -1.14 14.23
C ASN D 753 -10.53 -2.65 14.30
N GLY D 754 -11.44 -3.17 13.48
CA GLY D 754 -11.63 -4.60 13.35
C GLY D 754 -12.79 -5.13 14.17
N SER D 755 -13.05 -6.43 14.04
CA SER D 755 -14.09 -7.10 14.78
C SER D 755 -13.58 -8.47 15.13
N MET D 756 -14.33 -9.21 15.94
CA MET D 756 -13.99 -10.61 16.19
C MET D 756 -14.17 -11.45 14.94
N ASP D 757 -14.65 -10.83 13.87
CA ASP D 757 -14.81 -11.52 12.59
C ASP D 757 -13.57 -11.32 11.74
N GLY D 758 -12.77 -10.34 12.11
CA GLY D 758 -11.51 -10.15 11.42
C GLY D 758 -11.55 -9.14 10.30
N ASP D 759 -12.69 -8.51 10.07
CA ASP D 759 -12.79 -7.52 9.02
C ASP D 759 -11.67 -6.53 9.26
N PRO D 760 -10.98 -6.13 8.18
CA PRO D 760 -9.75 -5.35 8.29
C PRO D 760 -10.01 -3.99 8.90
N PRO D 761 -9.14 -3.55 9.82
CA PRO D 761 -9.28 -2.23 10.46
C PRO D 761 -9.31 -1.17 9.38
N ALA D 762 -9.78 0.04 9.69
CA ALA D 762 -9.70 1.11 8.72
C ALA D 762 -8.21 1.28 8.47
N ALA D 763 -7.81 1.62 7.25
CA ALA D 763 -6.40 1.91 7.00
C ALA D 763 -5.94 3.14 7.79
N MET D 764 -4.64 3.29 7.97
CA MET D 764 -4.10 4.28 8.91
C MET D 764 -4.48 5.74 8.63
N ARG D 765 -4.95 5.99 7.41
CA ARG D 765 -5.40 7.33 7.00
C ARG D 765 -6.62 7.78 7.81
N TYR D 766 -7.42 6.80 8.24
CA TYR D 766 -8.75 7.02 8.78
C TYR D 766 -8.86 7.21 10.28
N THR D 767 -8.24 6.29 11.02
CA THR D 767 -8.45 6.20 12.45
C THR D 767 -7.43 6.99 13.21
N GLU D 768 -7.92 7.58 14.29
CA GLU D 768 -7.06 8.31 15.20
C GLU D 768 -6.87 7.42 16.41
N ALA D 769 -5.98 7.81 17.31
CA ALA D 769 -5.66 7.01 18.50
C ALA D 769 -4.91 7.81 19.55
N ARG D 770 -4.86 7.25 20.75
CA ARG D 770 -4.12 7.82 21.86
C ARG D 770 -3.72 6.70 22.80
N LEU D 771 -2.76 6.95 23.70
CA LEU D 771 -2.49 5.95 24.71
C LEU D 771 -3.72 5.82 25.61
N SER D 772 -3.86 4.67 26.27
CA SER D 772 -4.88 4.50 27.31
C SER D 772 -4.33 4.97 28.66
N GLU D 773 -5.18 5.04 29.67
CA GLU D 773 -4.78 5.51 31.01
C GLU D 773 -3.74 4.62 31.65
N ILE D 774 -3.92 3.32 31.49
CA ILE D 774 -3.11 2.33 32.17
C ILE D 774 -1.73 2.21 31.49
N ALA D 775 -1.69 2.46 30.18
CA ALA D 775 -0.41 2.61 29.49
C ALA D 775 0.41 3.75 30.14
N GLY D 776 -0.32 4.71 30.69
CA GLY D 776 0.29 5.79 31.45
C GLY D 776 1.17 5.13 32.49
N TYR D 777 0.58 4.19 33.22
CA TYR D 777 1.33 3.52 34.25
C TYR D 777 2.46 2.62 33.71
N LEU D 778 2.28 2.05 32.52
CA LEU D 778 3.41 1.35 31.92
C LEU D 778 4.62 2.27 31.70
N LEU D 779 4.35 3.57 31.57
CA LEU D 779 5.40 4.54 31.29
C LEU D 779 5.86 5.38 32.47
N GLN D 780 5.19 5.20 33.62
CA GLN D 780 5.42 5.99 34.84
C GLN D 780 6.90 6.37 35.07
N ASP D 781 7.15 7.65 35.34
CA ASP D 781 8.49 8.08 35.80
C ASP D 781 9.62 7.84 34.80
N ILE D 782 9.28 7.54 33.55
CA ILE D 782 10.30 7.33 32.52
C ILE D 782 11.31 8.49 32.47
N GLU D 783 10.81 9.71 32.59
CA GLU D 783 11.64 10.93 32.61
C GLU D 783 12.73 10.96 33.68
N LYS D 784 12.42 10.40 34.84
CA LYS D 784 13.29 10.43 36.01
C LYS D 784 14.42 9.40 35.95
N LYS D 785 15.10 9.32 34.81
CA LYS D 785 16.27 8.45 34.61
C LYS D 785 16.19 7.09 35.35
N THR D 786 15.23 6.26 34.94
CA THR D 786 14.83 5.06 35.68
C THR D 786 14.97 3.84 34.82
N VAL D 787 15.50 4.04 33.63
CA VAL D 787 15.55 2.95 32.69
C VAL D 787 16.66 3.23 31.68
N PRO D 788 17.39 2.19 31.30
CA PRO D 788 18.47 2.20 30.30
C PRO D 788 18.03 2.74 28.95
N PHE D 789 18.62 3.82 28.45
CA PHE D 789 18.36 4.21 27.06
C PHE D 789 19.46 3.76 26.09
N ALA D 790 19.21 3.93 24.80
CA ALA D 790 20.24 3.68 23.80
C ALA D 790 19.93 4.53 22.60
N TRP D 791 20.92 4.73 21.76
CA TRP D 791 20.71 5.49 20.53
C TRP D 791 19.83 4.68 19.58
N ASN D 792 19.20 5.33 18.60
CA ASN D 792 18.45 4.59 17.61
C ASN D 792 19.25 4.28 16.34
N PHE D 793 18.56 3.81 15.30
CA PHE D 793 19.19 3.41 14.04
C PHE D 793 19.98 4.55 13.41
N ASP D 794 19.46 5.77 13.57
CA ASP D 794 20.11 6.99 13.10
C ASP D 794 21.38 7.31 13.89
N ASP D 795 21.22 7.27 15.21
CA ASP D 795 22.06 7.97 16.22
C ASP D 795 21.63 9.44 16.21
N THR D 796 20.32 9.62 16.13
CA THR D 796 19.70 10.93 16.14
C THR D 796 18.96 11.17 17.47
N GLU D 797 18.57 10.08 18.14
CA GLU D 797 17.75 10.19 19.33
C GLU D 797 17.95 8.98 20.27
N LYS D 798 17.55 9.14 21.52
CA LYS D 798 17.58 8.01 22.44
C LYS D 798 16.19 7.43 22.71
N GLU D 799 16.12 6.10 22.66
CA GLU D 799 14.92 5.36 22.96
C GLU D 799 15.18 4.45 24.15
N PRO D 800 14.17 4.24 25.00
CA PRO D 800 14.39 3.36 26.15
C PRO D 800 14.47 1.95 25.65
N THR D 801 15.12 1.08 26.40
CA THR D 801 15.25 -0.34 26.05
C THR D 801 14.31 -1.26 26.84
N VAL D 802 13.54 -0.68 27.76
CA VAL D 802 12.63 -1.42 28.65
C VAL D 802 11.85 -0.36 29.42
N LEU D 803 10.59 -0.59 29.76
CA LEU D 803 9.84 0.45 30.45
C LEU D 803 9.68 0.18 31.95
N PRO D 804 9.50 1.24 32.76
CA PRO D 804 9.23 1.14 34.20
C PRO D 804 8.20 0.09 34.64
N ALA D 805 7.11 -0.06 33.87
CA ALA D 805 6.16 -1.14 34.09
C ALA D 805 5.52 -1.17 35.48
N ALA D 806 4.72 -0.16 35.81
CA ALA D 806 4.11 -0.11 37.13
C ALA D 806 3.05 -1.19 37.40
N PHE D 807 2.80 -2.06 36.40
CA PHE D 807 2.11 -3.34 36.60
C PHE D 807 2.80 -4.40 35.75
N PRO D 808 2.55 -5.70 36.03
CA PRO D 808 3.27 -6.78 35.32
C PRO D 808 2.63 -7.18 33.99
N ASN D 809 3.05 -6.52 32.92
CA ASN D 809 2.35 -6.56 31.64
C ASN D 809 2.42 -7.91 30.95
N LEU D 810 3.57 -8.57 31.10
CA LEU D 810 3.86 -9.84 30.43
C LEU D 810 2.83 -10.89 30.81
N LEU D 811 2.41 -10.90 32.07
CA LEU D 811 1.35 -11.82 32.45
C LEU D 811 -0.06 -11.29 32.15
N VAL D 812 -0.26 -9.99 32.29
CA VAL D 812 -1.60 -9.44 32.14
C VAL D 812 -2.10 -9.51 30.70
N ASN D 813 -1.31 -9.03 29.77
CA ASN D 813 -1.73 -9.02 28.38
C ASN D 813 -1.16 -10.18 27.58
N GLY D 814 -0.19 -10.89 28.14
CA GLY D 814 0.39 -12.04 27.46
C GLY D 814 1.24 -11.70 26.25
N SER D 815 1.71 -12.72 25.53
CA SER D 815 2.51 -12.52 24.33
C SER D 815 2.46 -13.72 23.42
N THR D 816 2.72 -13.47 22.14
CA THR D 816 2.69 -14.48 21.09
C THR D 816 3.16 -13.79 19.80
N GLY D 817 4.11 -14.35 19.04
CA GLY D 817 4.99 -15.41 19.48
C GLY D 817 5.68 -16.31 18.45
N ILE D 818 6.28 -15.78 17.39
CA ILE D 818 7.06 -16.64 16.47
C ILE D 818 8.38 -16.05 15.98
N SER D 819 9.51 -16.67 16.33
CA SER D 819 10.80 -16.23 15.81
C SER D 819 11.49 -17.35 15.07
N ALA D 820 12.69 -17.71 15.52
CA ALA D 820 13.45 -18.77 14.85
C ALA D 820 14.17 -19.65 15.86
N GLY D 821 13.62 -20.84 16.10
CA GLY D 821 14.12 -21.76 17.11
C GLY D 821 13.28 -21.67 18.37
N TYR D 822 12.66 -20.52 18.55
CA TYR D 822 11.82 -20.29 19.68
C TYR D 822 10.54 -19.68 19.21
N ALA D 823 9.43 -20.09 19.83
CA ALA D 823 8.17 -19.41 19.64
C ALA D 823 7.70 -19.12 21.04
N THR D 824 6.77 -18.19 21.20
CA THR D 824 6.21 -17.94 22.53
C THR D 824 4.68 -17.81 22.56
N ASP D 825 4.08 -18.49 23.54
CA ASP D 825 2.66 -18.33 23.85
C ASP D 825 2.42 -18.18 25.36
N ILE D 826 2.10 -16.98 25.80
CA ILE D 826 1.78 -16.71 27.20
C ILE D 826 0.42 -16.09 27.24
N PRO D 827 -0.57 -16.77 27.81
CA PRO D 827 -1.93 -16.22 27.80
C PRO D 827 -2.11 -15.06 28.80
N PRO D 828 -3.07 -14.16 28.55
CA PRO D 828 -3.40 -13.02 29.42
C PRO D 828 -3.85 -13.45 30.84
N HIS D 829 -3.83 -12.53 31.81
CA HIS D 829 -4.37 -12.81 33.14
C HIS D 829 -5.14 -11.64 33.75
N ASN D 830 -5.79 -11.88 34.89
CA ASN D 830 -6.40 -10.77 35.61
C ASN D 830 -5.40 -9.85 36.34
N LEU D 831 -5.45 -8.55 36.05
CA LEU D 831 -4.55 -7.54 36.62
C LEU D 831 -4.54 -7.61 38.14
N ALA D 832 -5.73 -7.74 38.70
CA ALA D 832 -5.85 -8.00 40.13
C ALA D 832 -5.02 -9.21 40.57
N GLU D 833 -5.47 -10.41 40.22
CA GLU D 833 -4.79 -11.66 40.57
C GLU D 833 -3.25 -11.67 40.37
N VAL D 834 -2.79 -11.15 39.24
CA VAL D 834 -1.35 -11.05 39.05
C VAL D 834 -0.75 -10.12 40.11
N ILE D 835 -1.35 -8.95 40.33
CA ILE D 835 -0.87 -8.07 41.39
C ILE D 835 -0.89 -8.72 42.81
N ASP D 836 -1.92 -9.51 43.11
CA ASP D 836 -1.95 -10.30 44.34
C ASP D 836 -0.72 -11.16 44.45
N ALA D 837 -0.50 -11.99 43.44
CA ALA D 837 0.63 -12.92 43.48
C ALA D 837 1.95 -12.16 43.57
N ALA D 838 2.04 -11.02 42.92
CA ALA D 838 3.26 -10.24 42.94
C ALA D 838 3.55 -9.77 44.35
N VAL D 839 2.53 -9.23 45.01
CA VAL D 839 2.73 -8.79 46.39
C VAL D 839 3.07 -9.94 47.32
N TYR D 840 2.36 -11.07 47.19
CA TYR D 840 2.70 -12.24 47.97
C TYR D 840 4.18 -12.57 47.80
N MET D 841 4.63 -12.76 46.55
CA MET D 841 6.03 -13.07 46.31
C MET D 841 7.00 -12.04 46.90
N ILE D 842 6.60 -10.77 46.96
CA ILE D 842 7.46 -9.74 47.54
C ILE D 842 7.81 -10.03 49.01
N ASP D 843 6.83 -10.54 49.76
CA ASP D 843 7.01 -10.93 51.15
C ASP D 843 7.29 -12.40 51.33
N HIS D 844 7.47 -13.14 50.23
CA HIS D 844 7.73 -14.57 50.34
C HIS D 844 8.63 -15.04 49.22
N PRO D 845 9.89 -14.60 49.22
CA PRO D 845 10.81 -14.87 48.12
C PRO D 845 10.79 -16.31 47.65
N THR D 846 10.48 -17.22 48.57
CA THR D 846 10.58 -18.63 48.26
C THR D 846 9.25 -19.30 47.95
N ALA D 847 8.23 -18.50 47.65
CA ALA D 847 6.87 -19.02 47.51
C ALA D 847 6.82 -20.14 46.47
N LYS D 848 6.17 -21.25 46.83
CA LYS D 848 6.01 -22.38 45.93
C LYS D 848 4.78 -22.17 45.04
N ILE D 849 4.76 -22.83 43.88
CA ILE D 849 3.69 -22.61 42.90
C ILE D 849 2.29 -22.78 43.49
N ASP D 850 2.11 -23.83 44.30
CA ASP D 850 0.78 -24.14 44.79
C ASP D 850 0.20 -23.02 45.65
N LYS D 851 1.03 -22.38 46.46
CA LYS D 851 0.55 -21.25 47.23
C LYS D 851 0.27 -20.08 46.30
N LEU D 852 1.17 -19.84 45.34
CA LEU D 852 0.95 -18.75 44.39
C LEU D 852 -0.37 -18.90 43.64
N MET D 853 -0.81 -20.14 43.41
CA MET D 853 -2.03 -20.33 42.65
C MET D 853 -3.29 -19.98 43.46
N GLU D 854 -3.11 -19.77 44.75
CA GLU D 854 -4.21 -19.24 45.54
C GLU D 854 -4.45 -17.78 45.19
N PHE D 855 -3.66 -17.23 44.28
CA PHE D 855 -3.82 -15.84 43.84
C PHE D 855 -3.90 -15.81 42.33
N LEU D 856 -3.25 -16.79 41.70
CA LEU D 856 -3.18 -16.88 40.25
C LEU D 856 -3.70 -18.22 39.72
N PRO D 857 -5.00 -18.47 39.86
CA PRO D 857 -5.65 -19.75 39.55
C PRO D 857 -5.44 -20.23 38.12
N GLY D 858 -5.30 -19.27 37.19
CA GLY D 858 -5.10 -19.55 35.78
C GLY D 858 -5.29 -18.29 34.94
N PRO D 859 -5.32 -18.43 33.62
CA PRO D 859 -5.40 -17.23 32.80
C PRO D 859 -6.79 -16.59 32.80
N ASP D 860 -6.86 -15.39 32.24
CA ASP D 860 -8.12 -14.67 32.04
C ASP D 860 -8.13 -14.11 30.61
N PHE D 861 -8.69 -14.88 29.67
CA PHE D 861 -8.77 -14.42 28.29
C PHE D 861 -9.80 -13.32 28.24
N PRO D 862 -9.54 -12.30 27.42
CA PRO D 862 -10.44 -11.16 27.43
C PRO D 862 -11.74 -11.55 26.76
N THR D 863 -11.71 -12.67 26.06
CA THR D 863 -12.83 -13.13 25.27
C THR D 863 -13.79 -13.99 26.09
N GLY D 864 -13.53 -14.12 27.40
CA GLY D 864 -14.31 -15.00 28.25
C GLY D 864 -13.95 -16.47 28.08
N ALA D 865 -14.97 -17.31 28.03
CA ALA D 865 -14.89 -18.76 27.77
C ALA D 865 -14.63 -19.54 29.03
N ILE D 866 -14.36 -20.83 28.86
CA ILE D 866 -14.11 -21.74 29.98
C ILE D 866 -12.80 -22.48 29.83
N ILE D 867 -12.07 -22.62 30.93
CA ILE D 867 -10.74 -23.23 30.86
C ILE D 867 -10.74 -24.53 31.68
N GLN D 868 -10.33 -25.63 31.05
CA GLN D 868 -10.19 -26.91 31.76
C GLN D 868 -8.73 -27.38 31.82
N GLY D 869 -8.26 -27.68 33.04
CA GLY D 869 -7.01 -28.38 33.23
C GLY D 869 -6.09 -27.81 34.32
N ARG D 870 -6.54 -27.87 35.57
CA ARG D 870 -5.76 -27.29 36.67
C ARG D 870 -4.39 -27.92 36.74
N ASP D 871 -4.37 -29.25 36.57
CA ASP D 871 -3.13 -30.02 36.57
C ASP D 871 -2.18 -29.39 35.57
N GLU D 872 -2.74 -29.13 34.40
CA GLU D 872 -1.99 -28.59 33.31
C GLU D 872 -1.56 -27.16 33.58
N ILE D 873 -2.46 -26.36 34.15
CA ILE D 873 -2.15 -24.98 34.42
C ILE D 873 -0.95 -24.91 35.37
N LYS D 874 -0.97 -25.80 36.36
CA LYS D 874 0.10 -25.85 37.35
C LYS D 874 1.37 -26.23 36.63
N LYS D 875 1.33 -27.29 35.83
CA LYS D 875 2.52 -27.74 35.12
C LYS D 875 3.09 -26.61 34.29
N ALA D 876 2.19 -25.79 33.77
CA ALA D 876 2.55 -24.70 32.89
C ALA D 876 3.21 -23.60 33.69
N TYR D 877 2.68 -23.35 34.89
CA TYR D 877 3.23 -22.34 35.78
C TYR D 877 4.51 -22.83 36.45
N GLU D 878 4.81 -24.12 36.29
CA GLU D 878 5.98 -24.74 36.88
C GLU D 878 7.12 -24.76 35.89
N THR D 879 6.82 -25.21 34.68
CA THR D 879 7.83 -25.49 33.66
C THR D 879 7.77 -24.53 32.49
N GLY D 880 6.67 -23.79 32.37
CA GLY D 880 6.50 -22.90 31.25
C GLY D 880 5.60 -23.44 30.16
N LYS D 881 5.70 -24.74 29.87
CA LYS D 881 4.87 -25.34 28.83
C LYS D 881 3.74 -26.09 29.49
N GLY D 882 2.59 -26.16 28.83
CA GLY D 882 1.45 -26.90 29.38
C GLY D 882 0.23 -26.83 28.48
N ARG D 883 -0.62 -27.85 28.47
CA ARG D 883 -1.76 -27.82 27.55
C ARG D 883 -3.11 -27.77 28.24
N VAL D 884 -3.91 -26.78 27.88
CA VAL D 884 -5.16 -26.54 28.57
C VAL D 884 -6.29 -26.54 27.55
N VAL D 885 -7.53 -26.69 28.00
CA VAL D 885 -8.64 -26.74 27.04
C VAL D 885 -9.57 -25.54 27.16
N VAL D 886 -9.79 -24.83 26.07
CA VAL D 886 -10.63 -23.65 26.15
C VAL D 886 -11.93 -23.94 25.41
N ARG D 887 -13.04 -23.79 26.11
CA ARG D 887 -14.34 -24.23 25.62
C ARG D 887 -15.40 -23.16 25.77
N SER D 888 -16.16 -22.94 24.70
CA SER D 888 -17.07 -21.80 24.60
C SER D 888 -18.21 -21.83 25.61
N LYS D 889 -18.57 -20.65 26.14
CA LYS D 889 -19.73 -20.55 27.04
C LYS D 889 -21.00 -20.73 26.23
N THR D 890 -21.61 -21.92 26.36
CA THR D 890 -22.85 -22.20 25.63
C THR D 890 -24.02 -22.44 26.57
N GLU D 891 -25.19 -21.97 26.15
CA GLU D 891 -26.46 -22.15 26.89
C GLU D 891 -27.54 -22.71 25.96
N ILE D 892 -28.65 -23.18 26.53
CA ILE D 892 -29.75 -23.70 25.71
C ILE D 892 -31.06 -22.92 25.88
N GLU D 893 -31.68 -22.59 24.76
CA GLU D 893 -32.95 -21.91 24.75
C GLU D 893 -34.03 -22.79 24.11
N LYS D 894 -35.23 -22.73 24.66
CA LYS D 894 -36.32 -23.59 24.20
C LYS D 894 -37.27 -22.73 23.40
N LEU D 895 -37.08 -22.74 22.09
CA LEU D 895 -38.00 -22.03 21.21
C LEU D 895 -39.31 -22.85 21.03
N LYS D 896 -40.37 -22.23 20.52
CA LYS D 896 -41.70 -22.84 20.51
C LYS D 896 -41.81 -24.11 19.68
N GLY D 897 -42.73 -24.98 20.09
CA GLY D 897 -42.93 -26.25 19.42
C GLY D 897 -42.21 -27.38 20.12
N GLY D 898 -41.31 -27.05 21.04
CA GLY D 898 -40.49 -28.03 21.72
C GLY D 898 -39.05 -28.11 21.22
N LYS D 899 -38.76 -27.35 20.17
CA LYS D 899 -37.43 -27.34 19.58
C LYS D 899 -36.44 -26.72 20.56
N GLU D 900 -35.26 -27.31 20.64
CA GLU D 900 -34.16 -26.72 21.37
C GLU D 900 -33.26 -25.92 20.43
N GLN D 901 -32.38 -25.13 21.03
CA GLN D 901 -31.46 -24.24 20.29
C GLN D 901 -30.22 -23.96 21.15
N ILE D 902 -29.03 -24.26 20.63
CA ILE D 902 -27.79 -23.98 21.37
C ILE D 902 -27.36 -22.53 21.17
N VAL D 903 -27.03 -21.83 22.25
CA VAL D 903 -26.64 -20.43 22.15
C VAL D 903 -25.24 -20.18 22.68
N ILE D 904 -24.30 -19.95 21.78
CA ILE D 904 -22.94 -19.60 22.19
C ILE D 904 -22.82 -18.13 22.55
N THR D 905 -22.19 -17.82 23.68
CA THR D 905 -22.12 -16.44 24.15
C THR D 905 -20.71 -15.92 24.41
N GLU D 906 -19.76 -16.84 24.56
CA GLU D 906 -18.34 -16.53 24.64
C GLU D 906 -17.58 -17.62 23.86
N ILE D 907 -16.57 -17.27 23.08
CA ILE D 907 -15.85 -18.28 22.30
C ILE D 907 -14.37 -18.30 22.68
N PRO D 908 -13.57 -19.21 22.09
CA PRO D 908 -12.21 -19.23 22.63
C PRO D 908 -11.32 -18.10 22.13
N TYR D 909 -10.35 -17.70 22.94
CA TYR D 909 -9.31 -16.74 22.58
C TYR D 909 -8.58 -17.03 21.25
N GLU D 910 -8.31 -15.97 20.48
CA GLU D 910 -7.67 -16.08 19.17
C GLU D 910 -8.40 -16.94 18.12
N ILE D 911 -9.70 -17.12 18.32
CA ILE D 911 -10.53 -17.72 17.28
C ILE D 911 -11.40 -16.66 16.62
N ASN D 912 -11.51 -16.75 15.30
CA ASN D 912 -12.32 -15.83 14.50
C ASN D 912 -13.79 -16.25 14.46
N LYS D 913 -14.67 -15.42 15.01
CA LYS D 913 -16.11 -15.70 15.06
C LYS D 913 -16.73 -16.11 13.71
N ALA D 914 -16.32 -15.40 12.67
CA ALA D 914 -16.85 -15.62 11.33
C ALA D 914 -16.51 -17.02 10.81
N ASN D 915 -15.23 -17.35 10.84
CA ASN D 915 -14.80 -18.66 10.36
C ASN D 915 -15.34 -19.76 11.24
N LEU D 916 -15.56 -19.44 12.52
CA LEU D 916 -16.16 -20.39 13.44
C LEU D 916 -17.58 -20.76 12.95
N VAL D 917 -18.44 -19.76 12.86
CA VAL D 917 -19.77 -19.94 12.29
C VAL D 917 -19.79 -20.67 10.94
N LYS D 918 -19.02 -20.20 9.96
CA LYS D 918 -18.95 -20.88 8.67
C LYS D 918 -18.54 -22.34 8.82
N LYS D 919 -17.57 -22.61 9.67
CA LYS D 919 -17.10 -23.99 9.82
C LYS D 919 -18.06 -24.82 10.67
N ILE D 920 -19.11 -24.18 11.18
CA ILE D 920 -20.19 -24.91 11.83
C ILE D 920 -21.28 -25.22 10.80
N ASP D 921 -21.69 -24.19 10.07
CA ASP D 921 -22.64 -24.37 8.99
C ASP D 921 -22.10 -25.32 7.93
N ASP D 922 -20.79 -25.54 7.92
CA ASP D 922 -20.20 -26.57 7.07
C ASP D 922 -20.60 -27.95 7.57
N VAL D 923 -20.47 -28.16 8.86
CA VAL D 923 -20.95 -29.38 9.49
C VAL D 923 -22.44 -29.57 9.17
N ARG D 924 -23.22 -28.49 9.26
CA ARG D 924 -24.66 -28.60 9.03
C ARG D 924 -25.04 -28.91 7.57
N VAL D 925 -24.43 -28.17 6.65
CA VAL D 925 -24.60 -28.43 5.22
C VAL D 925 -24.20 -29.86 4.87
N ASN D 926 -23.08 -30.34 5.39
CA ASN D 926 -22.58 -31.66 5.04
C ASN D 926 -23.13 -32.81 5.88
N ASN D 927 -24.01 -32.51 6.83
CA ASN D 927 -24.60 -33.53 7.69
C ASN D 927 -23.52 -34.43 8.30
N LYS D 928 -22.61 -33.83 9.07
CA LYS D 928 -21.55 -34.59 9.75
C LYS D 928 -22.07 -35.02 11.11
N VAL D 929 -23.29 -34.57 11.40
CA VAL D 929 -24.04 -35.00 12.57
C VAL D 929 -25.45 -34.50 12.34
N ALA D 930 -26.42 -35.38 12.48
CA ALA D 930 -27.79 -34.97 12.24
C ALA D 930 -28.31 -34.21 13.46
N GLY D 931 -28.90 -33.04 13.18
CA GLY D 931 -29.60 -32.29 14.18
C GLY D 931 -29.76 -30.82 13.86
N ILE D 932 -28.72 -30.22 13.30
CA ILE D 932 -28.72 -28.77 13.20
C ILE D 932 -29.71 -28.37 12.09
N ALA D 933 -30.56 -27.40 12.40
CA ALA D 933 -31.48 -26.83 11.41
C ALA D 933 -30.86 -25.61 10.72
N GLU D 934 -30.60 -24.57 11.50
CA GLU D 934 -30.06 -23.31 10.96
C GLU D 934 -28.98 -22.74 11.88
N VAL D 935 -27.78 -22.51 11.31
CA VAL D 935 -26.67 -21.88 12.05
C VAL D 935 -26.58 -20.41 11.70
N ARG D 936 -26.82 -19.57 12.69
CA ARG D 936 -27.15 -18.19 12.45
C ARG D 936 -26.53 -17.32 13.52
N ASP D 937 -25.59 -16.48 13.09
CA ASP D 937 -24.92 -15.55 13.98
C ASP D 937 -25.73 -14.28 14.06
N GLU D 938 -26.12 -13.91 15.27
CA GLU D 938 -26.89 -12.70 15.49
C GLU D 938 -26.29 -11.89 16.62
N SER D 939 -25.02 -11.55 16.49
CA SER D 939 -24.33 -10.71 17.48
C SER D 939 -24.49 -9.21 17.15
N ASP D 940 -24.53 -8.37 18.18
CA ASP D 940 -24.78 -6.95 17.96
C ASP D 940 -24.05 -6.02 18.92
N ARG D 941 -24.10 -4.74 18.61
CA ARG D 941 -23.36 -3.69 19.31
C ARG D 941 -23.45 -3.70 20.84
N ASP D 942 -24.11 -4.70 21.42
CA ASP D 942 -24.06 -4.91 22.87
C ASP D 942 -24.15 -6.38 23.25
N GLY D 943 -23.42 -7.22 22.53
CA GLY D 943 -23.29 -8.60 22.92
C GLY D 943 -23.06 -9.61 21.81
N LEU D 944 -22.20 -10.58 22.07
CA LEU D 944 -22.03 -11.71 21.16
C LEU D 944 -23.09 -12.76 21.45
N ARG D 945 -23.63 -13.32 20.37
CA ARG D 945 -24.53 -14.46 20.45
C ARG D 945 -24.56 -15.21 19.11
N ILE D 946 -24.33 -16.52 19.16
CA ILE D 946 -24.46 -17.35 17.98
C ILE D 946 -25.55 -18.36 18.24
N ALA D 947 -26.53 -18.44 17.34
CA ALA D 947 -27.62 -19.39 17.47
C ALA D 947 -27.43 -20.60 16.57
N ILE D 948 -27.46 -21.78 17.17
CA ILE D 948 -27.58 -23.00 16.41
C ILE D 948 -28.97 -23.52 16.73
N GLU D 949 -29.91 -23.22 15.85
CA GLU D 949 -31.25 -23.78 15.99
C GLU D 949 -31.28 -25.23 15.48
N LEU D 950 -31.72 -26.13 16.35
CA LEU D 950 -31.75 -27.55 16.03
C LEU D 950 -33.13 -28.01 15.53
N LYS D 951 -33.16 -29.13 14.81
CA LYS D 951 -34.41 -29.71 14.33
C LYS D 951 -35.28 -30.21 15.50
N LYS D 952 -36.35 -30.92 15.15
CA LYS D 952 -37.09 -31.75 16.11
C LYS D 952 -36.61 -33.18 15.90
N ASP D 953 -36.50 -33.93 17.00
CA ASP D 953 -35.83 -35.23 16.99
C ASP D 953 -34.36 -35.04 16.65
N ALA D 954 -33.63 -34.46 17.60
CA ALA D 954 -32.21 -34.17 17.43
C ALA D 954 -31.56 -34.06 18.81
N ASN D 955 -30.68 -35.01 19.10
CA ASN D 955 -30.07 -35.07 20.43
C ASN D 955 -29.15 -33.89 20.58
N THR D 956 -29.54 -32.93 21.38
CA THR D 956 -28.73 -31.75 21.51
C THR D 956 -27.32 -32.12 21.99
N GLU D 957 -27.22 -32.98 22.99
CA GLU D 957 -25.92 -33.37 23.53
C GLU D 957 -24.97 -33.90 22.45
N LEU D 958 -25.47 -34.80 21.61
CA LEU D 958 -24.67 -35.36 20.52
C LEU D 958 -24.11 -34.22 19.65
N VAL D 959 -24.99 -33.29 19.26
CA VAL D 959 -24.63 -32.16 18.42
C VAL D 959 -23.56 -31.31 19.10
N LEU D 960 -23.93 -30.71 20.23
CA LEU D 960 -23.03 -29.87 21.02
C LEU D 960 -21.63 -30.48 21.17
N ASN D 961 -21.56 -31.78 21.45
CA ASN D 961 -20.26 -32.43 21.57
C ASN D 961 -19.55 -32.67 20.25
N TYR D 962 -20.30 -32.90 19.17
CA TYR D 962 -19.66 -33.07 17.87
C TYR D 962 -19.01 -31.76 17.48
N LEU D 963 -19.70 -30.68 17.76
CA LEU D 963 -19.18 -29.35 17.48
C LEU D 963 -17.98 -29.07 18.34
N PHE D 964 -18.03 -29.43 19.62
CA PHE D 964 -16.87 -29.26 20.48
C PHE D 964 -15.66 -29.98 19.93
N LYS D 965 -15.82 -31.25 19.58
CA LYS D 965 -14.68 -32.08 19.17
C LYS D 965 -14.21 -31.84 17.73
N TYR D 966 -15.05 -31.21 16.90
CA TYR D 966 -14.74 -31.12 15.47
C TYR D 966 -14.70 -29.72 14.86
N THR D 967 -14.90 -28.72 15.69
CA THR D 967 -14.77 -27.34 15.27
C THR D 967 -13.91 -26.59 16.29
N ASP D 968 -13.83 -25.28 16.13
CA ASP D 968 -13.08 -24.49 17.10
C ASP D 968 -13.94 -24.00 18.26
N LEU D 969 -15.11 -24.60 18.45
CA LEU D 969 -15.99 -24.21 19.54
C LEU D 969 -15.34 -24.59 20.86
N GLN D 970 -14.38 -25.51 20.74
CA GLN D 970 -13.50 -25.90 21.83
C GLN D 970 -12.17 -26.17 21.16
N ILE D 971 -11.11 -25.55 21.70
CA ILE D 971 -9.77 -25.68 21.14
C ILE D 971 -8.75 -25.93 22.25
N ASN D 972 -7.52 -26.25 21.87
CA ASN D 972 -6.42 -26.37 22.84
C ASN D 972 -5.61 -25.07 22.99
N TYR D 973 -5.43 -24.57 24.20
CA TYR D 973 -4.43 -23.53 24.41
C TYR D 973 -3.10 -24.14 24.86
N ASN D 974 -2.02 -23.82 24.16
CA ASN D 974 -0.75 -24.46 24.47
C ASN D 974 0.27 -23.50 25.06
N PHE D 975 0.20 -23.32 26.37
CA PHE D 975 1.22 -22.60 27.11
C PHE D 975 2.60 -22.99 26.61
N ASN D 976 3.36 -21.97 26.24
CA ASN D 976 4.77 -22.15 25.93
C ASN D 976 5.46 -20.81 26.18
N MET D 977 5.82 -20.56 27.45
CA MET D 977 6.16 -19.21 27.89
C MET D 977 7.64 -18.93 27.79
N VAL D 978 8.02 -18.29 26.70
CA VAL D 978 9.41 -17.95 26.44
C VAL D 978 9.57 -16.44 26.40
N ALA D 979 10.54 -15.93 27.13
CA ALA D 979 10.74 -14.50 27.15
C ALA D 979 12.22 -14.18 27.12
N ILE D 980 12.56 -12.91 26.92
CA ILE D 980 13.95 -12.50 26.91
C ILE D 980 14.38 -12.06 28.30
N ASP D 981 15.14 -12.92 28.98
CA ASP D 981 15.78 -12.58 30.25
C ASP D 981 17.29 -12.53 30.08
N ASN D 982 17.83 -11.32 30.13
CA ASN D 982 19.24 -11.08 29.84
C ASN D 982 19.62 -11.40 28.39
N PHE D 983 19.00 -10.69 27.45
CA PHE D 983 19.41 -10.70 26.04
C PHE D 983 19.29 -12.06 25.35
N THR D 984 18.85 -13.05 26.11
CA THR D 984 18.76 -14.42 25.65
C THR D 984 17.33 -14.89 25.87
N PRO D 985 16.83 -15.81 25.00
CA PRO D 985 15.55 -16.48 25.25
C PRO D 985 15.65 -17.29 26.50
N ARG D 986 14.52 -17.52 27.15
CA ARG D 986 14.48 -18.32 28.35
C ARG D 986 13.09 -18.89 28.46
N GLN D 987 13.00 -20.19 28.59
CA GLN D 987 11.70 -20.77 28.87
C GLN D 987 11.42 -20.53 30.33
N VAL D 988 10.37 -19.77 30.61
CA VAL D 988 10.12 -19.34 31.98
C VAL D 988 8.79 -19.77 32.59
N GLY D 989 8.77 -19.82 33.91
CA GLY D 989 7.59 -20.19 34.65
C GLY D 989 7.09 -18.99 35.43
N ILE D 990 6.00 -19.17 36.15
CA ILE D 990 5.35 -18.08 36.85
C ILE D 990 6.33 -17.46 37.84
N VAL D 991 7.29 -18.26 38.31
CA VAL D 991 8.22 -17.82 39.34
C VAL D 991 9.36 -16.92 38.84
N PRO D 992 10.11 -17.34 37.80
CA PRO D 992 11.02 -16.40 37.14
C PRO D 992 10.31 -15.14 36.67
N ILE D 993 9.13 -15.29 36.11
CA ILE D 993 8.40 -14.14 35.59
C ILE D 993 8.17 -13.12 36.71
N LEU D 994 7.38 -13.51 37.70
CA LEU D 994 7.03 -12.60 38.80
C LEU D 994 8.27 -12.03 39.46
N SER D 995 9.26 -12.88 39.69
CA SER D 995 10.48 -12.42 40.35
C SER D 995 11.21 -11.36 39.51
N SER D 996 11.58 -11.70 38.27
CA SER D 996 12.15 -10.77 37.29
C SER D 996 11.48 -9.42 37.35
N TYR D 997 10.16 -9.45 37.37
CA TYR D 997 9.39 -8.24 37.53
C TYR D 997 9.74 -7.53 38.84
N ILE D 998 9.77 -8.28 39.94
CA ILE D 998 9.98 -7.62 41.24
C ILE D 998 11.36 -6.99 41.32
N ALA D 999 12.34 -7.73 40.83
CA ALA D 999 13.67 -7.22 40.58
C ALA D 999 13.61 -5.88 39.86
N HIS D 1000 12.98 -5.87 38.70
CA HIS D 1000 12.99 -4.70 37.82
C HIS D 1000 12.32 -3.49 38.49
N ARG D 1001 11.23 -3.73 39.21
CA ARG D 1001 10.57 -2.63 39.90
C ARG D 1001 11.42 -2.16 41.07
N ARG D 1002 12.22 -3.05 41.64
CA ARG D 1002 13.20 -2.64 42.64
C ARG D 1002 14.13 -1.61 42.00
N GLU D 1003 14.82 -2.02 40.94
CA GLU D 1003 15.78 -1.12 40.30
C GLU D 1003 15.15 0.21 39.95
N VAL D 1004 13.94 0.15 39.43
CA VAL D 1004 13.24 1.36 39.06
C VAL D 1004 12.97 2.25 40.27
N ILE D 1005 12.30 1.74 41.28
CA ILE D 1005 12.00 2.54 42.46
C ILE D 1005 13.27 3.16 43.06
N LEU D 1006 14.36 2.40 43.09
CA LEU D 1006 15.64 2.92 43.54
C LEU D 1006 16.07 4.11 42.71
N ALA D 1007 16.46 3.88 41.46
CA ALA D 1007 16.96 4.94 40.59
C ALA D 1007 16.03 6.15 40.50
N ARG D 1008 14.73 5.89 40.53
CA ARG D 1008 13.75 6.95 40.57
C ARG D 1008 13.99 7.77 41.82
N SER D 1009 14.13 7.07 42.95
CA SER D 1009 14.38 7.75 44.21
C SER D 1009 15.69 8.56 44.21
N ARG D 1010 16.76 8.00 43.65
CA ARG D 1010 18.02 8.71 43.55
C ARG D 1010 17.86 10.01 42.75
N PHE D 1011 17.02 9.92 41.71
CA PHE D 1011 16.70 11.08 40.87
C PHE D 1011 15.97 12.16 41.66
N ASP D 1012 14.92 11.74 42.35
CA ASP D 1012 14.09 12.67 43.09
C ASP D 1012 14.89 13.35 44.18
N LYS D 1013 15.71 12.56 44.88
CA LYS D 1013 16.61 13.12 45.89
C LYS D 1013 17.51 14.17 45.24
N GLU D 1014 18.42 13.75 44.36
CA GLU D 1014 19.34 14.69 43.71
C GLU D 1014 18.66 16.00 43.28
N LYS D 1015 17.45 15.90 42.75
CA LYS D 1015 16.72 17.11 42.37
C LYS D 1015 16.37 17.92 43.61
N ALA D 1016 15.75 17.28 44.59
CA ALA D 1016 15.36 17.96 45.83
C ALA D 1016 16.53 18.68 46.48
N GLU D 1017 17.70 18.08 46.36
CA GLU D 1017 18.91 18.62 46.94
C GLU D 1017 19.40 19.82 46.17
N LYS D 1018 19.57 19.72 44.86
CA LYS D 1018 19.94 20.92 44.08
C LYS D 1018 19.00 22.10 44.40
N ARG D 1019 17.71 21.79 44.54
CA ARG D 1019 16.73 22.81 44.95
C ARG D 1019 17.12 23.38 46.30
N LEU D 1020 17.08 22.52 47.32
CA LEU D 1020 17.47 22.86 48.68
C LEU D 1020 18.67 23.80 48.77
N HIS D 1021 19.79 23.35 48.24
CA HIS D 1021 20.98 24.15 48.04
C HIS D 1021 20.62 25.54 47.49
N ILE D 1022 19.90 25.58 46.37
CA ILE D 1022 19.52 26.88 45.78
C ILE D 1022 18.70 27.80 46.71
N VAL D 1023 17.78 27.22 47.48
CA VAL D 1023 16.91 27.97 48.39
C VAL D 1023 17.66 28.52 49.60
N GLU D 1024 18.56 27.70 50.14
CA GLU D 1024 19.44 28.15 51.22
C GLU D 1024 20.24 29.35 50.72
N GLY D 1025 20.78 29.21 49.50
CA GLY D 1025 21.45 30.32 48.83
C GLY D 1025 20.58 31.56 48.72
N LEU D 1026 19.33 31.37 48.29
CA LEU D 1026 18.36 32.46 48.11
C LEU D 1026 18.09 33.23 49.42
N ILE D 1027 17.84 32.48 50.50
CA ILE D 1027 17.70 33.04 51.86
C ILE D 1027 18.90 33.90 52.26
N ARG D 1028 20.10 33.33 52.15
CA ARG D 1028 21.31 34.11 52.38
C ARG D 1028 21.37 35.37 51.50
N VAL D 1029 20.91 35.29 50.27
CA VAL D 1029 20.89 36.47 49.38
C VAL D 1029 19.92 37.54 49.86
N ILE D 1030 18.83 37.13 50.49
CA ILE D 1030 17.88 38.09 51.04
C ILE D 1030 18.49 38.79 52.25
N SER D 1031 19.25 38.03 53.06
CA SER D 1031 19.98 38.60 54.20
C SER D 1031 20.86 39.78 53.79
N ILE D 1032 21.91 39.50 53.03
CA ILE D 1032 22.78 40.54 52.47
C ILE D 1032 22.28 41.09 51.12
N LEU D 1033 21.00 41.47 51.03
CA LEU D 1033 20.30 41.72 49.75
C LEU D 1033 20.66 43.01 48.98
N ASP D 1034 20.91 44.09 49.71
CA ASP D 1034 21.06 45.43 49.13
C ASP D 1034 22.38 45.65 48.37
N GLU D 1035 23.41 44.91 48.76
CA GLU D 1035 24.71 45.01 48.10
C GLU D 1035 24.96 43.89 47.10
N VAL D 1036 24.06 42.91 47.05
CA VAL D 1036 24.08 41.94 45.96
C VAL D 1036 23.93 42.76 44.68
N ILE D 1037 22.83 43.52 44.64
CA ILE D 1037 22.52 44.41 43.52
C ILE D 1037 23.75 45.21 43.14
N ALA D 1038 24.15 46.11 44.03
CA ALA D 1038 25.32 46.96 43.85
C ALA D 1038 26.62 46.26 43.42
N LEU D 1039 26.90 45.06 43.94
CA LEU D 1039 28.09 44.31 43.56
C LEU D 1039 28.00 43.87 42.10
N ILE D 1040 26.81 43.41 41.71
CA ILE D 1040 26.61 43.11 40.31
C ILE D 1040 26.75 44.42 39.48
N ARG D 1041 26.09 45.48 39.94
CA ARG D 1041 25.89 46.73 39.19
C ARG D 1041 27.16 47.37 38.59
N ALA D 1042 28.28 47.20 39.28
CA ALA D 1042 29.57 47.52 38.71
C ALA D 1042 30.38 46.25 38.84
N SER D 1043 30.23 45.35 37.87
CA SER D 1043 31.02 44.14 37.89
C SER D 1043 31.34 43.65 36.49
N GLU D 1044 31.54 44.58 35.55
CA GLU D 1044 31.99 44.25 34.20
C GLU D 1044 31.03 43.39 33.34
N ASN D 1045 30.59 42.24 33.87
CA ASN D 1045 29.72 41.33 33.10
C ASN D 1045 29.08 40.24 33.94
N LYS D 1046 28.24 39.40 33.31
CA LYS D 1046 27.57 38.29 33.99
C LYS D 1046 28.60 37.40 34.67
N ALA D 1047 29.64 37.05 33.91
CA ALA D 1047 30.70 36.17 34.38
C ALA D 1047 31.37 36.74 35.62
N ASP D 1048 31.96 37.92 35.49
CA ASP D 1048 32.61 38.57 36.60
C ASP D 1048 31.61 38.92 37.70
N ALA D 1049 30.31 38.92 37.39
CA ALA D 1049 29.32 39.15 38.43
C ALA D 1049 29.25 37.91 39.31
N LYS D 1050 29.28 36.76 38.66
CA LYS D 1050 29.27 35.49 39.38
C LYS D 1050 30.58 35.31 40.15
N GLU D 1051 31.70 35.56 39.48
CA GLU D 1051 33.02 35.52 40.12
C GLU D 1051 33.06 36.42 41.34
N ASN D 1052 32.53 37.63 41.21
CA ASN D 1052 32.51 38.58 42.31
C ASN D 1052 31.58 38.15 43.44
N LEU D 1053 30.51 37.43 43.10
CA LEU D 1053 29.66 36.91 44.15
C LEU D 1053 30.36 35.80 44.94
N LYS D 1054 31.06 34.92 44.23
CA LYS D 1054 31.82 33.85 44.88
C LYS D 1054 32.96 34.44 45.71
N VAL D 1055 33.98 34.97 45.03
CA VAL D 1055 35.15 35.53 45.71
C VAL D 1055 34.83 36.73 46.56
N SER D 1056 33.81 36.62 47.40
CA SER D 1056 33.42 37.72 48.29
C SER D 1056 32.30 37.27 49.22
N TYR D 1057 31.52 36.27 48.81
CA TYR D 1057 30.41 35.85 49.66
C TYR D 1057 30.27 34.33 49.80
N ASP D 1058 31.35 33.62 49.50
CA ASP D 1058 31.39 32.16 49.65
C ASP D 1058 30.16 31.46 49.04
N PHE D 1059 29.59 32.04 47.99
CA PHE D 1059 28.47 31.43 47.31
C PHE D 1059 28.95 30.24 46.49
N THR D 1060 28.01 29.40 46.08
CA THR D 1060 28.30 28.29 45.17
C THR D 1060 27.84 28.66 43.75
N GLU D 1061 28.44 28.06 42.73
CA GLU D 1061 28.10 28.40 41.34
C GLU D 1061 26.62 28.19 41.02
N GLU D 1062 26.01 27.20 41.66
CA GLU D 1062 24.58 26.92 41.51
C GLU D 1062 23.76 28.10 42.01
N GLN D 1063 23.98 28.46 43.27
CA GLN D 1063 23.37 29.63 43.86
C GLN D 1063 23.72 30.90 43.10
N ALA D 1064 24.91 30.93 42.48
CA ALA D 1064 25.39 32.11 41.73
C ALA D 1064 24.59 32.35 40.46
N GLU D 1065 24.64 31.39 39.54
CA GLU D 1065 23.84 31.48 38.33
C GLU D 1065 22.37 31.65 38.68
N ALA D 1066 21.94 31.06 39.80
CA ALA D 1066 20.55 31.24 40.23
C ALA D 1066 20.26 32.71 40.54
N ILE D 1067 21.12 33.32 41.37
CA ILE D 1067 20.93 34.71 41.79
C ILE D 1067 21.00 35.65 40.59
N VAL D 1068 22.17 35.70 39.97
CA VAL D 1068 22.50 36.72 38.96
C VAL D 1068 21.55 36.72 37.75
N THR D 1069 20.80 35.63 37.57
CA THR D 1069 19.82 35.54 36.48
C THR D 1069 18.44 35.48 37.06
N LEU D 1070 18.24 36.23 38.14
CA LEU D 1070 16.90 36.44 38.68
C LEU D 1070 16.20 37.51 37.87
N GLN D 1071 14.91 37.30 37.67
CA GLN D 1071 14.08 38.32 37.05
C GLN D 1071 13.88 39.47 38.03
N LEU D 1072 13.90 40.69 37.49
CA LEU D 1072 13.81 41.90 38.30
C LEU D 1072 12.53 42.00 39.10
N TYR D 1073 11.41 41.57 38.50
CA TYR D 1073 10.11 41.65 39.14
C TYR D 1073 10.00 40.70 40.32
N ARG D 1074 11.05 39.91 40.53
CA ARG D 1074 11.06 38.95 41.63
C ARG D 1074 11.76 39.56 42.84
N LEU D 1075 12.37 40.74 42.66
CA LEU D 1075 12.94 41.44 43.81
C LEU D 1075 11.75 42.05 44.57
N THR D 1076 10.56 41.90 44.02
CA THR D 1076 9.33 42.15 44.76
C THR D 1076 9.21 41.17 45.92
N ASN D 1077 9.15 39.88 45.58
CA ASN D 1077 9.02 38.83 46.58
C ASN D 1077 10.31 38.62 47.39
N THR D 1078 10.34 39.20 48.59
CA THR D 1078 11.50 39.10 49.47
C THR D 1078 11.18 38.26 50.70
N ASP D 1079 10.10 37.48 50.62
CA ASP D 1079 9.56 36.78 51.78
C ASP D 1079 10.41 35.60 52.25
N VAL D 1080 11.16 35.81 53.34
CA VAL D 1080 12.12 34.81 53.83
C VAL D 1080 11.49 33.58 54.47
N VAL D 1081 10.53 33.79 55.37
CA VAL D 1081 9.84 32.68 56.02
C VAL D 1081 9.27 31.63 55.02
N VAL D 1082 8.80 32.10 53.86
CA VAL D 1082 8.30 31.23 52.79
C VAL D 1082 9.36 30.26 52.22
N LEU D 1083 10.49 30.85 51.81
CA LEU D 1083 11.66 30.09 51.37
C LEU D 1083 12.14 29.10 52.46
N GLN D 1084 12.01 29.51 53.72
CA GLN D 1084 12.32 28.64 54.87
C GLN D 1084 11.38 27.43 54.99
N GLU D 1085 10.09 27.67 54.69
CA GLU D 1085 9.08 26.61 54.63
C GLU D 1085 9.40 25.60 53.50
N GLU D 1086 9.76 26.13 52.33
CA GLU D 1086 10.21 25.26 51.25
C GLU D 1086 11.34 24.39 51.75
N GLU D 1087 12.31 25.04 52.41
CA GLU D 1087 13.47 24.35 52.96
C GLU D 1087 13.07 23.17 53.84
N ALA D 1088 12.06 23.41 54.68
CA ALA D 1088 11.45 22.34 55.49
C ALA D 1088 10.99 21.14 54.65
N GLU D 1089 10.06 21.40 53.73
CA GLU D 1089 9.53 20.32 52.89
C GLU D 1089 10.65 19.52 52.18
N LEU D 1090 11.58 20.23 51.56
CA LEU D 1090 12.72 19.59 50.89
C LEU D 1090 13.47 18.65 51.84
N ARG D 1091 13.82 19.15 53.02
CA ARG D 1091 14.50 18.30 54.00
C ARG D 1091 13.70 17.00 54.28
N GLU D 1092 12.40 17.11 54.51
CA GLU D 1092 11.59 15.91 54.78
C GLU D 1092 11.62 14.91 53.61
N LYS D 1093 11.52 15.45 52.40
CA LYS D 1093 11.56 14.62 51.20
C LYS D 1093 12.88 13.89 51.05
N ILE D 1094 13.98 14.63 51.18
CA ILE D 1094 15.31 14.06 51.06
C ILE D 1094 15.50 12.94 52.09
N ALA D 1095 14.96 13.15 53.29
CA ALA D 1095 14.90 12.11 54.31
C ALA D 1095 14.25 10.86 53.75
N MET D 1096 12.92 10.92 53.55
CA MET D 1096 12.13 9.80 53.01
C MET D 1096 12.86 9.03 51.89
N LEU D 1097 13.33 9.78 50.90
CA LEU D 1097 14.02 9.22 49.75
C LEU D 1097 15.27 8.43 50.15
N ALA D 1098 16.07 9.00 51.04
CA ALA D 1098 17.27 8.29 51.46
C ALA D 1098 16.87 7.03 52.21
N ALA D 1099 15.76 7.10 52.94
CA ALA D 1099 15.21 5.93 53.61
C ALA D 1099 14.94 4.80 52.62
N ILE D 1100 14.19 5.11 51.57
CA ILE D 1100 13.95 4.14 50.49
C ILE D 1100 15.25 3.54 49.94
N ILE D 1101 16.28 4.38 49.74
CA ILE D 1101 17.49 3.87 49.12
C ILE D 1101 18.32 3.00 50.05
N GLY D 1102 18.24 3.28 51.35
CA GLY D 1102 19.00 2.55 52.35
C GLY D 1102 18.28 1.38 53.01
N ASP D 1103 16.97 1.52 53.19
CA ASP D 1103 16.19 0.44 53.79
C ASP D 1103 15.52 -0.45 52.75
N GLU D 1104 16.16 -1.58 52.45
CA GLU D 1104 15.63 -2.57 51.50
C GLU D 1104 14.43 -3.29 52.13
N ARG D 1105 13.49 -2.52 52.63
CA ARG D 1105 12.31 -3.07 53.29
C ARG D 1105 11.30 -1.96 53.30
N THR D 1106 11.80 -0.74 53.39
CA THR D 1106 10.97 0.43 53.16
C THR D 1106 10.63 0.44 51.69
N MET D 1107 11.64 0.20 50.87
CA MET D 1107 11.48 0.16 49.42
C MET D 1107 10.44 -0.89 49.03
N TYR D 1108 10.62 -2.14 49.46
CA TYR D 1108 9.67 -3.20 49.12
C TYR D 1108 8.25 -2.93 49.62
N ASN D 1109 8.14 -2.25 50.75
CA ASN D 1109 6.84 -1.87 51.29
C ASN D 1109 6.15 -0.81 50.41
N LEU D 1110 6.96 0.11 49.89
CA LEU D 1110 6.51 1.07 48.90
C LEU D 1110 6.02 0.31 47.67
N MET D 1111 6.82 -0.67 47.25
CA MET D 1111 6.54 -1.43 46.06
C MET D 1111 5.17 -2.02 46.21
N LYS D 1112 4.92 -2.62 47.37
CA LYS D 1112 3.61 -3.18 47.65
C LYS D 1112 2.54 -2.11 47.58
N LYS D 1113 2.86 -0.93 48.11
CA LYS D 1113 1.92 0.18 48.21
C LYS D 1113 1.42 0.60 46.84
N GLU D 1114 2.38 0.84 45.94
CA GLU D 1114 2.11 1.31 44.61
C GLU D 1114 1.44 0.22 43.78
N LEU D 1115 1.85 -1.03 43.99
CA LEU D 1115 1.15 -2.13 43.33
C LEU D 1115 -0.34 -2.22 43.71
N ARG D 1116 -0.64 -2.16 45.00
CA ARG D 1116 -2.05 -2.21 45.43
C ARG D 1116 -2.84 -0.98 44.97
N GLU D 1117 -2.17 0.18 44.93
CA GLU D 1117 -2.74 1.40 44.35
C GLU D 1117 -3.25 1.08 42.96
N VAL D 1118 -2.35 0.59 42.10
CA VAL D 1118 -2.71 0.16 40.74
C VAL D 1118 -3.89 -0.82 40.73
N LYS D 1119 -3.85 -1.82 41.59
CA LYS D 1119 -5.00 -2.73 41.76
C LYS D 1119 -6.35 -2.00 42.01
N LYS D 1120 -6.43 -1.10 43.00
CA LYS D 1120 -7.68 -0.37 43.22
C LYS D 1120 -8.04 0.46 42.01
N LYS D 1121 -7.04 1.05 41.35
CA LYS D 1121 -7.38 1.87 40.19
C LYS D 1121 -7.96 1.07 39.04
N PHE D 1122 -7.46 -0.14 38.77
CA PHE D 1122 -7.80 -0.79 37.49
C PHE D 1122 -8.43 -2.17 37.48
N ALA D 1123 -8.57 -2.81 38.64
CA ALA D 1123 -8.97 -4.21 38.66
C ALA D 1123 -10.38 -4.42 38.13
N THR D 1124 -10.50 -5.35 37.21
CA THR D 1124 -11.80 -5.70 36.67
C THR D 1124 -12.01 -7.16 37.02
N PRO D 1125 -13.28 -7.64 37.03
CA PRO D 1125 -13.59 -9.02 37.39
C PRO D 1125 -13.08 -10.06 36.42
N ARG D 1126 -13.19 -11.32 36.84
CA ARG D 1126 -12.70 -12.44 36.06
C ARG D 1126 -13.63 -12.70 34.88
N LEU D 1127 -13.14 -13.39 33.86
CA LEU D 1127 -13.96 -13.58 32.65
C LEU D 1127 -13.97 -15.00 32.12
N SER D 1128 -12.80 -15.61 32.05
CA SER D 1128 -12.71 -17.01 31.70
C SER D 1128 -12.88 -17.76 33.00
N SER D 1129 -13.83 -18.68 33.05
CA SER D 1129 -14.06 -19.42 34.29
C SER D 1129 -13.21 -20.68 34.33
N LEU D 1130 -12.85 -21.10 35.54
CA LEU D 1130 -11.98 -22.26 35.66
C LEU D 1130 -12.68 -23.54 36.16
N GLU D 1131 -12.48 -24.63 35.41
CA GLU D 1131 -12.96 -25.96 35.78
C GLU D 1131 -11.80 -26.95 35.68
N ASP D 1132 -11.72 -27.93 36.58
CA ASP D 1132 -10.63 -28.92 36.52
C ASP D 1132 -11.12 -30.31 36.12
#